data_5D2S
# 
_entry.id   5D2S 
# 
_audit_conform.dict_name       mmcif_pdbx.dic 
_audit_conform.dict_version    5.387 
_audit_conform.dict_location   http://mmcif.pdb.org/dictionaries/ascii/mmcif_pdbx.dic 
# 
loop_
_database_2.database_id 
_database_2.database_code 
_database_2.pdbx_database_accession 
_database_2.pdbx_DOI 
PDB   5D2S         pdb_00005d2s 10.2210/pdb5d2s/pdb 
WWPDB D_1000212552 ?            ?                   
# 
loop_
_pdbx_audit_revision_history.ordinal 
_pdbx_audit_revision_history.data_content_type 
_pdbx_audit_revision_history.major_revision 
_pdbx_audit_revision_history.minor_revision 
_pdbx_audit_revision_history.revision_date 
1 'Structure model' 1 0 2016-03-23 
2 'Structure model' 1 1 2024-03-20 
# 
_pdbx_audit_revision_details.ordinal             1 
_pdbx_audit_revision_details.revision_ordinal    1 
_pdbx_audit_revision_details.data_content_type   'Structure model' 
_pdbx_audit_revision_details.provider            repository 
_pdbx_audit_revision_details.type                'Initial release' 
_pdbx_audit_revision_details.description         ? 
_pdbx_audit_revision_details.details             ? 
# 
loop_
_pdbx_audit_revision_group.ordinal 
_pdbx_audit_revision_group.revision_ordinal 
_pdbx_audit_revision_group.data_content_type 
_pdbx_audit_revision_group.group 
1 2 'Structure model' 'Data collection'      
2 2 'Structure model' 'Database references'  
3 2 'Structure model' 'Derived calculations' 
# 
loop_
_pdbx_audit_revision_category.ordinal 
_pdbx_audit_revision_category.revision_ordinal 
_pdbx_audit_revision_category.data_content_type 
_pdbx_audit_revision_category.category 
1 2 'Structure model' chem_comp_atom        
2 2 'Structure model' chem_comp_bond        
3 2 'Structure model' citation              
4 2 'Structure model' database_2            
5 2 'Structure model' pdbx_struct_oper_list 
# 
loop_
_pdbx_audit_revision_item.ordinal 
_pdbx_audit_revision_item.revision_ordinal 
_pdbx_audit_revision_item.data_content_type 
_pdbx_audit_revision_item.item 
1 2 'Structure model' '_citation.journal_id_CSD'                  
2 2 'Structure model' '_database_2.pdbx_DOI'                      
3 2 'Structure model' '_database_2.pdbx_database_accession'       
4 2 'Structure model' '_pdbx_struct_oper_list.symmetry_operation' 
# 
_pdbx_database_status.status_code                     REL 
_pdbx_database_status.status_code_sf                  REL 
_pdbx_database_status.status_code_mr                  ? 
_pdbx_database_status.entry_id                        5D2S 
_pdbx_database_status.recvd_initial_deposition_date   2015-08-06 
_pdbx_database_status.SG_entry                        N 
_pdbx_database_status.deposit_site                    RCSB 
_pdbx_database_status.process_site                    PDBJ 
_pdbx_database_status.status_code_cs                  ? 
_pdbx_database_status.methods_development_category    ? 
_pdbx_database_status.pdb_format_compatible           Y 
_pdbx_database_status.status_code_nmr_data            ? 
# 
loop_
_pdbx_database_related.content_type 
_pdbx_database_related.db_id 
_pdbx_database_related.db_name 
_pdbx_database_related.details 
unspecified 5D23 PDB . 
unspecified 5D2Q PDB . 
# 
_audit_author.name           'Cheng, W.' 
_audit_author.pdbx_ordinal   1 
# 
_citation.abstract                  ? 
_citation.abstract_id_CAS           ? 
_citation.book_id_ISBN              ? 
_citation.book_publisher            ? 
_citation.book_publisher_city       ? 
_citation.book_title                ? 
_citation.coordinate_linkage        ? 
_citation.country                   UK 
_citation.database_id_Medline       ? 
_citation.details                   ? 
_citation.id                        primary 
_citation.journal_abbrev            'Nucleic Acids Res.' 
_citation.journal_id_ASTM           NARHAD 
_citation.journal_id_CSD            0389 
_citation.journal_id_ISSN           1362-4962 
_citation.journal_full              ? 
_citation.journal_issue             ? 
_citation.journal_volume            ? 
_citation.language                  ? 
_citation.page_first                ? 
_citation.page_last                 ? 
_citation.title                     'Structures of an all-alpha protein running along the DNA major groove.' 
_citation.year                      2016 
_citation.database_id_CSD           ? 
_citation.pdbx_database_id_DOI      10.1093/nar/gkw133 
_citation.pdbx_database_id_PubMed   26939889 
_citation.unpublished_flag          ? 
# 
loop_
_citation_author.citation_id 
_citation_author.name 
_citation_author.ordinal 
_citation_author.identifier_ORCID 
primary 'Yu, L.Y.'   1  ? 
primary 'Cheng, W.'  2  ? 
primary 'Zhou, K.'   3  ? 
primary 'Li, W.F.'   4  ? 
primary 'Yu, H.M.'   5  ? 
primary 'Gao, X.'    6  ? 
primary 'Shen, X.'   7  ? 
primary 'Wu, Q.'     8  ? 
primary 'Chen, Y.'   9  ? 
primary 'Zhou, C.Z.' 10 ? 
# 
loop_
_entity.id 
_entity.type 
_entity.src_method 
_entity.pdbx_description 
_entity.formula_weight 
_entity.pdbx_number_of_molecules 
_entity.pdbx_ec 
_entity.pdbx_mutation 
_entity.pdbx_fragment 
_entity.details 
1 polymer man 'Fibroin-modulator-binding protein-1' 11813.495 1  ? ? 'UNP RESIDUES 99-193' ? 
2 polymer syn 'DNA (36-MER)'                        11073.174 1  ? ? ?                     ? 
3 water   nat water                                 18.015    72 ? ? ?                     ? 
# 
_entity_name_com.entity_id   1 
_entity_name_com.name        'Uncharacterized protein' 
# 
loop_
_entity_poly.entity_id 
_entity_poly.type 
_entity_poly.nstd_linkage 
_entity_poly.nstd_monomer 
_entity_poly.pdbx_seq_one_letter_code 
_entity_poly.pdbx_seq_one_letter_code_can 
_entity_poly.pdbx_strand_id 
_entity_poly.pdbx_target_identifier 
1 'polypeptide(L)'        no no 
;MHHHHHHETSEERAARLAKMSAYAAQRLANESPEQRATRLKRMSEYAAKRLSSETREQRAIRLARMSAYAARRLANETPA
QRQARLLRMSAYAAKRQASKKS
;
;MHHHHHHETSEERAARLAKMSAYAAQRLANESPEQRATRLKRMSEYAAKRLSSETREQRAIRLARMSAYAARRLANETPA
QRQARLLRMSAYAAKRQASKKS
;
A ? 
2 polydeoxyribonucleotide no no 
;(DT)(DG)(DT)(DA)(DT)(DG)(DT)(DA)(DT)(DG)(DT)(DA)(DT)(DG)(DT)(DA)(DT)(DG)(DC)(DA)
(DT)(DA)(DC)(DA)(DT)(DA)(DC)(DA)(DT)(DA)(DC)(DA)(DT)(DA)(DC)(DA)
;
TGTATGTATGTATGTATGCATACATACATACATACA                                                                      B ? 
# 
_pdbx_entity_nonpoly.entity_id   3 
_pdbx_entity_nonpoly.name        water 
_pdbx_entity_nonpoly.comp_id     HOH 
# 
loop_
_entity_poly_seq.entity_id 
_entity_poly_seq.num 
_entity_poly_seq.mon_id 
_entity_poly_seq.hetero 
1 1   MET n 
1 2   HIS n 
1 3   HIS n 
1 4   HIS n 
1 5   HIS n 
1 6   HIS n 
1 7   HIS n 
1 8   GLU n 
1 9   THR n 
1 10  SER n 
1 11  GLU n 
1 12  GLU n 
1 13  ARG n 
1 14  ALA n 
1 15  ALA n 
1 16  ARG n 
1 17  LEU n 
1 18  ALA n 
1 19  LYS n 
1 20  MET n 
1 21  SER n 
1 22  ALA n 
1 23  TYR n 
1 24  ALA n 
1 25  ALA n 
1 26  GLN n 
1 27  ARG n 
1 28  LEU n 
1 29  ALA n 
1 30  ASN n 
1 31  GLU n 
1 32  SER n 
1 33  PRO n 
1 34  GLU n 
1 35  GLN n 
1 36  ARG n 
1 37  ALA n 
1 38  THR n 
1 39  ARG n 
1 40  LEU n 
1 41  LYS n 
1 42  ARG n 
1 43  MET n 
1 44  SER n 
1 45  GLU n 
1 46  TYR n 
1 47  ALA n 
1 48  ALA n 
1 49  LYS n 
1 50  ARG n 
1 51  LEU n 
1 52  SER n 
1 53  SER n 
1 54  GLU n 
1 55  THR n 
1 56  ARG n 
1 57  GLU n 
1 58  GLN n 
1 59  ARG n 
1 60  ALA n 
1 61  ILE n 
1 62  ARG n 
1 63  LEU n 
1 64  ALA n 
1 65  ARG n 
1 66  MET n 
1 67  SER n 
1 68  ALA n 
1 69  TYR n 
1 70  ALA n 
1 71  ALA n 
1 72  ARG n 
1 73  ARG n 
1 74  LEU n 
1 75  ALA n 
1 76  ASN n 
1 77  GLU n 
1 78  THR n 
1 79  PRO n 
1 80  ALA n 
1 81  GLN n 
1 82  ARG n 
1 83  GLN n 
1 84  ALA n 
1 85  ARG n 
1 86  LEU n 
1 87  LEU n 
1 88  ARG n 
1 89  MET n 
1 90  SER n 
1 91  ALA n 
1 92  TYR n 
1 93  ALA n 
1 94  ALA n 
1 95  LYS n 
1 96  ARG n 
1 97  GLN n 
1 98  ALA n 
1 99  SER n 
1 100 LYS n 
1 101 LYS n 
1 102 SER n 
2 1   DT  n 
2 2   DG  n 
2 3   DT  n 
2 4   DA  n 
2 5   DT  n 
2 6   DG  n 
2 7   DT  n 
2 8   DA  n 
2 9   DT  n 
2 10  DG  n 
2 11  DT  n 
2 12  DA  n 
2 13  DT  n 
2 14  DG  n 
2 15  DT  n 
2 16  DA  n 
2 17  DT  n 
2 18  DG  n 
2 19  DC  n 
2 20  DA  n 
2 21  DT  n 
2 22  DA  n 
2 23  DC  n 
2 24  DA  n 
2 25  DT  n 
2 26  DA  n 
2 27  DC  n 
2 28  DA  n 
2 29  DT  n 
2 30  DA  n 
2 31  DC  n 
2 32  DA  n 
2 33  DT  n 
2 34  DA  n 
2 35  DC  n 
2 36  DA  n 
# 
_entity_src_gen.entity_id                          1 
_entity_src_gen.pdbx_src_id                        1 
_entity_src_gen.pdbx_alt_source_flag               sample 
_entity_src_gen.pdbx_seq_type                      'Biological sequence' 
_entity_src_gen.pdbx_beg_seq_num                   1 
_entity_src_gen.pdbx_end_seq_num                   102 
_entity_src_gen.gene_src_common_name               'Silk moth' 
_entity_src_gen.gene_src_genus                     ? 
_entity_src_gen.pdbx_gene_src_gene                 'fmbp-1, Fmbp-1' 
_entity_src_gen.gene_src_species                   ? 
_entity_src_gen.gene_src_strain                    ? 
_entity_src_gen.gene_src_tissue                    ? 
_entity_src_gen.gene_src_tissue_fraction           ? 
_entity_src_gen.gene_src_details                   ? 
_entity_src_gen.pdbx_gene_src_fragment             ? 
_entity_src_gen.pdbx_gene_src_scientific_name      'Bombyx mori' 
_entity_src_gen.pdbx_gene_src_ncbi_taxonomy_id     7091 
_entity_src_gen.pdbx_gene_src_variant              ? 
_entity_src_gen.pdbx_gene_src_cell_line            ? 
_entity_src_gen.pdbx_gene_src_atcc                 ? 
_entity_src_gen.pdbx_gene_src_organ                ? 
_entity_src_gen.pdbx_gene_src_organelle            ? 
_entity_src_gen.pdbx_gene_src_cell                 ? 
_entity_src_gen.pdbx_gene_src_cellular_location    ? 
_entity_src_gen.host_org_common_name               ? 
_entity_src_gen.pdbx_host_org_scientific_name      'Escherichia coli' 
_entity_src_gen.pdbx_host_org_ncbi_taxonomy_id     562 
_entity_src_gen.host_org_genus                     ? 
_entity_src_gen.pdbx_host_org_gene                 ? 
_entity_src_gen.pdbx_host_org_organ                ? 
_entity_src_gen.host_org_species                   ? 
_entity_src_gen.pdbx_host_org_tissue               ? 
_entity_src_gen.pdbx_host_org_tissue_fraction      ? 
_entity_src_gen.pdbx_host_org_strain               ? 
_entity_src_gen.pdbx_host_org_variant              ? 
_entity_src_gen.pdbx_host_org_cell_line            ? 
_entity_src_gen.pdbx_host_org_atcc                 ? 
_entity_src_gen.pdbx_host_org_culture_collection   ? 
_entity_src_gen.pdbx_host_org_cell                 ? 
_entity_src_gen.pdbx_host_org_organelle            ? 
_entity_src_gen.pdbx_host_org_cellular_location    ? 
_entity_src_gen.pdbx_host_org_vector_type          ? 
_entity_src_gen.pdbx_host_org_vector               ? 
_entity_src_gen.host_org_details                   ? 
_entity_src_gen.expression_system_id               ? 
_entity_src_gen.plasmid_name                       ? 
_entity_src_gen.plasmid_details                    ? 
_entity_src_gen.pdbx_description                   ? 
# 
_pdbx_entity_src_syn.entity_id              2 
_pdbx_entity_src_syn.pdbx_src_id            1 
_pdbx_entity_src_syn.pdbx_alt_source_flag   sample 
_pdbx_entity_src_syn.pdbx_beg_seq_num       1 
_pdbx_entity_src_syn.pdbx_end_seq_num       36 
_pdbx_entity_src_syn.organism_scientific    'synthetic construct' 
_pdbx_entity_src_syn.organism_common_name   ? 
_pdbx_entity_src_syn.ncbi_taxonomy_id       32630 
_pdbx_entity_src_syn.details                ? 
# 
loop_
_chem_comp.id 
_chem_comp.type 
_chem_comp.mon_nstd_flag 
_chem_comp.name 
_chem_comp.pdbx_synonyms 
_chem_comp.formula 
_chem_comp.formula_weight 
ALA 'L-peptide linking' y ALANINE                              ? 'C3 H7 N O2'      89.093  
ARG 'L-peptide linking' y ARGININE                             ? 'C6 H15 N4 O2 1'  175.209 
ASN 'L-peptide linking' y ASPARAGINE                           ? 'C4 H8 N2 O3'     132.118 
DA  'DNA linking'       y "2'-DEOXYADENOSINE-5'-MONOPHOSPHATE" ? 'C10 H14 N5 O6 P' 331.222 
DC  'DNA linking'       y "2'-DEOXYCYTIDINE-5'-MONOPHOSPHATE"  ? 'C9 H14 N3 O7 P'  307.197 
DG  'DNA linking'       y "2'-DEOXYGUANOSINE-5'-MONOPHOSPHATE" ? 'C10 H14 N5 O7 P' 347.221 
DT  'DNA linking'       y "THYMIDINE-5'-MONOPHOSPHATE"         ? 'C10 H15 N2 O8 P' 322.208 
GLN 'L-peptide linking' y GLUTAMINE                            ? 'C5 H10 N2 O3'    146.144 
GLU 'L-peptide linking' y 'GLUTAMIC ACID'                      ? 'C5 H9 N O4'      147.129 
HIS 'L-peptide linking' y HISTIDINE                            ? 'C6 H10 N3 O2 1'  156.162 
HOH non-polymer         . WATER                                ? 'H2 O'            18.015  
ILE 'L-peptide linking' y ISOLEUCINE                           ? 'C6 H13 N O2'     131.173 
LEU 'L-peptide linking' y LEUCINE                              ? 'C6 H13 N O2'     131.173 
LYS 'L-peptide linking' y LYSINE                               ? 'C6 H15 N2 O2 1'  147.195 
MET 'L-peptide linking' y METHIONINE                           ? 'C5 H11 N O2 S'   149.211 
PRO 'L-peptide linking' y PROLINE                              ? 'C5 H9 N O2'      115.130 
SER 'L-peptide linking' y SERINE                               ? 'C3 H7 N O3'      105.093 
THR 'L-peptide linking' y THREONINE                            ? 'C4 H9 N O3'      119.119 
TYR 'L-peptide linking' y TYROSINE                             ? 'C9 H11 N O3'     181.189 
# 
loop_
_pdbx_poly_seq_scheme.asym_id 
_pdbx_poly_seq_scheme.entity_id 
_pdbx_poly_seq_scheme.seq_id 
_pdbx_poly_seq_scheme.mon_id 
_pdbx_poly_seq_scheme.ndb_seq_num 
_pdbx_poly_seq_scheme.pdb_seq_num 
_pdbx_poly_seq_scheme.auth_seq_num 
_pdbx_poly_seq_scheme.pdb_mon_id 
_pdbx_poly_seq_scheme.auth_mon_id 
_pdbx_poly_seq_scheme.pdb_strand_id 
_pdbx_poly_seq_scheme.pdb_ins_code 
_pdbx_poly_seq_scheme.hetero 
A 1 1   MET 1   92  ?   ?   ?   A . n 
A 1 2   HIS 2   93  ?   ?   ?   A . n 
A 1 3   HIS 3   94  ?   ?   ?   A . n 
A 1 4   HIS 4   95  ?   ?   ?   A . n 
A 1 5   HIS 5   96  ?   ?   ?   A . n 
A 1 6   HIS 6   97  ?   ?   ?   A . n 
A 1 7   HIS 7   98  ?   ?   ?   A . n 
A 1 8   GLU 8   99  99  GLU GLU A . n 
A 1 9   THR 9   100 100 THR THR A . n 
A 1 10  SER 10  101 101 SER SER A . n 
A 1 11  GLU 11  102 102 GLU GLU A . n 
A 1 12  GLU 12  103 103 GLU GLU A . n 
A 1 13  ARG 13  104 104 ARG ARG A . n 
A 1 14  ALA 14  105 105 ALA ALA A . n 
A 1 15  ALA 15  106 106 ALA ALA A . n 
A 1 16  ARG 16  107 107 ARG ARG A . n 
A 1 17  LEU 17  108 108 LEU LEU A . n 
A 1 18  ALA 18  109 109 ALA ALA A . n 
A 1 19  LYS 19  110 110 LYS LYS A . n 
A 1 20  MET 20  111 111 MET MET A . n 
A 1 21  SER 21  112 112 SER SER A . n 
A 1 22  ALA 22  113 113 ALA ALA A . n 
A 1 23  TYR 23  114 114 TYR TYR A . n 
A 1 24  ALA 24  115 115 ALA ALA A . n 
A 1 25  ALA 25  116 116 ALA ALA A . n 
A 1 26  GLN 26  117 117 GLN GLN A . n 
A 1 27  ARG 27  118 118 ARG ARG A . n 
A 1 28  LEU 28  119 119 LEU LEU A . n 
A 1 29  ALA 29  120 120 ALA ALA A . n 
A 1 30  ASN 30  121 121 ASN ASN A . n 
A 1 31  GLU 31  122 122 GLU GLU A . n 
A 1 32  SER 32  123 123 SER SER A . n 
A 1 33  PRO 33  124 124 PRO PRO A . n 
A 1 34  GLU 34  125 125 GLU GLU A . n 
A 1 35  GLN 35  126 126 GLN GLN A . n 
A 1 36  ARG 36  127 127 ARG ARG A . n 
A 1 37  ALA 37  128 128 ALA ALA A . n 
A 1 38  THR 38  129 129 THR THR A . n 
A 1 39  ARG 39  130 130 ARG ARG A . n 
A 1 40  LEU 40  131 131 LEU LEU A . n 
A 1 41  LYS 41  132 132 LYS LYS A . n 
A 1 42  ARG 42  133 133 ARG ARG A . n 
A 1 43  MET 43  134 134 MET MET A . n 
A 1 44  SER 44  135 135 SER SER A . n 
A 1 45  GLU 45  136 136 GLU GLU A . n 
A 1 46  TYR 46  137 137 TYR TYR A . n 
A 1 47  ALA 47  138 138 ALA ALA A . n 
A 1 48  ALA 48  139 139 ALA ALA A . n 
A 1 49  LYS 49  140 140 LYS LYS A . n 
A 1 50  ARG 50  141 141 ARG ARG A . n 
A 1 51  LEU 51  142 142 LEU LEU A . n 
A 1 52  SER 52  143 143 SER SER A . n 
A 1 53  SER 53  144 144 SER SER A . n 
A 1 54  GLU 54  145 145 GLU GLU A . n 
A 1 55  THR 55  146 146 THR THR A . n 
A 1 56  ARG 56  147 147 ARG ARG A . n 
A 1 57  GLU 57  148 148 GLU GLU A . n 
A 1 58  GLN 58  149 149 GLN GLN A . n 
A 1 59  ARG 59  150 150 ARG ARG A . n 
A 1 60  ALA 60  151 151 ALA ALA A . n 
A 1 61  ILE 61  152 152 ILE ILE A . n 
A 1 62  ARG 62  153 153 ARG ARG A . n 
A 1 63  LEU 63  154 154 LEU LEU A . n 
A 1 64  ALA 64  155 155 ALA ALA A . n 
A 1 65  ARG 65  156 156 ARG ARG A . n 
A 1 66  MET 66  157 157 MET MET A . n 
A 1 67  SER 67  158 158 SER SER A . n 
A 1 68  ALA 68  159 159 ALA ALA A . n 
A 1 69  TYR 69  160 160 TYR TYR A . n 
A 1 70  ALA 70  161 161 ALA ALA A . n 
A 1 71  ALA 71  162 162 ALA ALA A . n 
A 1 72  ARG 72  163 163 ARG ARG A . n 
A 1 73  ARG 73  164 164 ARG ARG A . n 
A 1 74  LEU 74  165 165 LEU LEU A . n 
A 1 75  ALA 75  166 166 ALA ALA A . n 
A 1 76  ASN 76  167 167 ASN ASN A . n 
A 1 77  GLU 77  168 168 GLU GLU A . n 
A 1 78  THR 78  169 169 THR THR A . n 
A 1 79  PRO 79  170 170 PRO PRO A . n 
A 1 80  ALA 80  171 171 ALA ALA A . n 
A 1 81  GLN 81  172 172 GLN GLN A . n 
A 1 82  ARG 82  173 173 ARG ARG A . n 
A 1 83  GLN 83  174 174 GLN GLN A . n 
A 1 84  ALA 84  175 175 ALA ALA A . n 
A 1 85  ARG 85  176 176 ARG ARG A . n 
A 1 86  LEU 86  177 177 LEU LEU A . n 
A 1 87  LEU 87  178 178 LEU LEU A . n 
A 1 88  ARG 88  179 179 ARG ARG A . n 
A 1 89  MET 89  180 180 MET MET A . n 
A 1 90  SER 90  181 181 SER SER A . n 
A 1 91  ALA 91  182 182 ALA ALA A . n 
A 1 92  TYR 92  183 183 TYR TYR A . n 
A 1 93  ALA 93  184 184 ALA ALA A . n 
A 1 94  ALA 94  185 185 ALA ALA A . n 
A 1 95  LYS 95  186 186 LYS LYS A . n 
A 1 96  ARG 96  187 187 ARG ARG A . n 
A 1 97  GLN 97  188 188 GLN GLN A . n 
A 1 98  ALA 98  189 189 ALA ALA A . n 
A 1 99  SER 99  190 ?   ?   ?   A . n 
A 1 100 LYS 100 191 ?   ?   ?   A . n 
A 1 101 LYS 101 192 ?   ?   ?   A . n 
A 1 102 SER 102 193 ?   ?   ?   A . n 
B 2 1   DT  1   -22 -22 DT  DT  B . n 
B 2 2   DG  2   -21 -21 DG  DG  B . n 
B 2 3   DT  3   -20 -20 DT  DT  B . n 
B 2 4   DA  4   -19 -19 DA  DA  B . n 
B 2 5   DT  5   -18 -18 DT  DT  B . n 
B 2 6   DG  6   -17 -17 DG  DG  B . n 
B 2 7   DT  7   -16 -16 DT  DT  B . n 
B 2 8   DA  8   -15 -15 DA  DA  B . n 
B 2 9   DT  9   -14 -14 DT  DT  B . n 
B 2 10  DG  10  -13 -13 DG  DG  B . n 
B 2 11  DT  11  -12 -12 DT  DT  B . n 
B 2 12  DA  12  -11 -11 DA  DA  B . n 
B 2 13  DT  13  -10 -10 DT  DT  B . n 
B 2 14  DG  14  -9  -9  DG  DG  B . n 
B 2 15  DT  15  -8  -8  DT  DT  B . n 
B 2 16  DA  16  -7  -7  DA  DA  B . n 
B 2 17  DT  17  -6  -6  DT  DT  B . n 
B 2 18  DG  18  -5  -5  DG  DG  B . n 
B 2 19  DC  19  5   5   DC  DC  B . n 
B 2 20  DA  20  6   6   DA  DA  B . n 
B 2 21  DT  21  7   7   DT  DT  B . n 
B 2 22  DA  22  8   8   DA  DA  B . n 
B 2 23  DC  23  9   9   DC  DC  B . n 
B 2 24  DA  24  10  10  DA  DA  B . n 
B 2 25  DT  25  11  11  DT  DT  B . n 
B 2 26  DA  26  12  12  DA  DA  B . n 
B 2 27  DC  27  13  13  DC  DC  B . n 
B 2 28  DA  28  14  14  DA  DA  B . n 
B 2 29  DT  29  15  15  DT  DT  B . n 
B 2 30  DA  30  16  16  DA  DA  B . n 
B 2 31  DC  31  17  17  DC  DC  B . n 
B 2 32  DA  32  18  18  DA  DA  B . n 
B 2 33  DT  33  19  19  DT  DT  B . n 
B 2 34  DA  34  20  20  DA  DA  B . n 
B 2 35  DC  35  21  21  DC  DC  B . n 
B 2 36  DA  36  22  22  DA  DA  B . n 
# 
loop_
_pdbx_nonpoly_scheme.asym_id 
_pdbx_nonpoly_scheme.entity_id 
_pdbx_nonpoly_scheme.mon_id 
_pdbx_nonpoly_scheme.ndb_seq_num 
_pdbx_nonpoly_scheme.pdb_seq_num 
_pdbx_nonpoly_scheme.auth_seq_num 
_pdbx_nonpoly_scheme.pdb_mon_id 
_pdbx_nonpoly_scheme.auth_mon_id 
_pdbx_nonpoly_scheme.pdb_strand_id 
_pdbx_nonpoly_scheme.pdb_ins_code 
C 3 HOH 1  201 70 HOH HOH A . 
C 3 HOH 2  202 57 HOH HOH A . 
C 3 HOH 3  203 66 HOH HOH A . 
C 3 HOH 4  204 44 HOH HOH A . 
C 3 HOH 5  205 30 HOH HOH A . 
C 3 HOH 6  206 29 HOH HOH A . 
C 3 HOH 7  207 16 HOH HOH A . 
C 3 HOH 8  208 42 HOH HOH A . 
C 3 HOH 9  209 27 HOH HOH A . 
C 3 HOH 10 210 18 HOH HOH A . 
C 3 HOH 11 211 64 HOH HOH A . 
C 3 HOH 12 212 31 HOH HOH A . 
C 3 HOH 13 213 11 HOH HOH A . 
C 3 HOH 14 214 50 HOH HOH A . 
C 3 HOH 15 215 68 HOH HOH A . 
C 3 HOH 16 216 71 HOH HOH A . 
C 3 HOH 17 217 28 HOH HOH A . 
C 3 HOH 18 218 35 HOH HOH A . 
C 3 HOH 19 219 37 HOH HOH A . 
C 3 HOH 20 220 24 HOH HOH A . 
C 3 HOH 21 221 8  HOH HOH A . 
C 3 HOH 22 222 43 HOH HOH A . 
C 3 HOH 23 223 15 HOH HOH A . 
D 3 HOH 1  101 9  HOH HOH B . 
D 3 HOH 2  102 63 HOH HOH B . 
D 3 HOH 3  103 65 HOH HOH B . 
D 3 HOH 4  104 1  HOH HOH B . 
D 3 HOH 5  105 39 HOH HOH B . 
D 3 HOH 6  106 46 HOH HOH B . 
D 3 HOH 7  107 12 HOH HOH B . 
D 3 HOH 8  108 23 HOH HOH B . 
D 3 HOH 9  109 21 HOH HOH B . 
D 3 HOH 10 110 14 HOH HOH B . 
D 3 HOH 11 111 47 HOH HOH B . 
D 3 HOH 12 112 4  HOH HOH B . 
D 3 HOH 13 113 36 HOH HOH B . 
D 3 HOH 14 114 40 HOH HOH B . 
D 3 HOH 15 115 2  HOH HOH B . 
D 3 HOH 16 116 56 HOH HOH B . 
D 3 HOH 17 117 25 HOH HOH B . 
D 3 HOH 18 118 26 HOH HOH B . 
D 3 HOH 19 119 34 HOH HOH B . 
D 3 HOH 20 120 33 HOH HOH B . 
D 3 HOH 21 121 58 HOH HOH B . 
D 3 HOH 22 122 72 HOH HOH B . 
D 3 HOH 23 123 20 HOH HOH B . 
D 3 HOH 24 124 60 HOH HOH B . 
D 3 HOH 25 125 69 HOH HOH B . 
D 3 HOH 26 126 22 HOH HOH B . 
D 3 HOH 27 127 32 HOH HOH B . 
D 3 HOH 28 128 67 HOH HOH B . 
D 3 HOH 29 129 10 HOH HOH B . 
D 3 HOH 30 130 7  HOH HOH B . 
D 3 HOH 31 131 49 HOH HOH B . 
D 3 HOH 32 132 51 HOH HOH B . 
D 3 HOH 33 133 52 HOH HOH B . 
D 3 HOH 34 134 5  HOH HOH B . 
D 3 HOH 35 135 13 HOH HOH B . 
D 3 HOH 36 136 62 HOH HOH B . 
D 3 HOH 37 137 38 HOH HOH B . 
D 3 HOH 38 138 6  HOH HOH B . 
D 3 HOH 39 139 53 HOH HOH B . 
D 3 HOH 40 140 55 HOH HOH B . 
D 3 HOH 41 141 17 HOH HOH B . 
D 3 HOH 42 142 19 HOH HOH B . 
D 3 HOH 43 143 41 HOH HOH B . 
D 3 HOH 44 144 3  HOH HOH B . 
D 3 HOH 45 145 45 HOH HOH B . 
D 3 HOH 46 146 48 HOH HOH B . 
D 3 HOH 47 147 59 HOH HOH B . 
D 3 HOH 48 148 61 HOH HOH B . 
D 3 HOH 49 149 54 HOH HOH B . 
# 
loop_
_pdbx_unobs_or_zero_occ_atoms.id 
_pdbx_unobs_or_zero_occ_atoms.PDB_model_num 
_pdbx_unobs_or_zero_occ_atoms.polymer_flag 
_pdbx_unobs_or_zero_occ_atoms.occupancy_flag 
_pdbx_unobs_or_zero_occ_atoms.auth_asym_id 
_pdbx_unobs_or_zero_occ_atoms.auth_comp_id 
_pdbx_unobs_or_zero_occ_atoms.auth_seq_id 
_pdbx_unobs_or_zero_occ_atoms.PDB_ins_code 
_pdbx_unobs_or_zero_occ_atoms.auth_atom_id 
_pdbx_unobs_or_zero_occ_atoms.label_alt_id 
_pdbx_unobs_or_zero_occ_atoms.label_asym_id 
_pdbx_unobs_or_zero_occ_atoms.label_comp_id 
_pdbx_unobs_or_zero_occ_atoms.label_seq_id 
_pdbx_unobs_or_zero_occ_atoms.label_atom_id 
1 1 Y 1 B DC 5 ? P   ? B DC 19 P   
2 1 Y 1 B DC 5 ? OP1 ? B DC 19 OP1 
3 1 Y 1 B DC 5 ? OP2 ? B DC 19 OP2 
# 
loop_
_software.citation_id 
_software.classification 
_software.compiler_name 
_software.compiler_version 
_software.contact_author 
_software.contact_author_email 
_software.date 
_software.description 
_software.dependencies 
_software.hardware 
_software.language 
_software.location 
_software.mods 
_software.name 
_software.os 
_software.os_version 
_software.type 
_software.version 
_software.pdbx_ordinal 
? refinement       ? ? ? ? ? ? ? ? ? ? ? REFMAC   ? ? ? 5.8.0049 1 
? 'data reduction' ? ? ? ? ? ? ? ? ? ? ? HKL-2000 ? ? ? .        2 
? 'data scaling'   ? ? ? ? ? ? ? ? ? ? ? SCALA    ? ? ? .        3 
? phasing          ? ? ? ? ? ? ? ? ? ? ? MOLREP   ? ? ? .        4 
# 
_cell.angle_alpha                  90.00 
_cell.angle_alpha_esd              ? 
_cell.angle_beta                   90.00 
_cell.angle_beta_esd               ? 
_cell.angle_gamma                  90.00 
_cell.angle_gamma_esd              ? 
_cell.entry_id                     5D2S 
_cell.details                      ? 
_cell.formula_units_Z              ? 
_cell.length_a                     44.011 
_cell.length_a_esd                 ? 
_cell.length_b                     44.011 
_cell.length_b_esd                 ? 
_cell.length_c                     237.869 
_cell.length_c_esd                 ? 
_cell.volume                       ? 
_cell.volume_esd                   ? 
_cell.Z_PDB                        8 
_cell.reciprocal_angle_alpha       ? 
_cell.reciprocal_angle_beta        ? 
_cell.reciprocal_angle_gamma       ? 
_cell.reciprocal_angle_alpha_esd   ? 
_cell.reciprocal_angle_beta_esd    ? 
_cell.reciprocal_angle_gamma_esd   ? 
_cell.reciprocal_length_a          ? 
_cell.reciprocal_length_b          ? 
_cell.reciprocal_length_c          ? 
_cell.reciprocal_length_a_esd      ? 
_cell.reciprocal_length_b_esd      ? 
_cell.reciprocal_length_c_esd      ? 
_cell.pdbx_unique_axis             ? 
# 
_symmetry.entry_id                         5D2S 
_symmetry.cell_setting                     ? 
_symmetry.Int_Tables_number                96 
_symmetry.space_group_name_Hall            ? 
_symmetry.space_group_name_H-M             'P 43 21 2' 
_symmetry.pdbx_full_space_group_name_H-M   ? 
# 
_exptl.absorpt_coefficient_mu     ? 
_exptl.absorpt_correction_T_max   ? 
_exptl.absorpt_correction_T_min   ? 
_exptl.absorpt_correction_type    ? 
_exptl.absorpt_process_details    ? 
_exptl.entry_id                   5D2S 
_exptl.crystals_number            ? 
_exptl.details                    ? 
_exptl.method                     'X-RAY DIFFRACTION' 
_exptl.method_details             ? 
# 
_exptl_crystal.colour                      ? 
_exptl_crystal.density_diffrn              ? 
_exptl_crystal.density_Matthews            2.52 
_exptl_crystal.density_method              ? 
_exptl_crystal.density_percent_sol         51.12 
_exptl_crystal.description                 ? 
_exptl_crystal.F_000                       ? 
_exptl_crystal.id                          1 
_exptl_crystal.preparation                 ? 
_exptl_crystal.size_max                    ? 
_exptl_crystal.size_mid                    ? 
_exptl_crystal.size_min                    ? 
_exptl_crystal.size_rad                    ? 
_exptl_crystal.colour_lustre               ? 
_exptl_crystal.colour_modifier             ? 
_exptl_crystal.colour_primary              ? 
_exptl_crystal.density_meas                ? 
_exptl_crystal.density_meas_esd            ? 
_exptl_crystal.density_meas_gt             ? 
_exptl_crystal.density_meas_lt             ? 
_exptl_crystal.density_meas_temp           ? 
_exptl_crystal.density_meas_temp_esd       ? 
_exptl_crystal.density_meas_temp_gt        ? 
_exptl_crystal.density_meas_temp_lt        ? 
_exptl_crystal.pdbx_crystal_image_url      ? 
_exptl_crystal.pdbx_crystal_image_format   ? 
_exptl_crystal.pdbx_mosaicity              ? 
_exptl_crystal.pdbx_mosaicity_esd          ? 
# 
_exptl_crystal_grow.apparatus       ? 
_exptl_crystal_grow.atmosphere      ? 
_exptl_crystal_grow.crystal_id      1 
_exptl_crystal_grow.details         ? 
_exptl_crystal_grow.method          'VAPOR DIFFUSION, HANGING DROP' 
_exptl_crystal_grow.method_ref      ? 
_exptl_crystal_grow.pH              5.6 
_exptl_crystal_grow.pressure        ? 
_exptl_crystal_grow.pressure_esd    ? 
_exptl_crystal_grow.seeding         ? 
_exptl_crystal_grow.seeding_ref     ? 
_exptl_crystal_grow.temp            293 
_exptl_crystal_grow.temp_details    ? 
_exptl_crystal_grow.temp_esd        ? 
_exptl_crystal_grow.time            ? 
_exptl_crystal_grow.pdbx_details    '18% PEG 2000, 0.1 M sodium citrate pH5.6' 
_exptl_crystal_grow.pdbx_pH_range   ? 
# 
_diffrn.ambient_environment    ? 
_diffrn.ambient_temp           100 
_diffrn.ambient_temp_details   ? 
_diffrn.ambient_temp_esd       ? 
_diffrn.crystal_id             1 
_diffrn.crystal_support        ? 
_diffrn.crystal_treatment      ? 
_diffrn.details                ? 
_diffrn.id                     1 
_diffrn.ambient_pressure       ? 
_diffrn.ambient_pressure_esd   ? 
_diffrn.ambient_pressure_gt    ? 
_diffrn.ambient_pressure_lt    ? 
_diffrn.ambient_temp_gt        ? 
_diffrn.ambient_temp_lt        ? 
# 
_diffrn_detector.details                      ? 
_diffrn_detector.detector                     CCD 
_diffrn_detector.diffrn_id                    1 
_diffrn_detector.type                         'ADSC QUANTUM 315r' 
_diffrn_detector.area_resol_mean              ? 
_diffrn_detector.dtime                        ? 
_diffrn_detector.pdbx_frames_total            ? 
_diffrn_detector.pdbx_collection_time_total   ? 
_diffrn_detector.pdbx_collection_date         2014-11-23 
# 
_diffrn_radiation.collimation                      ? 
_diffrn_radiation.diffrn_id                        1 
_diffrn_radiation.filter_edge                      ? 
_diffrn_radiation.inhomogeneity                    ? 
_diffrn_radiation.monochromator                    ? 
_diffrn_radiation.polarisn_norm                    ? 
_diffrn_radiation.polarisn_ratio                   ? 
_diffrn_radiation.probe                            ? 
_diffrn_radiation.type                             ? 
_diffrn_radiation.xray_symbol                      ? 
_diffrn_radiation.wavelength_id                    1 
_diffrn_radiation.pdbx_monochromatic_or_laue_m_l   M 
_diffrn_radiation.pdbx_wavelength_list             ? 
_diffrn_radiation.pdbx_wavelength                  ? 
_diffrn_radiation.pdbx_diffrn_protocol             'SINGLE WAVELENGTH' 
_diffrn_radiation.pdbx_analyzer                    ? 
_diffrn_radiation.pdbx_scattering_type             x-ray 
# 
_diffrn_radiation_wavelength.id           1 
_diffrn_radiation_wavelength.wavelength   0.979 
_diffrn_radiation_wavelength.wt           1.0 
# 
_diffrn_source.current                     ? 
_diffrn_source.details                     ? 
_diffrn_source.diffrn_id                   1 
_diffrn_source.power                       ? 
_diffrn_source.size                        ? 
_diffrn_source.source                      SYNCHROTRON 
_diffrn_source.target                      ? 
_diffrn_source.type                        'SSRF BEAMLINE BL17U' 
_diffrn_source.voltage                     ? 
_diffrn_source.take-off_angle              ? 
_diffrn_source.pdbx_wavelength_list        0.979 
_diffrn_source.pdbx_wavelength             ? 
_diffrn_source.pdbx_synchrotron_beamline   BL17U 
_diffrn_source.pdbx_synchrotron_site       SSRF 
# 
_reflns.B_iso_Wilson_estimate            ? 
_reflns.entry_id                         5D2S 
_reflns.data_reduction_details           ? 
_reflns.data_reduction_method            ? 
_reflns.d_resolution_high                2.20 
_reflns.d_resolution_low                 50.0 
_reflns.details                          ? 
_reflns.limit_h_max                      ? 
_reflns.limit_h_min                      ? 
_reflns.limit_k_max                      ? 
_reflns.limit_k_min                      ? 
_reflns.limit_l_max                      ? 
_reflns.limit_l_min                      ? 
_reflns.number_all                       ? 
_reflns.number_obs                       22628 
_reflns.observed_criterion               ? 
_reflns.observed_criterion_F_max         ? 
_reflns.observed_criterion_F_min         ? 
_reflns.observed_criterion_I_max         ? 
_reflns.observed_criterion_I_min         ? 
_reflns.observed_criterion_sigma_F       ? 
_reflns.observed_criterion_sigma_I       ? 
_reflns.percent_possible_obs             99.1 
_reflns.R_free_details                   ? 
_reflns.Rmerge_F_all                     ? 
_reflns.Rmerge_F_obs                     ? 
_reflns.Friedel_coverage                 ? 
_reflns.number_gt                        ? 
_reflns.threshold_expression             ? 
_reflns.pdbx_redundancy                  3.2 
_reflns.pdbx_Rmerge_I_obs                ? 
_reflns.pdbx_Rmerge_I_all                ? 
_reflns.pdbx_Rsym_value                  ? 
_reflns.pdbx_netI_over_av_sigmaI         ? 
_reflns.pdbx_netI_over_sigmaI            14.4 
_reflns.pdbx_res_netI_over_av_sigmaI_2   ? 
_reflns.pdbx_res_netI_over_sigmaI_2      ? 
_reflns.pdbx_chi_squared                 ? 
_reflns.pdbx_scaling_rejects             ? 
_reflns.pdbx_d_res_high_opt              ? 
_reflns.pdbx_d_res_low_opt               ? 
_reflns.pdbx_d_res_opt_method            ? 
_reflns.phase_calculation_details        ? 
_reflns.pdbx_Rrim_I_all                  ? 
_reflns.pdbx_Rpim_I_all                  ? 
_reflns.pdbx_d_opt                       ? 
_reflns.pdbx_number_measured_all         ? 
_reflns.pdbx_diffrn_id                   1 
_reflns.pdbx_ordinal                     1 
_reflns.pdbx_CC_half                     ? 
_reflns.pdbx_R_split                     ? 
# 
_refine.aniso_B[1][1]                            0.30 
_refine.aniso_B[1][2]                            0.00 
_refine.aniso_B[1][3]                            0.00 
_refine.aniso_B[2][2]                            0.30 
_refine.aniso_B[2][3]                            0.00 
_refine.aniso_B[3][3]                            -0.61 
_refine.B_iso_max                                ? 
_refine.B_iso_mean                               41.527 
_refine.B_iso_min                                ? 
_refine.correlation_coeff_Fo_to_Fc               0.718 
_refine.correlation_coeff_Fo_to_Fc_free          0.389 
_refine.details                                  'HYDROGENS HAVE BEEN ADDED IN THE RIDING POSITIONS' 
_refine.diff_density_max                         ? 
_refine.diff_density_max_esd                     ? 
_refine.diff_density_min                         ? 
_refine.diff_density_min_esd                     ? 
_refine.diff_density_rms                         ? 
_refine.diff_density_rms_esd                     ? 
_refine.entry_id                                 5D2S 
_refine.pdbx_refine_id                           'X-RAY DIFFRACTION' 
_refine.ls_abs_structure_details                 ? 
_refine.ls_abs_structure_Flack                   ? 
_refine.ls_abs_structure_Flack_esd               ? 
_refine.ls_abs_structure_Rogers                  ? 
_refine.ls_abs_structure_Rogers_esd              ? 
_refine.ls_d_res_high                            2.20 
_refine.ls_d_res_low                             43.28 
_refine.ls_extinction_coef                       ? 
_refine.ls_extinction_coef_esd                   ? 
_refine.ls_extinction_expression                 ? 
_refine.ls_extinction_method                     ? 
_refine.ls_goodness_of_fit_all                   ? 
_refine.ls_goodness_of_fit_all_esd               ? 
_refine.ls_goodness_of_fit_obs                   ? 
_refine.ls_goodness_of_fit_obs_esd               ? 
_refine.ls_hydrogen_treatment                    ? 
_refine.ls_matrix_type                           ? 
_refine.ls_number_constraints                    ? 
_refine.ls_number_parameters                     ? 
_refine.ls_number_reflns_all                     ? 
_refine.ls_number_reflns_obs                     11993 
_refine.ls_number_reflns_R_free                  643 
_refine.ls_number_reflns_R_work                  ? 
_refine.ls_number_restraints                     ? 
_refine.ls_percent_reflns_obs                    98.74 
_refine.ls_percent_reflns_R_free                 5.1 
_refine.ls_R_factor_all                          ? 
_refine.ls_R_factor_obs                          0.22808 
_refine.ls_R_factor_R_free                       0.25324 
_refine.ls_R_factor_R_free_error                 ? 
_refine.ls_R_factor_R_free_error_details         ? 
_refine.ls_R_factor_R_work                       0.22672 
_refine.ls_R_Fsqd_factor_obs                     ? 
_refine.ls_R_I_factor_obs                        ? 
_refine.ls_redundancy_reflns_all                 ? 
_refine.ls_redundancy_reflns_obs                 ? 
_refine.ls_restrained_S_all                      ? 
_refine.ls_restrained_S_obs                      ? 
_refine.ls_shift_over_esd_max                    ? 
_refine.ls_shift_over_esd_mean                   ? 
_refine.ls_structure_factor_coef                 ? 
_refine.ls_weighting_details                     ? 
_refine.ls_weighting_scheme                      ? 
_refine.ls_wR_factor_all                         ? 
_refine.ls_wR_factor_obs                         ? 
_refine.ls_wR_factor_R_free                      ? 
_refine.ls_wR_factor_R_work                      ? 
_refine.occupancy_max                            ? 
_refine.occupancy_min                            ? 
_refine.solvent_model_details                    MASK 
_refine.solvent_model_param_bsol                 ? 
_refine.solvent_model_param_ksol                 ? 
_refine.ls_R_factor_gt                           ? 
_refine.ls_goodness_of_fit_gt                    ? 
_refine.ls_goodness_of_fit_ref                   ? 
_refine.ls_shift_over_su_max                     ? 
_refine.ls_shift_over_su_max_lt                  ? 
_refine.ls_shift_over_su_mean                    ? 
_refine.ls_shift_over_su_mean_lt                 ? 
_refine.pdbx_ls_sigma_I                          ? 
_refine.pdbx_ls_sigma_F                          ? 
_refine.pdbx_ls_sigma_Fsqd                       ? 
_refine.pdbx_data_cutoff_high_absF               ? 
_refine.pdbx_data_cutoff_high_rms_absF           ? 
_refine.pdbx_data_cutoff_low_absF                ? 
_refine.pdbx_isotropic_thermal_model             ? 
_refine.pdbx_ls_cross_valid_method               THROUGHOUT 
_refine.pdbx_method_to_determine_struct          ? 
_refine.pdbx_starting_model                      ? 
_refine.pdbx_stereochemistry_target_values       'MAXIMUM LIKELIHOOD' 
_refine.pdbx_R_Free_selection_details            RANDOM 
_refine.pdbx_stereochem_target_val_spec_case     ? 
_refine.pdbx_overall_ESU_R                       0.260 
_refine.pdbx_overall_ESU_R_Free                  0.203 
_refine.pdbx_solvent_vdw_probe_radii             1.20 
_refine.pdbx_solvent_ion_probe_radii             0.80 
_refine.pdbx_solvent_shrinkage_radii             0.80 
_refine.pdbx_real_space_R                        ? 
_refine.pdbx_density_correlation                 ? 
_refine.pdbx_pd_number_of_powder_patterns        ? 
_refine.pdbx_pd_number_of_points                 ? 
_refine.pdbx_pd_meas_number_of_points            ? 
_refine.pdbx_pd_proc_ls_prof_R_factor            ? 
_refine.pdbx_pd_proc_ls_prof_wR_factor           ? 
_refine.pdbx_pd_Marquardt_correlation_coeff      ? 
_refine.pdbx_pd_Fsqrd_R_factor                   ? 
_refine.pdbx_pd_ls_matrix_band_width             ? 
_refine.pdbx_overall_phase_error                 ? 
_refine.pdbx_overall_SU_R_free_Cruickshank_DPI   ? 
_refine.pdbx_overall_SU_R_free_Blow_DPI          ? 
_refine.pdbx_overall_SU_R_Blow_DPI               ? 
_refine.pdbx_TLS_residual_ADP_flag               ? 
_refine.pdbx_diffrn_id                           1 
_refine.overall_SU_B                             6.074 
_refine.overall_SU_ML                            0.148 
_refine.overall_SU_R_Cruickshank_DPI             ? 
_refine.overall_SU_R_free                        ? 
_refine.overall_FOM_free_R_set                   ? 
_refine.overall_FOM_work_R_set                   ? 
_refine.pdbx_average_fsc_overall                 ? 
_refine.pdbx_average_fsc_work                    ? 
_refine.pdbx_average_fsc_free                    ? 
# 
_refine_hist.pdbx_refine_id                   'X-RAY DIFFRACTION' 
_refine_hist.cycle_id                         1 
_refine_hist.pdbx_number_atoms_protein        726 
_refine_hist.pdbx_number_atoms_nucleic_acid   732 
_refine_hist.pdbx_number_atoms_ligand         0 
_refine_hist.number_atoms_solvent             72 
_refine_hist.number_atoms_total               1530 
_refine_hist.d_res_high                       2.20 
_refine_hist.d_res_low                        43.28 
# 
loop_
_refine_ls_restr.pdbx_refine_id 
_refine_ls_restr.criterion 
_refine_ls_restr.dev_ideal 
_refine_ls_restr.dev_ideal_target 
_refine_ls_restr.number 
_refine_ls_restr.rejects 
_refine_ls_restr.type 
_refine_ls_restr.weight 
_refine_ls_restr.pdbx_restraint_function 
'X-RAY DIFFRACTION' ? 0.014  0.015  1551 ? r_bond_refined_d             ? ? 
'X-RAY DIFFRACTION' ? 0.001  0.020  1146 ? r_bond_other_d               ? ? 
'X-RAY DIFFRACTION' ? 1.848  1.524  2236 ? r_angle_refined_deg          ? ? 
'X-RAY DIFFRACTION' ? 1.301  3.000  2644 ? r_angle_other_deg            ? ? 
'X-RAY DIFFRACTION' ? 4.661  5.000  90   ? r_dihedral_angle_1_deg       ? ? 
'X-RAY DIFFRACTION' ? 27.241 20.000 38   ? r_dihedral_angle_2_deg       ? ? 
'X-RAY DIFFRACTION' ? 17.526 15.000 145  ? r_dihedral_angle_3_deg       ? ? 
'X-RAY DIFFRACTION' ? 16.180 15.000 17   ? r_dihedral_angle_4_deg       ? ? 
'X-RAY DIFFRACTION' ? 0.087  0.200  212  ? r_chiral_restr               ? ? 
'X-RAY DIFFRACTION' ? 0.013  0.020  1257 ? r_gen_planes_refined         ? ? 
'X-RAY DIFFRACTION' ? 0.002  0.020  352  ? r_gen_planes_other           ? ? 
'X-RAY DIFFRACTION' ? ?      ?      ?    ? r_nbd_refined                ? ? 
'X-RAY DIFFRACTION' ? ?      ?      ?    ? r_nbd_other                  ? ? 
'X-RAY DIFFRACTION' ? ?      ?      ?    ? r_nbtor_refined              ? ? 
'X-RAY DIFFRACTION' ? ?      ?      ?    ? r_nbtor_other                ? ? 
'X-RAY DIFFRACTION' ? ?      ?      ?    ? r_xyhbond_nbd_refined        ? ? 
'X-RAY DIFFRACTION' ? ?      ?      ?    ? r_xyhbond_nbd_other          ? ? 
'X-RAY DIFFRACTION' ? ?      ?      ?    ? r_metal_ion_refined          ? ? 
'X-RAY DIFFRACTION' ? ?      ?      ?    ? r_metal_ion_other            ? ? 
'X-RAY DIFFRACTION' ? ?      ?      ?    ? r_symmetry_vdw_refined       ? ? 
'X-RAY DIFFRACTION' ? ?      ?      ?    ? r_symmetry_vdw_other         ? ? 
'X-RAY DIFFRACTION' ? ?      ?      ?    ? r_symmetry_hbond_refined     ? ? 
'X-RAY DIFFRACTION' ? ?      ?      ?    ? r_symmetry_hbond_other       ? ? 
'X-RAY DIFFRACTION' ? ?      ?      ?    ? r_symmetry_metal_ion_refined ? ? 
'X-RAY DIFFRACTION' ? ?      ?      ?    ? r_symmetry_metal_ion_other   ? ? 
'X-RAY DIFFRACTION' ? 3.359  3.947  363  ? r_mcbond_it                  ? ? 
'X-RAY DIFFRACTION' ? 3.357  3.942  362  ? r_mcbond_other               ? ? 
'X-RAY DIFFRACTION' ? 4.228  5.901  452  ? r_mcangle_it                 ? ? 
'X-RAY DIFFRACTION' ? 4.225  5.908  453  ? r_mcangle_other              ? ? 
'X-RAY DIFFRACTION' ? 4.196  4.209  1188 ? r_scbond_it                  ? ? 
'X-RAY DIFFRACTION' ? 4.195  4.209  1189 ? r_scbond_other               ? ? 
'X-RAY DIFFRACTION' ? ?      ?      ?    ? r_scangle_it                 ? ? 
'X-RAY DIFFRACTION' ? 5.724  6.239  1785 ? r_scangle_other              ? ? 
'X-RAY DIFFRACTION' ? 7.007  38.506 7039 ? r_long_range_B_refined       ? ? 
'X-RAY DIFFRACTION' ? 7.006  38.505 7015 ? r_long_range_B_other         ? ? 
'X-RAY DIFFRACTION' ? ?      ?      ?    ? r_rigid_bond_restr           ? ? 
'X-RAY DIFFRACTION' ? ?      ?      ?    ? r_sphericity_free            ? ? 
'X-RAY DIFFRACTION' ? ?      ?      ?    ? r_sphericity_bonded          ? ? 
# 
_refine_ls_shell.pdbx_refine_id                   'X-RAY DIFFRACTION' 
_refine_ls_shell.d_res_high                       2.200 
_refine_ls_shell.d_res_low                        2.257 
_refine_ls_shell.number_reflns_all                ? 
_refine_ls_shell.number_reflns_obs                ? 
_refine_ls_shell.number_reflns_R_free             35 
_refine_ls_shell.number_reflns_R_work             836 
_refine_ls_shell.percent_reflns_obs               99.20 
_refine_ls_shell.percent_reflns_R_free            ? 
_refine_ls_shell.R_factor_all                     ? 
_refine_ls_shell.R_factor_obs                     ? 
_refine_ls_shell.R_factor_R_free                  0.321 
_refine_ls_shell.R_factor_R_free_error            ? 
_refine_ls_shell.R_factor_R_work                  0.282 
_refine_ls_shell.redundancy_reflns_all            ? 
_refine_ls_shell.redundancy_reflns_obs            ? 
_refine_ls_shell.wR_factor_all                    ? 
_refine_ls_shell.wR_factor_obs                    ? 
_refine_ls_shell.wR_factor_R_free                 ? 
_refine_ls_shell.wR_factor_R_work                 ? 
_refine_ls_shell.pdbx_total_number_of_bins_used   20 
_refine_ls_shell.pdbx_phase_error                 ? 
_refine_ls_shell.pdbx_fsc_work                    ? 
_refine_ls_shell.pdbx_fsc_free                    ? 
# 
_struct.entry_id                     5D2S 
_struct.title                        
'Crystal structure of STPR from Bombyx mori in complex with 18-bp DNA containing four repetitive units of ATAC' 
_struct.pdbx_model_details           ? 
_struct.pdbx_formula_weight          ? 
_struct.pdbx_formula_weight_method   ? 
_struct.pdbx_model_type_details      ? 
_struct.pdbx_CASP_flag               ? 
# 
_struct_keywords.entry_id        5D2S 
_struct_keywords.text            'Protein-DNA complex, All a-helix, DNA major groove binding, TRANSCRIPTION-DNA complex' 
_struct_keywords.pdbx_keywords   TRANSCRIPTION/DNA 
# 
loop_
_struct_asym.id 
_struct_asym.pdbx_blank_PDB_chainid_flag 
_struct_asym.pdbx_modified 
_struct_asym.entity_id 
_struct_asym.details 
A N N 1 ? 
B N N 2 ? 
C N N 3 ? 
D N N 3 ? 
# 
loop_
_struct_ref.id 
_struct_ref.db_name 
_struct_ref.db_code 
_struct_ref.pdbx_db_accession 
_struct_ref.pdbx_db_isoform 
_struct_ref.entity_id 
_struct_ref.pdbx_seq_one_letter_code 
_struct_ref.pdbx_align_begin 
1 UNP Q5FBS0_BOMMO Q5FBS0 ? 1 
;ETSEERAARLAKMSAYAAQRLANESPEQRATRLKRMSEYAAKRLSSETREQRAIRLARMSAYAARRLANETPAQRQARLL
RMSAYAAKRQASKKS
;
99 
2 PDB 5D2S         5D2S   ? 2 ?                                                                                                  1 
# 
loop_
_struct_ref_seq.align_id 
_struct_ref_seq.ref_id 
_struct_ref_seq.pdbx_PDB_id_code 
_struct_ref_seq.pdbx_strand_id 
_struct_ref_seq.seq_align_beg 
_struct_ref_seq.pdbx_seq_align_beg_ins_code 
_struct_ref_seq.seq_align_end 
_struct_ref_seq.pdbx_seq_align_end_ins_code 
_struct_ref_seq.pdbx_db_accession 
_struct_ref_seq.db_align_beg 
_struct_ref_seq.pdbx_db_align_beg_ins_code 
_struct_ref_seq.db_align_end 
_struct_ref_seq.pdbx_db_align_end_ins_code 
_struct_ref_seq.pdbx_auth_seq_align_beg 
_struct_ref_seq.pdbx_auth_seq_align_end 
1 1 5D2S A 8 ? 102 ? Q5FBS0 99  ? 193 ? 99  193 
2 2 5D2S B 1 ? 36  ? 5D2S   -22 ? 22  ? -22 22  
# 
loop_
_struct_ref_seq_dif.align_id 
_struct_ref_seq_dif.pdbx_pdb_id_code 
_struct_ref_seq_dif.mon_id 
_struct_ref_seq_dif.pdbx_pdb_strand_id 
_struct_ref_seq_dif.seq_num 
_struct_ref_seq_dif.pdbx_pdb_ins_code 
_struct_ref_seq_dif.pdbx_seq_db_name 
_struct_ref_seq_dif.pdbx_seq_db_accession_code 
_struct_ref_seq_dif.db_mon_id 
_struct_ref_seq_dif.pdbx_seq_db_seq_num 
_struct_ref_seq_dif.details 
_struct_ref_seq_dif.pdbx_auth_seq_num 
_struct_ref_seq_dif.pdbx_ordinal 
1 5D2S MET A 1 ? UNP Q5FBS0 ? ? 'expression tag' 92 1 
1 5D2S HIS A 2 ? UNP Q5FBS0 ? ? 'expression tag' 93 2 
1 5D2S HIS A 3 ? UNP Q5FBS0 ? ? 'expression tag' 94 3 
1 5D2S HIS A 4 ? UNP Q5FBS0 ? ? 'expression tag' 95 4 
1 5D2S HIS A 5 ? UNP Q5FBS0 ? ? 'expression tag' 96 5 
1 5D2S HIS A 6 ? UNP Q5FBS0 ? ? 'expression tag' 97 6 
1 5D2S HIS A 7 ? UNP Q5FBS0 ? ? 'expression tag' 98 7 
# 
_pdbx_struct_assembly.id                   1 
_pdbx_struct_assembly.details              author_and_software_defined_assembly 
_pdbx_struct_assembly.method_details       PISA 
_pdbx_struct_assembly.oligomeric_details   dimeric 
_pdbx_struct_assembly.oligomeric_count     2 
# 
loop_
_pdbx_struct_assembly_prop.biol_id 
_pdbx_struct_assembly_prop.type 
_pdbx_struct_assembly_prop.value 
_pdbx_struct_assembly_prop.details 
1 'ABSA (A^2)' 3390  ? 
1 MORE         -29   ? 
1 'SSA (A^2)'  11950 ? 
# 
_pdbx_struct_assembly_gen.assembly_id       1 
_pdbx_struct_assembly_gen.oper_expression   1 
_pdbx_struct_assembly_gen.asym_id_list      A,B,C,D 
# 
_pdbx_struct_oper_list.id                   1 
_pdbx_struct_oper_list.type                 'identity operation' 
_pdbx_struct_oper_list.name                 1_555 
_pdbx_struct_oper_list.symmetry_operation   x,y,z 
_pdbx_struct_oper_list.matrix[1][1]         1.0000000000 
_pdbx_struct_oper_list.matrix[1][2]         0.0000000000 
_pdbx_struct_oper_list.matrix[1][3]         0.0000000000 
_pdbx_struct_oper_list.vector[1]            0.0000000000 
_pdbx_struct_oper_list.matrix[2][1]         0.0000000000 
_pdbx_struct_oper_list.matrix[2][2]         1.0000000000 
_pdbx_struct_oper_list.matrix[2][3]         0.0000000000 
_pdbx_struct_oper_list.vector[2]            0.0000000000 
_pdbx_struct_oper_list.matrix[3][1]         0.0000000000 
_pdbx_struct_oper_list.matrix[3][2]         0.0000000000 
_pdbx_struct_oper_list.matrix[3][3]         1.0000000000 
_pdbx_struct_oper_list.vector[3]            0.0000000000 
# 
loop_
_struct_conf.conf_type_id 
_struct_conf.id 
_struct_conf.pdbx_PDB_helix_id 
_struct_conf.beg_label_comp_id 
_struct_conf.beg_label_asym_id 
_struct_conf.beg_label_seq_id 
_struct_conf.pdbx_beg_PDB_ins_code 
_struct_conf.end_label_comp_id 
_struct_conf.end_label_asym_id 
_struct_conf.end_label_seq_id 
_struct_conf.pdbx_end_PDB_ins_code 
_struct_conf.beg_auth_comp_id 
_struct_conf.beg_auth_asym_id 
_struct_conf.beg_auth_seq_id 
_struct_conf.end_auth_comp_id 
_struct_conf.end_auth_asym_id 
_struct_conf.end_auth_seq_id 
_struct_conf.pdbx_PDB_helix_class 
_struct_conf.details 
_struct_conf.pdbx_PDB_helix_length 
HELX_P HELX_P1 AA1 THR A 9  ? ASN A 30 ? THR A 100 ASN A 121 1 ? 22 
HELX_P HELX_P2 AA2 SER A 32 ? SER A 53 ? SER A 123 SER A 144 1 ? 22 
HELX_P HELX_P3 AA3 THR A 55 ? ASN A 76 ? THR A 146 ASN A 167 1 ? 22 
HELX_P HELX_P4 AA4 THR A 78 ? ALA A 98 ? THR A 169 ALA A 189 1 ? 21 
# 
_struct_conf_type.id          HELX_P 
_struct_conf_type.criteria    ? 
_struct_conf_type.reference   ? 
# 
loop_
_struct_conn.id 
_struct_conn.conn_type_id 
_struct_conn.pdbx_leaving_atom_flag 
_struct_conn.pdbx_PDB_id 
_struct_conn.ptnr1_label_asym_id 
_struct_conn.ptnr1_label_comp_id 
_struct_conn.ptnr1_label_seq_id 
_struct_conn.ptnr1_label_atom_id 
_struct_conn.pdbx_ptnr1_label_alt_id 
_struct_conn.pdbx_ptnr1_PDB_ins_code 
_struct_conn.pdbx_ptnr1_standard_comp_id 
_struct_conn.ptnr1_symmetry 
_struct_conn.ptnr2_label_asym_id 
_struct_conn.ptnr2_label_comp_id 
_struct_conn.ptnr2_label_seq_id 
_struct_conn.ptnr2_label_atom_id 
_struct_conn.pdbx_ptnr2_label_alt_id 
_struct_conn.pdbx_ptnr2_PDB_ins_code 
_struct_conn.ptnr1_auth_asym_id 
_struct_conn.ptnr1_auth_comp_id 
_struct_conn.ptnr1_auth_seq_id 
_struct_conn.ptnr2_auth_asym_id 
_struct_conn.ptnr2_auth_comp_id 
_struct_conn.ptnr2_auth_seq_id 
_struct_conn.ptnr2_symmetry 
_struct_conn.pdbx_ptnr3_label_atom_id 
_struct_conn.pdbx_ptnr3_label_seq_id 
_struct_conn.pdbx_ptnr3_label_comp_id 
_struct_conn.pdbx_ptnr3_label_asym_id 
_struct_conn.pdbx_ptnr3_label_alt_id 
_struct_conn.pdbx_ptnr3_PDB_ins_code 
_struct_conn.details 
_struct_conn.pdbx_dist_value 
_struct_conn.pdbx_value_order 
_struct_conn.pdbx_role 
hydrog1  hydrog ? ? B DT 1  N3 ? ? ? 1_555 B DA 36 N1 ? ? B DT -22 B DA 22 1_555 ? ? ? ? ? ? WATSON-CRICK ? ? ? 
hydrog2  hydrog ? ? B DT 1  O4 ? ? ? 1_555 B DA 36 N6 ? ? B DT -22 B DA 22 1_555 ? ? ? ? ? ? WATSON-CRICK ? ? ? 
hydrog3  hydrog ? ? B DG 2  N1 ? ? ? 1_555 B DC 35 N3 ? ? B DG -21 B DC 21 1_555 ? ? ? ? ? ? WATSON-CRICK ? ? ? 
hydrog4  hydrog ? ? B DG 2  N2 ? ? ? 1_555 B DC 35 O2 ? ? B DG -21 B DC 21 1_555 ? ? ? ? ? ? WATSON-CRICK ? ? ? 
hydrog5  hydrog ? ? B DG 2  O6 ? ? ? 1_555 B DC 35 N4 ? ? B DG -21 B DC 21 1_555 ? ? ? ? ? ? WATSON-CRICK ? ? ? 
hydrog6  hydrog ? ? B DT 3  N3 ? ? ? 1_555 B DA 34 N1 ? ? B DT -20 B DA 20 1_555 ? ? ? ? ? ? WATSON-CRICK ? ? ? 
hydrog7  hydrog ? ? B DT 3  O4 ? ? ? 1_555 B DA 34 N6 ? ? B DT -20 B DA 20 1_555 ? ? ? ? ? ? WATSON-CRICK ? ? ? 
hydrog8  hydrog ? ? B DA 4  N1 ? ? ? 1_555 B DT 33 N3 ? ? B DA -19 B DT 19 1_555 ? ? ? ? ? ? WATSON-CRICK ? ? ? 
hydrog9  hydrog ? ? B DA 4  N6 ? ? ? 1_555 B DT 33 O4 ? ? B DA -19 B DT 19 1_555 ? ? ? ? ? ? WATSON-CRICK ? ? ? 
hydrog10 hydrog ? ? B DT 5  N3 ? ? ? 1_555 B DA 32 N1 ? ? B DT -18 B DA 18 1_555 ? ? ? ? ? ? WATSON-CRICK ? ? ? 
hydrog11 hydrog ? ? B DT 5  O4 ? ? ? 1_555 B DA 32 N6 ? ? B DT -18 B DA 18 1_555 ? ? ? ? ? ? WATSON-CRICK ? ? ? 
hydrog12 hydrog ? ? B DG 6  N1 ? ? ? 1_555 B DC 31 N3 ? ? B DG -17 B DC 17 1_555 ? ? ? ? ? ? WATSON-CRICK ? ? ? 
hydrog13 hydrog ? ? B DG 6  N2 ? ? ? 1_555 B DC 31 O2 ? ? B DG -17 B DC 17 1_555 ? ? ? ? ? ? WATSON-CRICK ? ? ? 
hydrog14 hydrog ? ? B DG 6  O6 ? ? ? 1_555 B DC 31 N4 ? ? B DG -17 B DC 17 1_555 ? ? ? ? ? ? WATSON-CRICK ? ? ? 
hydrog15 hydrog ? ? B DT 7  N3 ? ? ? 1_555 B DA 30 N1 ? ? B DT -16 B DA 16 1_555 ? ? ? ? ? ? WATSON-CRICK ? ? ? 
hydrog16 hydrog ? ? B DT 7  O4 ? ? ? 1_555 B DA 30 N6 ? ? B DT -16 B DA 16 1_555 ? ? ? ? ? ? WATSON-CRICK ? ? ? 
hydrog17 hydrog ? ? B DA 8  N1 ? ? ? 1_555 B DT 29 N3 ? ? B DA -15 B DT 15 1_555 ? ? ? ? ? ? WATSON-CRICK ? ? ? 
hydrog18 hydrog ? ? B DA 8  N6 ? ? ? 1_555 B DT 29 O4 ? ? B DA -15 B DT 15 1_555 ? ? ? ? ? ? WATSON-CRICK ? ? ? 
hydrog19 hydrog ? ? B DT 9  N3 ? ? ? 1_555 B DA 28 N1 ? ? B DT -14 B DA 14 1_555 ? ? ? ? ? ? WATSON-CRICK ? ? ? 
hydrog20 hydrog ? ? B DT 9  O4 ? ? ? 1_555 B DA 28 N6 ? ? B DT -14 B DA 14 1_555 ? ? ? ? ? ? WATSON-CRICK ? ? ? 
hydrog21 hydrog ? ? B DG 10 N1 ? ? ? 1_555 B DC 27 N3 ? ? B DG -13 B DC 13 1_555 ? ? ? ? ? ? WATSON-CRICK ? ? ? 
hydrog22 hydrog ? ? B DG 10 N2 ? ? ? 1_555 B DC 27 O2 ? ? B DG -13 B DC 13 1_555 ? ? ? ? ? ? WATSON-CRICK ? ? ? 
hydrog23 hydrog ? ? B DG 10 O6 ? ? ? 1_555 B DC 27 N4 ? ? B DG -13 B DC 13 1_555 ? ? ? ? ? ? WATSON-CRICK ? ? ? 
hydrog24 hydrog ? ? B DT 11 N3 ? ? ? 1_555 B DA 26 N1 ? ? B DT -12 B DA 12 1_555 ? ? ? ? ? ? WATSON-CRICK ? ? ? 
hydrog25 hydrog ? ? B DT 11 O4 ? ? ? 1_555 B DA 26 N6 ? ? B DT -12 B DA 12 1_555 ? ? ? ? ? ? WATSON-CRICK ? ? ? 
hydrog26 hydrog ? ? B DA 12 N1 ? ? ? 1_555 B DT 25 N3 ? ? B DA -11 B DT 11 1_555 ? ? ? ? ? ? WATSON-CRICK ? ? ? 
hydrog27 hydrog ? ? B DA 12 N6 ? ? ? 1_555 B DT 25 O4 ? ? B DA -11 B DT 11 1_555 ? ? ? ? ? ? WATSON-CRICK ? ? ? 
hydrog28 hydrog ? ? B DT 13 N3 ? ? ? 1_555 B DA 24 N1 ? ? B DT -10 B DA 10 1_555 ? ? ? ? ? ? WATSON-CRICK ? ? ? 
hydrog29 hydrog ? ? B DT 13 O4 ? ? ? 1_555 B DA 24 N6 ? ? B DT -10 B DA 10 1_555 ? ? ? ? ? ? WATSON-CRICK ? ? ? 
hydrog30 hydrog ? ? B DG 14 N1 ? ? ? 1_555 B DC 23 N3 ? ? B DG -9  B DC 9  1_555 ? ? ? ? ? ? WATSON-CRICK ? ? ? 
hydrog31 hydrog ? ? B DG 14 N2 ? ? ? 1_555 B DC 23 O2 ? ? B DG -9  B DC 9  1_555 ? ? ? ? ? ? WATSON-CRICK ? ? ? 
hydrog32 hydrog ? ? B DG 14 O6 ? ? ? 1_555 B DC 23 N4 ? ? B DG -9  B DC 9  1_555 ? ? ? ? ? ? WATSON-CRICK ? ? ? 
hydrog33 hydrog ? ? B DT 15 N3 ? ? ? 1_555 B DA 22 N1 ? ? B DT -8  B DA 8  1_555 ? ? ? ? ? ? WATSON-CRICK ? ? ? 
hydrog34 hydrog ? ? B DT 15 O4 ? ? ? 1_555 B DA 22 N6 ? ? B DT -8  B DA 8  1_555 ? ? ? ? ? ? WATSON-CRICK ? ? ? 
hydrog35 hydrog ? ? B DA 16 N1 ? ? ? 1_555 B DT 21 N3 ? ? B DA -7  B DT 7  1_555 ? ? ? ? ? ? WATSON-CRICK ? ? ? 
hydrog36 hydrog ? ? B DA 16 N6 ? ? ? 1_555 B DT 21 O4 ? ? B DA -7  B DT 7  1_555 ? ? ? ? ? ? WATSON-CRICK ? ? ? 
hydrog37 hydrog ? ? B DT 17 N3 ? ? ? 1_555 B DA 20 N1 ? ? B DT -6  B DA 6  1_555 ? ? ? ? ? ? WATSON-CRICK ? ? ? 
hydrog38 hydrog ? ? B DT 17 O4 ? ? ? 1_555 B DA 20 N6 ? ? B DT -6  B DA 6  1_555 ? ? ? ? ? ? WATSON-CRICK ? ? ? 
# 
_struct_conn_type.id          hydrog 
_struct_conn_type.criteria    ? 
_struct_conn_type.reference   ? 
# 
loop_
_pdbx_validate_rmsd_angle.id 
_pdbx_validate_rmsd_angle.PDB_model_num 
_pdbx_validate_rmsd_angle.auth_atom_id_1 
_pdbx_validate_rmsd_angle.auth_asym_id_1 
_pdbx_validate_rmsd_angle.auth_comp_id_1 
_pdbx_validate_rmsd_angle.auth_seq_id_1 
_pdbx_validate_rmsd_angle.PDB_ins_code_1 
_pdbx_validate_rmsd_angle.label_alt_id_1 
_pdbx_validate_rmsd_angle.auth_atom_id_2 
_pdbx_validate_rmsd_angle.auth_asym_id_2 
_pdbx_validate_rmsd_angle.auth_comp_id_2 
_pdbx_validate_rmsd_angle.auth_seq_id_2 
_pdbx_validate_rmsd_angle.PDB_ins_code_2 
_pdbx_validate_rmsd_angle.label_alt_id_2 
_pdbx_validate_rmsd_angle.auth_atom_id_3 
_pdbx_validate_rmsd_angle.auth_asym_id_3 
_pdbx_validate_rmsd_angle.auth_comp_id_3 
_pdbx_validate_rmsd_angle.auth_seq_id_3 
_pdbx_validate_rmsd_angle.PDB_ins_code_3 
_pdbx_validate_rmsd_angle.label_alt_id_3 
_pdbx_validate_rmsd_angle.angle_value 
_pdbx_validate_rmsd_angle.angle_target_value 
_pdbx_validate_rmsd_angle.angle_deviation 
_pdbx_validate_rmsd_angle.angle_standard_deviation 
_pdbx_validate_rmsd_angle.linker_flag 
1 1 NE    A ARG 164 ? ? CZ    A ARG 164 ? ? NH1   A ARG 164 ? ? 116.64 120.30 -3.66 0.50 N 
2 1 "O5'" B DA  10  ? ? P     B DA  10  ? ? OP2   B DA  10  ? ? 98.90  105.70 -6.80 0.90 N 
3 1 "C1'" B DC  13  ? ? "O4'" B DC  13  ? ? "C4'" B DC  13  ? ? 103.31 110.10 -6.79 1.00 N 
4 1 "C1'" B DC  17  ? ? "O4'" B DC  17  ? ? "C4'" B DC  17  ? ? 102.79 110.10 -7.31 1.00 N 
5 1 "O5'" B DA  22  ? ? P     B DA  22  ? ? OP1   B DA  22  ? ? 98.63  105.70 -7.07 0.90 N 
# 
loop_
_pdbx_unobs_or_zero_occ_residues.id 
_pdbx_unobs_or_zero_occ_residues.PDB_model_num 
_pdbx_unobs_or_zero_occ_residues.polymer_flag 
_pdbx_unobs_or_zero_occ_residues.occupancy_flag 
_pdbx_unobs_or_zero_occ_residues.auth_asym_id 
_pdbx_unobs_or_zero_occ_residues.auth_comp_id 
_pdbx_unobs_or_zero_occ_residues.auth_seq_id 
_pdbx_unobs_or_zero_occ_residues.PDB_ins_code 
_pdbx_unobs_or_zero_occ_residues.label_asym_id 
_pdbx_unobs_or_zero_occ_residues.label_comp_id 
_pdbx_unobs_or_zero_occ_residues.label_seq_id 
1  1 Y 1 A MET 92  ? A MET 1   
2  1 Y 1 A HIS 93  ? A HIS 2   
3  1 Y 1 A HIS 94  ? A HIS 3   
4  1 Y 1 A HIS 95  ? A HIS 4   
5  1 Y 1 A HIS 96  ? A HIS 5   
6  1 Y 1 A HIS 97  ? A HIS 6   
7  1 Y 1 A HIS 98  ? A HIS 7   
8  1 Y 1 A SER 190 ? A SER 99  
9  1 Y 1 A LYS 191 ? A LYS 100 
10 1 Y 1 A LYS 192 ? A LYS 101 
11 1 Y 1 A SER 193 ? A SER 102 
# 
loop_
_chem_comp_atom.comp_id 
_chem_comp_atom.atom_id 
_chem_comp_atom.type_symbol 
_chem_comp_atom.pdbx_aromatic_flag 
_chem_comp_atom.pdbx_stereo_config 
_chem_comp_atom.pdbx_ordinal 
ALA N      N N N 1   
ALA CA     C N S 2   
ALA C      C N N 3   
ALA O      O N N 4   
ALA CB     C N N 5   
ALA OXT    O N N 6   
ALA H      H N N 7   
ALA H2     H N N 8   
ALA HA     H N N 9   
ALA HB1    H N N 10  
ALA HB2    H N N 11  
ALA HB3    H N N 12  
ALA HXT    H N N 13  
ARG N      N N N 14  
ARG CA     C N S 15  
ARG C      C N N 16  
ARG O      O N N 17  
ARG CB     C N N 18  
ARG CG     C N N 19  
ARG CD     C N N 20  
ARG NE     N N N 21  
ARG CZ     C N N 22  
ARG NH1    N N N 23  
ARG NH2    N N N 24  
ARG OXT    O N N 25  
ARG H      H N N 26  
ARG H2     H N N 27  
ARG HA     H N N 28  
ARG HB2    H N N 29  
ARG HB3    H N N 30  
ARG HG2    H N N 31  
ARG HG3    H N N 32  
ARG HD2    H N N 33  
ARG HD3    H N N 34  
ARG HE     H N N 35  
ARG HH11   H N N 36  
ARG HH12   H N N 37  
ARG HH21   H N N 38  
ARG HH22   H N N 39  
ARG HXT    H N N 40  
ASN N      N N N 41  
ASN CA     C N S 42  
ASN C      C N N 43  
ASN O      O N N 44  
ASN CB     C N N 45  
ASN CG     C N N 46  
ASN OD1    O N N 47  
ASN ND2    N N N 48  
ASN OXT    O N N 49  
ASN H      H N N 50  
ASN H2     H N N 51  
ASN HA     H N N 52  
ASN HB2    H N N 53  
ASN HB3    H N N 54  
ASN HD21   H N N 55  
ASN HD22   H N N 56  
ASN HXT    H N N 57  
DA  OP3    O N N 58  
DA  P      P N N 59  
DA  OP1    O N N 60  
DA  OP2    O N N 61  
DA  "O5'"  O N N 62  
DA  "C5'"  C N N 63  
DA  "C4'"  C N R 64  
DA  "O4'"  O N N 65  
DA  "C3'"  C N S 66  
DA  "O3'"  O N N 67  
DA  "C2'"  C N N 68  
DA  "C1'"  C N R 69  
DA  N9     N Y N 70  
DA  C8     C Y N 71  
DA  N7     N Y N 72  
DA  C5     C Y N 73  
DA  C6     C Y N 74  
DA  N6     N N N 75  
DA  N1     N Y N 76  
DA  C2     C Y N 77  
DA  N3     N Y N 78  
DA  C4     C Y N 79  
DA  HOP3   H N N 80  
DA  HOP2   H N N 81  
DA  "H5'"  H N N 82  
DA  "H5''" H N N 83  
DA  "H4'"  H N N 84  
DA  "H3'"  H N N 85  
DA  "HO3'" H N N 86  
DA  "H2'"  H N N 87  
DA  "H2''" H N N 88  
DA  "H1'"  H N N 89  
DA  H8     H N N 90  
DA  H61    H N N 91  
DA  H62    H N N 92  
DA  H2     H N N 93  
DC  OP3    O N N 94  
DC  P      P N N 95  
DC  OP1    O N N 96  
DC  OP2    O N N 97  
DC  "O5'"  O N N 98  
DC  "C5'"  C N N 99  
DC  "C4'"  C N R 100 
DC  "O4'"  O N N 101 
DC  "C3'"  C N S 102 
DC  "O3'"  O N N 103 
DC  "C2'"  C N N 104 
DC  "C1'"  C N R 105 
DC  N1     N N N 106 
DC  C2     C N N 107 
DC  O2     O N N 108 
DC  N3     N N N 109 
DC  C4     C N N 110 
DC  N4     N N N 111 
DC  C5     C N N 112 
DC  C6     C N N 113 
DC  HOP3   H N N 114 
DC  HOP2   H N N 115 
DC  "H5'"  H N N 116 
DC  "H5''" H N N 117 
DC  "H4'"  H N N 118 
DC  "H3'"  H N N 119 
DC  "HO3'" H N N 120 
DC  "H2'"  H N N 121 
DC  "H2''" H N N 122 
DC  "H1'"  H N N 123 
DC  H41    H N N 124 
DC  H42    H N N 125 
DC  H5     H N N 126 
DC  H6     H N N 127 
DG  OP3    O N N 128 
DG  P      P N N 129 
DG  OP1    O N N 130 
DG  OP2    O N N 131 
DG  "O5'"  O N N 132 
DG  "C5'"  C N N 133 
DG  "C4'"  C N R 134 
DG  "O4'"  O N N 135 
DG  "C3'"  C N S 136 
DG  "O3'"  O N N 137 
DG  "C2'"  C N N 138 
DG  "C1'"  C N R 139 
DG  N9     N Y N 140 
DG  C8     C Y N 141 
DG  N7     N Y N 142 
DG  C5     C Y N 143 
DG  C6     C N N 144 
DG  O6     O N N 145 
DG  N1     N N N 146 
DG  C2     C N N 147 
DG  N2     N N N 148 
DG  N3     N N N 149 
DG  C4     C Y N 150 
DG  HOP3   H N N 151 
DG  HOP2   H N N 152 
DG  "H5'"  H N N 153 
DG  "H5''" H N N 154 
DG  "H4'"  H N N 155 
DG  "H3'"  H N N 156 
DG  "HO3'" H N N 157 
DG  "H2'"  H N N 158 
DG  "H2''" H N N 159 
DG  "H1'"  H N N 160 
DG  H8     H N N 161 
DG  H1     H N N 162 
DG  H21    H N N 163 
DG  H22    H N N 164 
DT  OP3    O N N 165 
DT  P      P N N 166 
DT  OP1    O N N 167 
DT  OP2    O N N 168 
DT  "O5'"  O N N 169 
DT  "C5'"  C N N 170 
DT  "C4'"  C N R 171 
DT  "O4'"  O N N 172 
DT  "C3'"  C N S 173 
DT  "O3'"  O N N 174 
DT  "C2'"  C N N 175 
DT  "C1'"  C N R 176 
DT  N1     N N N 177 
DT  C2     C N N 178 
DT  O2     O N N 179 
DT  N3     N N N 180 
DT  C4     C N N 181 
DT  O4     O N N 182 
DT  C5     C N N 183 
DT  C7     C N N 184 
DT  C6     C N N 185 
DT  HOP3   H N N 186 
DT  HOP2   H N N 187 
DT  "H5'"  H N N 188 
DT  "H5''" H N N 189 
DT  "H4'"  H N N 190 
DT  "H3'"  H N N 191 
DT  "HO3'" H N N 192 
DT  "H2'"  H N N 193 
DT  "H2''" H N N 194 
DT  "H1'"  H N N 195 
DT  H3     H N N 196 
DT  H71    H N N 197 
DT  H72    H N N 198 
DT  H73    H N N 199 
DT  H6     H N N 200 
GLN N      N N N 201 
GLN CA     C N S 202 
GLN C      C N N 203 
GLN O      O N N 204 
GLN CB     C N N 205 
GLN CG     C N N 206 
GLN CD     C N N 207 
GLN OE1    O N N 208 
GLN NE2    N N N 209 
GLN OXT    O N N 210 
GLN H      H N N 211 
GLN H2     H N N 212 
GLN HA     H N N 213 
GLN HB2    H N N 214 
GLN HB3    H N N 215 
GLN HG2    H N N 216 
GLN HG3    H N N 217 
GLN HE21   H N N 218 
GLN HE22   H N N 219 
GLN HXT    H N N 220 
GLU N      N N N 221 
GLU CA     C N S 222 
GLU C      C N N 223 
GLU O      O N N 224 
GLU CB     C N N 225 
GLU CG     C N N 226 
GLU CD     C N N 227 
GLU OE1    O N N 228 
GLU OE2    O N N 229 
GLU OXT    O N N 230 
GLU H      H N N 231 
GLU H2     H N N 232 
GLU HA     H N N 233 
GLU HB2    H N N 234 
GLU HB3    H N N 235 
GLU HG2    H N N 236 
GLU HG3    H N N 237 
GLU HE2    H N N 238 
GLU HXT    H N N 239 
HIS N      N N N 240 
HIS CA     C N S 241 
HIS C      C N N 242 
HIS O      O N N 243 
HIS CB     C N N 244 
HIS CG     C Y N 245 
HIS ND1    N Y N 246 
HIS CD2    C Y N 247 
HIS CE1    C Y N 248 
HIS NE2    N Y N 249 
HIS OXT    O N N 250 
HIS H      H N N 251 
HIS H2     H N N 252 
HIS HA     H N N 253 
HIS HB2    H N N 254 
HIS HB3    H N N 255 
HIS HD1    H N N 256 
HIS HD2    H N N 257 
HIS HE1    H N N 258 
HIS HE2    H N N 259 
HIS HXT    H N N 260 
HOH O      O N N 261 
HOH H1     H N N 262 
HOH H2     H N N 263 
ILE N      N N N 264 
ILE CA     C N S 265 
ILE C      C N N 266 
ILE O      O N N 267 
ILE CB     C N S 268 
ILE CG1    C N N 269 
ILE CG2    C N N 270 
ILE CD1    C N N 271 
ILE OXT    O N N 272 
ILE H      H N N 273 
ILE H2     H N N 274 
ILE HA     H N N 275 
ILE HB     H N N 276 
ILE HG12   H N N 277 
ILE HG13   H N N 278 
ILE HG21   H N N 279 
ILE HG22   H N N 280 
ILE HG23   H N N 281 
ILE HD11   H N N 282 
ILE HD12   H N N 283 
ILE HD13   H N N 284 
ILE HXT    H N N 285 
LEU N      N N N 286 
LEU CA     C N S 287 
LEU C      C N N 288 
LEU O      O N N 289 
LEU CB     C N N 290 
LEU CG     C N N 291 
LEU CD1    C N N 292 
LEU CD2    C N N 293 
LEU OXT    O N N 294 
LEU H      H N N 295 
LEU H2     H N N 296 
LEU HA     H N N 297 
LEU HB2    H N N 298 
LEU HB3    H N N 299 
LEU HG     H N N 300 
LEU HD11   H N N 301 
LEU HD12   H N N 302 
LEU HD13   H N N 303 
LEU HD21   H N N 304 
LEU HD22   H N N 305 
LEU HD23   H N N 306 
LEU HXT    H N N 307 
LYS N      N N N 308 
LYS CA     C N S 309 
LYS C      C N N 310 
LYS O      O N N 311 
LYS CB     C N N 312 
LYS CG     C N N 313 
LYS CD     C N N 314 
LYS CE     C N N 315 
LYS NZ     N N N 316 
LYS OXT    O N N 317 
LYS H      H N N 318 
LYS H2     H N N 319 
LYS HA     H N N 320 
LYS HB2    H N N 321 
LYS HB3    H N N 322 
LYS HG2    H N N 323 
LYS HG3    H N N 324 
LYS HD2    H N N 325 
LYS HD3    H N N 326 
LYS HE2    H N N 327 
LYS HE3    H N N 328 
LYS HZ1    H N N 329 
LYS HZ2    H N N 330 
LYS HZ3    H N N 331 
LYS HXT    H N N 332 
MET N      N N N 333 
MET CA     C N S 334 
MET C      C N N 335 
MET O      O N N 336 
MET CB     C N N 337 
MET CG     C N N 338 
MET SD     S N N 339 
MET CE     C N N 340 
MET OXT    O N N 341 
MET H      H N N 342 
MET H2     H N N 343 
MET HA     H N N 344 
MET HB2    H N N 345 
MET HB3    H N N 346 
MET HG2    H N N 347 
MET HG3    H N N 348 
MET HE1    H N N 349 
MET HE2    H N N 350 
MET HE3    H N N 351 
MET HXT    H N N 352 
PRO N      N N N 353 
PRO CA     C N S 354 
PRO C      C N N 355 
PRO O      O N N 356 
PRO CB     C N N 357 
PRO CG     C N N 358 
PRO CD     C N N 359 
PRO OXT    O N N 360 
PRO H      H N N 361 
PRO HA     H N N 362 
PRO HB2    H N N 363 
PRO HB3    H N N 364 
PRO HG2    H N N 365 
PRO HG3    H N N 366 
PRO HD2    H N N 367 
PRO HD3    H N N 368 
PRO HXT    H N N 369 
SER N      N N N 370 
SER CA     C N S 371 
SER C      C N N 372 
SER O      O N N 373 
SER CB     C N N 374 
SER OG     O N N 375 
SER OXT    O N N 376 
SER H      H N N 377 
SER H2     H N N 378 
SER HA     H N N 379 
SER HB2    H N N 380 
SER HB3    H N N 381 
SER HG     H N N 382 
SER HXT    H N N 383 
THR N      N N N 384 
THR CA     C N S 385 
THR C      C N N 386 
THR O      O N N 387 
THR CB     C N R 388 
THR OG1    O N N 389 
THR CG2    C N N 390 
THR OXT    O N N 391 
THR H      H N N 392 
THR H2     H N N 393 
THR HA     H N N 394 
THR HB     H N N 395 
THR HG1    H N N 396 
THR HG21   H N N 397 
THR HG22   H N N 398 
THR HG23   H N N 399 
THR HXT    H N N 400 
TYR N      N N N 401 
TYR CA     C N S 402 
TYR C      C N N 403 
TYR O      O N N 404 
TYR CB     C N N 405 
TYR CG     C Y N 406 
TYR CD1    C Y N 407 
TYR CD2    C Y N 408 
TYR CE1    C Y N 409 
TYR CE2    C Y N 410 
TYR CZ     C Y N 411 
TYR OH     O N N 412 
TYR OXT    O N N 413 
TYR H      H N N 414 
TYR H2     H N N 415 
TYR HA     H N N 416 
TYR HB2    H N N 417 
TYR HB3    H N N 418 
TYR HD1    H N N 419 
TYR HD2    H N N 420 
TYR HE1    H N N 421 
TYR HE2    H N N 422 
TYR HH     H N N 423 
TYR HXT    H N N 424 
# 
loop_
_chem_comp_bond.comp_id 
_chem_comp_bond.atom_id_1 
_chem_comp_bond.atom_id_2 
_chem_comp_bond.value_order 
_chem_comp_bond.pdbx_aromatic_flag 
_chem_comp_bond.pdbx_stereo_config 
_chem_comp_bond.pdbx_ordinal 
ALA N     CA     sing N N 1   
ALA N     H      sing N N 2   
ALA N     H2     sing N N 3   
ALA CA    C      sing N N 4   
ALA CA    CB     sing N N 5   
ALA CA    HA     sing N N 6   
ALA C     O      doub N N 7   
ALA C     OXT    sing N N 8   
ALA CB    HB1    sing N N 9   
ALA CB    HB2    sing N N 10  
ALA CB    HB3    sing N N 11  
ALA OXT   HXT    sing N N 12  
ARG N     CA     sing N N 13  
ARG N     H      sing N N 14  
ARG N     H2     sing N N 15  
ARG CA    C      sing N N 16  
ARG CA    CB     sing N N 17  
ARG CA    HA     sing N N 18  
ARG C     O      doub N N 19  
ARG C     OXT    sing N N 20  
ARG CB    CG     sing N N 21  
ARG CB    HB2    sing N N 22  
ARG CB    HB3    sing N N 23  
ARG CG    CD     sing N N 24  
ARG CG    HG2    sing N N 25  
ARG CG    HG3    sing N N 26  
ARG CD    NE     sing N N 27  
ARG CD    HD2    sing N N 28  
ARG CD    HD3    sing N N 29  
ARG NE    CZ     sing N N 30  
ARG NE    HE     sing N N 31  
ARG CZ    NH1    sing N N 32  
ARG CZ    NH2    doub N N 33  
ARG NH1   HH11   sing N N 34  
ARG NH1   HH12   sing N N 35  
ARG NH2   HH21   sing N N 36  
ARG NH2   HH22   sing N N 37  
ARG OXT   HXT    sing N N 38  
ASN N     CA     sing N N 39  
ASN N     H      sing N N 40  
ASN N     H2     sing N N 41  
ASN CA    C      sing N N 42  
ASN CA    CB     sing N N 43  
ASN CA    HA     sing N N 44  
ASN C     O      doub N N 45  
ASN C     OXT    sing N N 46  
ASN CB    CG     sing N N 47  
ASN CB    HB2    sing N N 48  
ASN CB    HB3    sing N N 49  
ASN CG    OD1    doub N N 50  
ASN CG    ND2    sing N N 51  
ASN ND2   HD21   sing N N 52  
ASN ND2   HD22   sing N N 53  
ASN OXT   HXT    sing N N 54  
DA  OP3   P      sing N N 55  
DA  OP3   HOP3   sing N N 56  
DA  P     OP1    doub N N 57  
DA  P     OP2    sing N N 58  
DA  P     "O5'"  sing N N 59  
DA  OP2   HOP2   sing N N 60  
DA  "O5'" "C5'"  sing N N 61  
DA  "C5'" "C4'"  sing N N 62  
DA  "C5'" "H5'"  sing N N 63  
DA  "C5'" "H5''" sing N N 64  
DA  "C4'" "O4'"  sing N N 65  
DA  "C4'" "C3'"  sing N N 66  
DA  "C4'" "H4'"  sing N N 67  
DA  "O4'" "C1'"  sing N N 68  
DA  "C3'" "O3'"  sing N N 69  
DA  "C3'" "C2'"  sing N N 70  
DA  "C3'" "H3'"  sing N N 71  
DA  "O3'" "HO3'" sing N N 72  
DA  "C2'" "C1'"  sing N N 73  
DA  "C2'" "H2'"  sing N N 74  
DA  "C2'" "H2''" sing N N 75  
DA  "C1'" N9     sing N N 76  
DA  "C1'" "H1'"  sing N N 77  
DA  N9    C8     sing Y N 78  
DA  N9    C4     sing Y N 79  
DA  C8    N7     doub Y N 80  
DA  C8    H8     sing N N 81  
DA  N7    C5     sing Y N 82  
DA  C5    C6     sing Y N 83  
DA  C5    C4     doub Y N 84  
DA  C6    N6     sing N N 85  
DA  C6    N1     doub Y N 86  
DA  N6    H61    sing N N 87  
DA  N6    H62    sing N N 88  
DA  N1    C2     sing Y N 89  
DA  C2    N3     doub Y N 90  
DA  C2    H2     sing N N 91  
DA  N3    C4     sing Y N 92  
DC  OP3   P      sing N N 93  
DC  OP3   HOP3   sing N N 94  
DC  P     OP1    doub N N 95  
DC  P     OP2    sing N N 96  
DC  P     "O5'"  sing N N 97  
DC  OP2   HOP2   sing N N 98  
DC  "O5'" "C5'"  sing N N 99  
DC  "C5'" "C4'"  sing N N 100 
DC  "C5'" "H5'"  sing N N 101 
DC  "C5'" "H5''" sing N N 102 
DC  "C4'" "O4'"  sing N N 103 
DC  "C4'" "C3'"  sing N N 104 
DC  "C4'" "H4'"  sing N N 105 
DC  "O4'" "C1'"  sing N N 106 
DC  "C3'" "O3'"  sing N N 107 
DC  "C3'" "C2'"  sing N N 108 
DC  "C3'" "H3'"  sing N N 109 
DC  "O3'" "HO3'" sing N N 110 
DC  "C2'" "C1'"  sing N N 111 
DC  "C2'" "H2'"  sing N N 112 
DC  "C2'" "H2''" sing N N 113 
DC  "C1'" N1     sing N N 114 
DC  "C1'" "H1'"  sing N N 115 
DC  N1    C2     sing N N 116 
DC  N1    C6     sing N N 117 
DC  C2    O2     doub N N 118 
DC  C2    N3     sing N N 119 
DC  N3    C4     doub N N 120 
DC  C4    N4     sing N N 121 
DC  C4    C5     sing N N 122 
DC  N4    H41    sing N N 123 
DC  N4    H42    sing N N 124 
DC  C5    C6     doub N N 125 
DC  C5    H5     sing N N 126 
DC  C6    H6     sing N N 127 
DG  OP3   P      sing N N 128 
DG  OP3   HOP3   sing N N 129 
DG  P     OP1    doub N N 130 
DG  P     OP2    sing N N 131 
DG  P     "O5'"  sing N N 132 
DG  OP2   HOP2   sing N N 133 
DG  "O5'" "C5'"  sing N N 134 
DG  "C5'" "C4'"  sing N N 135 
DG  "C5'" "H5'"  sing N N 136 
DG  "C5'" "H5''" sing N N 137 
DG  "C4'" "O4'"  sing N N 138 
DG  "C4'" "C3'"  sing N N 139 
DG  "C4'" "H4'"  sing N N 140 
DG  "O4'" "C1'"  sing N N 141 
DG  "C3'" "O3'"  sing N N 142 
DG  "C3'" "C2'"  sing N N 143 
DG  "C3'" "H3'"  sing N N 144 
DG  "O3'" "HO3'" sing N N 145 
DG  "C2'" "C1'"  sing N N 146 
DG  "C2'" "H2'"  sing N N 147 
DG  "C2'" "H2''" sing N N 148 
DG  "C1'" N9     sing N N 149 
DG  "C1'" "H1'"  sing N N 150 
DG  N9    C8     sing Y N 151 
DG  N9    C4     sing Y N 152 
DG  C8    N7     doub Y N 153 
DG  C8    H8     sing N N 154 
DG  N7    C5     sing Y N 155 
DG  C5    C6     sing N N 156 
DG  C5    C4     doub Y N 157 
DG  C6    O6     doub N N 158 
DG  C6    N1     sing N N 159 
DG  N1    C2     sing N N 160 
DG  N1    H1     sing N N 161 
DG  C2    N2     sing N N 162 
DG  C2    N3     doub N N 163 
DG  N2    H21    sing N N 164 
DG  N2    H22    sing N N 165 
DG  N3    C4     sing N N 166 
DT  OP3   P      sing N N 167 
DT  OP3   HOP3   sing N N 168 
DT  P     OP1    doub N N 169 
DT  P     OP2    sing N N 170 
DT  P     "O5'"  sing N N 171 
DT  OP2   HOP2   sing N N 172 
DT  "O5'" "C5'"  sing N N 173 
DT  "C5'" "C4'"  sing N N 174 
DT  "C5'" "H5'"  sing N N 175 
DT  "C5'" "H5''" sing N N 176 
DT  "C4'" "O4'"  sing N N 177 
DT  "C4'" "C3'"  sing N N 178 
DT  "C4'" "H4'"  sing N N 179 
DT  "O4'" "C1'"  sing N N 180 
DT  "C3'" "O3'"  sing N N 181 
DT  "C3'" "C2'"  sing N N 182 
DT  "C3'" "H3'"  sing N N 183 
DT  "O3'" "HO3'" sing N N 184 
DT  "C2'" "C1'"  sing N N 185 
DT  "C2'" "H2'"  sing N N 186 
DT  "C2'" "H2''" sing N N 187 
DT  "C1'" N1     sing N N 188 
DT  "C1'" "H1'"  sing N N 189 
DT  N1    C2     sing N N 190 
DT  N1    C6     sing N N 191 
DT  C2    O2     doub N N 192 
DT  C2    N3     sing N N 193 
DT  N3    C4     sing N N 194 
DT  N3    H3     sing N N 195 
DT  C4    O4     doub N N 196 
DT  C4    C5     sing N N 197 
DT  C5    C7     sing N N 198 
DT  C5    C6     doub N N 199 
DT  C7    H71    sing N N 200 
DT  C7    H72    sing N N 201 
DT  C7    H73    sing N N 202 
DT  C6    H6     sing N N 203 
GLN N     CA     sing N N 204 
GLN N     H      sing N N 205 
GLN N     H2     sing N N 206 
GLN CA    C      sing N N 207 
GLN CA    CB     sing N N 208 
GLN CA    HA     sing N N 209 
GLN C     O      doub N N 210 
GLN C     OXT    sing N N 211 
GLN CB    CG     sing N N 212 
GLN CB    HB2    sing N N 213 
GLN CB    HB3    sing N N 214 
GLN CG    CD     sing N N 215 
GLN CG    HG2    sing N N 216 
GLN CG    HG3    sing N N 217 
GLN CD    OE1    doub N N 218 
GLN CD    NE2    sing N N 219 
GLN NE2   HE21   sing N N 220 
GLN NE2   HE22   sing N N 221 
GLN OXT   HXT    sing N N 222 
GLU N     CA     sing N N 223 
GLU N     H      sing N N 224 
GLU N     H2     sing N N 225 
GLU CA    C      sing N N 226 
GLU CA    CB     sing N N 227 
GLU CA    HA     sing N N 228 
GLU C     O      doub N N 229 
GLU C     OXT    sing N N 230 
GLU CB    CG     sing N N 231 
GLU CB    HB2    sing N N 232 
GLU CB    HB3    sing N N 233 
GLU CG    CD     sing N N 234 
GLU CG    HG2    sing N N 235 
GLU CG    HG3    sing N N 236 
GLU CD    OE1    doub N N 237 
GLU CD    OE2    sing N N 238 
GLU OE2   HE2    sing N N 239 
GLU OXT   HXT    sing N N 240 
HIS N     CA     sing N N 241 
HIS N     H      sing N N 242 
HIS N     H2     sing N N 243 
HIS CA    C      sing N N 244 
HIS CA    CB     sing N N 245 
HIS CA    HA     sing N N 246 
HIS C     O      doub N N 247 
HIS C     OXT    sing N N 248 
HIS CB    CG     sing N N 249 
HIS CB    HB2    sing N N 250 
HIS CB    HB3    sing N N 251 
HIS CG    ND1    sing Y N 252 
HIS CG    CD2    doub Y N 253 
HIS ND1   CE1    doub Y N 254 
HIS ND1   HD1    sing N N 255 
HIS CD2   NE2    sing Y N 256 
HIS CD2   HD2    sing N N 257 
HIS CE1   NE2    sing Y N 258 
HIS CE1   HE1    sing N N 259 
HIS NE2   HE2    sing N N 260 
HIS OXT   HXT    sing N N 261 
HOH O     H1     sing N N 262 
HOH O     H2     sing N N 263 
ILE N     CA     sing N N 264 
ILE N     H      sing N N 265 
ILE N     H2     sing N N 266 
ILE CA    C      sing N N 267 
ILE CA    CB     sing N N 268 
ILE CA    HA     sing N N 269 
ILE C     O      doub N N 270 
ILE C     OXT    sing N N 271 
ILE CB    CG1    sing N N 272 
ILE CB    CG2    sing N N 273 
ILE CB    HB     sing N N 274 
ILE CG1   CD1    sing N N 275 
ILE CG1   HG12   sing N N 276 
ILE CG1   HG13   sing N N 277 
ILE CG2   HG21   sing N N 278 
ILE CG2   HG22   sing N N 279 
ILE CG2   HG23   sing N N 280 
ILE CD1   HD11   sing N N 281 
ILE CD1   HD12   sing N N 282 
ILE CD1   HD13   sing N N 283 
ILE OXT   HXT    sing N N 284 
LEU N     CA     sing N N 285 
LEU N     H      sing N N 286 
LEU N     H2     sing N N 287 
LEU CA    C      sing N N 288 
LEU CA    CB     sing N N 289 
LEU CA    HA     sing N N 290 
LEU C     O      doub N N 291 
LEU C     OXT    sing N N 292 
LEU CB    CG     sing N N 293 
LEU CB    HB2    sing N N 294 
LEU CB    HB3    sing N N 295 
LEU CG    CD1    sing N N 296 
LEU CG    CD2    sing N N 297 
LEU CG    HG     sing N N 298 
LEU CD1   HD11   sing N N 299 
LEU CD1   HD12   sing N N 300 
LEU CD1   HD13   sing N N 301 
LEU CD2   HD21   sing N N 302 
LEU CD2   HD22   sing N N 303 
LEU CD2   HD23   sing N N 304 
LEU OXT   HXT    sing N N 305 
LYS N     CA     sing N N 306 
LYS N     H      sing N N 307 
LYS N     H2     sing N N 308 
LYS CA    C      sing N N 309 
LYS CA    CB     sing N N 310 
LYS CA    HA     sing N N 311 
LYS C     O      doub N N 312 
LYS C     OXT    sing N N 313 
LYS CB    CG     sing N N 314 
LYS CB    HB2    sing N N 315 
LYS CB    HB3    sing N N 316 
LYS CG    CD     sing N N 317 
LYS CG    HG2    sing N N 318 
LYS CG    HG3    sing N N 319 
LYS CD    CE     sing N N 320 
LYS CD    HD2    sing N N 321 
LYS CD    HD3    sing N N 322 
LYS CE    NZ     sing N N 323 
LYS CE    HE2    sing N N 324 
LYS CE    HE3    sing N N 325 
LYS NZ    HZ1    sing N N 326 
LYS NZ    HZ2    sing N N 327 
LYS NZ    HZ3    sing N N 328 
LYS OXT   HXT    sing N N 329 
MET N     CA     sing N N 330 
MET N     H      sing N N 331 
MET N     H2     sing N N 332 
MET CA    C      sing N N 333 
MET CA    CB     sing N N 334 
MET CA    HA     sing N N 335 
MET C     O      doub N N 336 
MET C     OXT    sing N N 337 
MET CB    CG     sing N N 338 
MET CB    HB2    sing N N 339 
MET CB    HB3    sing N N 340 
MET CG    SD     sing N N 341 
MET CG    HG2    sing N N 342 
MET CG    HG3    sing N N 343 
MET SD    CE     sing N N 344 
MET CE    HE1    sing N N 345 
MET CE    HE2    sing N N 346 
MET CE    HE3    sing N N 347 
MET OXT   HXT    sing N N 348 
PRO N     CA     sing N N 349 
PRO N     CD     sing N N 350 
PRO N     H      sing N N 351 
PRO CA    C      sing N N 352 
PRO CA    CB     sing N N 353 
PRO CA    HA     sing N N 354 
PRO C     O      doub N N 355 
PRO C     OXT    sing N N 356 
PRO CB    CG     sing N N 357 
PRO CB    HB2    sing N N 358 
PRO CB    HB3    sing N N 359 
PRO CG    CD     sing N N 360 
PRO CG    HG2    sing N N 361 
PRO CG    HG3    sing N N 362 
PRO CD    HD2    sing N N 363 
PRO CD    HD3    sing N N 364 
PRO OXT   HXT    sing N N 365 
SER N     CA     sing N N 366 
SER N     H      sing N N 367 
SER N     H2     sing N N 368 
SER CA    C      sing N N 369 
SER CA    CB     sing N N 370 
SER CA    HA     sing N N 371 
SER C     O      doub N N 372 
SER C     OXT    sing N N 373 
SER CB    OG     sing N N 374 
SER CB    HB2    sing N N 375 
SER CB    HB3    sing N N 376 
SER OG    HG     sing N N 377 
SER OXT   HXT    sing N N 378 
THR N     CA     sing N N 379 
THR N     H      sing N N 380 
THR N     H2     sing N N 381 
THR CA    C      sing N N 382 
THR CA    CB     sing N N 383 
THR CA    HA     sing N N 384 
THR C     O      doub N N 385 
THR C     OXT    sing N N 386 
THR CB    OG1    sing N N 387 
THR CB    CG2    sing N N 388 
THR CB    HB     sing N N 389 
THR OG1   HG1    sing N N 390 
THR CG2   HG21   sing N N 391 
THR CG2   HG22   sing N N 392 
THR CG2   HG23   sing N N 393 
THR OXT   HXT    sing N N 394 
TYR N     CA     sing N N 395 
TYR N     H      sing N N 396 
TYR N     H2     sing N N 397 
TYR CA    C      sing N N 398 
TYR CA    CB     sing N N 399 
TYR CA    HA     sing N N 400 
TYR C     O      doub N N 401 
TYR C     OXT    sing N N 402 
TYR CB    CG     sing N N 403 
TYR CB    HB2    sing N N 404 
TYR CB    HB3    sing N N 405 
TYR CG    CD1    doub Y N 406 
TYR CG    CD2    sing Y N 407 
TYR CD1   CE1    sing Y N 408 
TYR CD1   HD1    sing N N 409 
TYR CD2   CE2    doub Y N 410 
TYR CD2   HD2    sing N N 411 
TYR CE1   CZ     doub Y N 412 
TYR CE1   HE1    sing N N 413 
TYR CE2   CZ     sing Y N 414 
TYR CE2   HE2    sing N N 415 
TYR CZ    OH     sing N N 416 
TYR OH    HH     sing N N 417 
TYR OXT   HXT    sing N N 418 
# 
loop_
_ndb_struct_conf_na.entry_id 
_ndb_struct_conf_na.feature 
5D2S 'double helix'        
5D2S 'b-form double helix' 
# 
loop_
_ndb_struct_na_base_pair.model_number 
_ndb_struct_na_base_pair.i_label_asym_id 
_ndb_struct_na_base_pair.i_label_comp_id 
_ndb_struct_na_base_pair.i_label_seq_id 
_ndb_struct_na_base_pair.i_symmetry 
_ndb_struct_na_base_pair.j_label_asym_id 
_ndb_struct_na_base_pair.j_label_comp_id 
_ndb_struct_na_base_pair.j_label_seq_id 
_ndb_struct_na_base_pair.j_symmetry 
_ndb_struct_na_base_pair.shear 
_ndb_struct_na_base_pair.stretch 
_ndb_struct_na_base_pair.stagger 
_ndb_struct_na_base_pair.buckle 
_ndb_struct_na_base_pair.propeller 
_ndb_struct_na_base_pair.opening 
_ndb_struct_na_base_pair.pair_number 
_ndb_struct_na_base_pair.pair_name 
_ndb_struct_na_base_pair.i_auth_asym_id 
_ndb_struct_na_base_pair.i_auth_seq_id 
_ndb_struct_na_base_pair.i_PDB_ins_code 
_ndb_struct_na_base_pair.j_auth_asym_id 
_ndb_struct_na_base_pair.j_auth_seq_id 
_ndb_struct_na_base_pair.j_PDB_ins_code 
_ndb_struct_na_base_pair.hbond_type_28 
_ndb_struct_na_base_pair.hbond_type_12 
1 B DT 1  1_555 B DA 36 1_555 0.081  -0.119 0.175  -3.570  -2.541  0.210  1  B_DT-22:DA22_B B -22 ? B 22 ? 20 1 
1 B DG 2  1_555 B DC 35 1_555 0.081  -0.179 0.344  6.272   -4.510  -0.329 2  B_DG-21:DC21_B B -21 ? B 21 ? 19 1 
1 B DT 3  1_555 B DA 34 1_555 -0.331 -0.031 -0.137 11.833  -3.272  2.403  3  B_DT-20:DA20_B B -20 ? B 20 ? 20 1 
1 B DA 4  1_555 B DT 33 1_555 0.140  0.004  0.206  -2.074  -14.334 5.192  4  B_DA-19:DT19_B B -19 ? B 19 ? 20 1 
1 B DT 5  1_555 B DA 32 1_555 -0.007 -0.092 0.041  -2.679  -12.663 5.240  5  B_DT-18:DA18_B B -18 ? B 18 ? 20 1 
1 B DG 6  1_555 B DC 31 1_555 -0.187 -0.079 -0.152 -11.330 -6.381  1.316  6  B_DG-17:DC17_B B -17 ? B 17 ? 19 1 
1 B DT 7  1_555 B DA 30 1_555 0.117  0.019  0.000  -3.717  -7.030  6.320  7  B_DT-16:DA16_B B -16 ? B 16 ? 20 1 
1 B DA 8  1_555 B DT 29 1_555 0.141  -0.055 0.240  -1.773  -10.826 -1.997 8  B_DA-15:DT15_B B -15 ? B 15 ? 20 1 
1 B DT 9  1_555 B DA 28 1_555 0.100  -0.137 0.087  -1.812  -9.156  1.314  9  B_DT-14:DA14_B B -14 ? B 14 ? 20 1 
1 B DG 10 1_555 B DC 27 1_555 -0.352 -0.006 -0.321 -15.089 -3.248  0.423  10 B_DG-13:DC13_B B -13 ? B 13 ? 19 1 
1 B DT 11 1_555 B DA 26 1_555 0.024  -0.075 0.064  -3.834  -4.099  3.898  11 B_DT-12:DA12_B B -12 ? B 12 ? 20 1 
1 B DA 12 1_555 B DT 25 1_555 -0.030 -0.079 -0.004 0.482   -12.835 -0.155 12 B_DA-11:DT11_B B -11 ? B 11 ? 20 1 
1 B DT 13 1_555 B DA 24 1_555 -0.069 -0.057 0.216  -1.016  -8.669  3.202  13 B_DT-10:DA10_B B -10 ? B 10 ? 20 1 
1 B DG 14 1_555 B DC 23 1_555 -0.116 0.061  -0.106 -1.560  -10.898 -0.868 14 B_DG-9:DC9_B   B -9  ? B 9  ? 19 1 
1 B DT 15 1_555 B DA 22 1_555 0.160  0.058  -0.120 4.308   -4.920  2.678  15 B_DT-8:DA8_B   B -8  ? B 8  ? 20 1 
1 B DA 16 1_555 B DT 21 1_555 -0.086 -0.169 0.040  -0.195  -16.763 -0.856 16 B_DA-7:DT7_B   B -7  ? B 7  ? 20 1 
1 B DT 17 1_555 B DA 20 1_555 0.102  -0.036 0.020  -0.137  -9.044  3.265  17 B_DT-6:DA6_B   B -6  ? B 6  ? 20 1 
# 
loop_
_ndb_struct_na_base_pair_step.model_number 
_ndb_struct_na_base_pair_step.i_label_asym_id_1 
_ndb_struct_na_base_pair_step.i_label_comp_id_1 
_ndb_struct_na_base_pair_step.i_label_seq_id_1 
_ndb_struct_na_base_pair_step.i_symmetry_1 
_ndb_struct_na_base_pair_step.j_label_asym_id_1 
_ndb_struct_na_base_pair_step.j_label_comp_id_1 
_ndb_struct_na_base_pair_step.j_label_seq_id_1 
_ndb_struct_na_base_pair_step.j_symmetry_1 
_ndb_struct_na_base_pair_step.i_label_asym_id_2 
_ndb_struct_na_base_pair_step.i_label_comp_id_2 
_ndb_struct_na_base_pair_step.i_label_seq_id_2 
_ndb_struct_na_base_pair_step.i_symmetry_2 
_ndb_struct_na_base_pair_step.j_label_asym_id_2 
_ndb_struct_na_base_pair_step.j_label_comp_id_2 
_ndb_struct_na_base_pair_step.j_label_seq_id_2 
_ndb_struct_na_base_pair_step.j_symmetry_2 
_ndb_struct_na_base_pair_step.shift 
_ndb_struct_na_base_pair_step.slide 
_ndb_struct_na_base_pair_step.rise 
_ndb_struct_na_base_pair_step.tilt 
_ndb_struct_na_base_pair_step.roll 
_ndb_struct_na_base_pair_step.twist 
_ndb_struct_na_base_pair_step.x_displacement 
_ndb_struct_na_base_pair_step.y_displacement 
_ndb_struct_na_base_pair_step.helical_rise 
_ndb_struct_na_base_pair_step.inclination 
_ndb_struct_na_base_pair_step.tip 
_ndb_struct_na_base_pair_step.helical_twist 
_ndb_struct_na_base_pair_step.step_number 
_ndb_struct_na_base_pair_step.step_name 
_ndb_struct_na_base_pair_step.i_auth_asym_id_1 
_ndb_struct_na_base_pair_step.i_auth_seq_id_1 
_ndb_struct_na_base_pair_step.i_PDB_ins_code_1 
_ndb_struct_na_base_pair_step.j_auth_asym_id_1 
_ndb_struct_na_base_pair_step.j_auth_seq_id_1 
_ndb_struct_na_base_pair_step.j_PDB_ins_code_1 
_ndb_struct_na_base_pair_step.i_auth_asym_id_2 
_ndb_struct_na_base_pair_step.i_auth_seq_id_2 
_ndb_struct_na_base_pair_step.i_PDB_ins_code_2 
_ndb_struct_na_base_pair_step.j_auth_asym_id_2 
_ndb_struct_na_base_pair_step.j_auth_seq_id_2 
_ndb_struct_na_base_pair_step.j_PDB_ins_code_2 
1 B DT 1  1_555 B DA 36 1_555 B DG 2  1_555 B DC 35 1_555 0.625  0.117  3.040 -0.130 0.435  36.489 0.132  -1.014 3.039 0.694  
0.208  36.491 1  BB_DT-22DG-21:DC21DA22_BB B -22 ? B 22 ? B -21 ? B 21 ? 
1 B DG 2  1_555 B DC 35 1_555 B DT 3  1_555 B DA 34 1_555 -0.404 -0.580 3.201 2.388  -0.470 28.628 -1.067 1.337  3.167 -0.949 
-4.819 28.729 2  BB_DG-21DT-20:DA20DC21_BB B -21 ? B 21 ? B -20 ? B 20 ? 
1 B DT 3  1_555 B DA 34 1_555 B DA 4  1_555 B DT 33 1_555 -0.151 0.190  3.579 -3.556 -1.780 45.993 0.408  -0.140 3.571 -2.273 
4.541  46.155 3  BB_DT-20DA-19:DT19DA20_BB B -20 ? B 20 ? B -19 ? B 19 ? 
1 B DA 4  1_555 B DT 33 1_555 B DT 5  1_555 B DA 32 1_555 0.198  -0.451 3.271 0.738  -3.438 34.023 -0.220 -0.220 3.302 -5.855 
-1.256 34.199 4  BB_DA-19DT-18:DA18DT19_BB B -19 ? B 19 ? B -18 ? B 18 ? 
1 B DT 5  1_555 B DA 32 1_555 B DG 6  1_555 B DC 31 1_555 -0.143 -0.502 3.545 -0.562 2.862  37.034 -1.200 0.144  3.499 4.497  
0.883  37.145 5  BB_DT-18DG-17:DC17DA18_BB B -18 ? B 18 ? B -17 ? B 17 ? 
1 B DG 6  1_555 B DC 31 1_555 B DT 7  1_555 B DA 30 1_555 -0.119 -0.416 3.089 -1.181 3.567  28.351 -1.600 -0.011 3.017 7.242  
2.398  28.594 6  BB_DG-17DT-16:DA16DC17_BB B -17 ? B 17 ? B -16 ? B 16 ? 
1 B DT 7  1_555 B DA 30 1_555 B DA 8  1_555 B DT 29 1_555 -1.765 0.670  3.219 -7.529 -3.937 38.685 1.463  1.701  3.408 -5.857 
11.201 39.572 7  BB_DT-16DA-15:DT15DA16_BB B -16 ? B 16 ? B -15 ? B 15 ? 
1 B DA 8  1_555 B DT 29 1_555 B DT 9  1_555 B DA 28 1_555 0.650  -0.598 3.386 0.749  -5.818 33.957 -0.056 -0.974 3.451 -9.871 
-1.271 34.445 8  BB_DA-15DT-14:DA14DT15_BB B -15 ? B 15 ? B -14 ? B 14 ? 
1 B DT 9  1_555 B DA 28 1_555 B DG 10 1_555 B DC 27 1_555 0.483  -0.643 3.707 3.039  3.066  35.043 -1.573 -0.287 3.667 5.069  
-5.024 35.300 9  BB_DT-14DG-13:DC13DA14_BB B -14 ? B 14 ? B -13 ? B 13 ? 
1 B DG 10 1_555 B DC 27 1_555 B DT 11 1_555 B DA 26 1_555 -0.445 -0.598 3.110 -0.794 0.903  28.806 -1.393 0.725  3.101 1.814  
1.596  28.831 10 BB_DG-13DT-12:DA12DC13_BB B -13 ? B 13 ? B -12 ? B 12 ? 
1 B DT 11 1_555 B DA 26 1_555 B DA 12 1_555 B DT 25 1_555 -1.189 0.871  3.278 -4.098 -4.950 40.920 1.763  1.242  3.255 -7.028 
5.818  41.401 11 BB_DT-12DA-11:DT11DA12_BB B -12 ? B 12 ? B -11 ? B 11 ? 
1 B DA 12 1_555 B DT 25 1_555 B DT 13 1_555 B DA 24 1_555 0.609  -0.437 3.330 -1.548 -3.278 32.525 -0.199 -1.354 3.326 -5.830 
2.754  32.721 12 BB_DA-11DT-10:DA10DT11_BB B -11 ? B 11 ? B -10 ? B 10 ? 
1 B DT 13 1_555 B DA 24 1_555 B DG 14 1_555 B DC 23 1_555 0.068  -0.263 3.390 1.374  5.754  36.311 -1.225 0.085  3.312 9.158  
-2.186 36.774 13 BB_DT-10DG-9:DC9DA10_BB   B -10 ? B 10 ? B -9  ? B 9  ? 
1 B DG 14 1_555 B DC 23 1_555 B DT 15 1_555 B DA 22 1_555 -0.081 -0.610 3.122 -0.562 1.746  29.212 -1.566 0.044  3.082 3.457  
1.113  29.268 14 BB_DG-9DT-8:DA8DC9_BB     B -9  ? B 9  ? B -8  ? B 8  ? 
1 B DT 15 1_555 B DA 22 1_555 B DA 16 1_555 B DT 21 1_555 -1.710 0.891  3.375 -5.997 -1.353 35.608 1.642  1.851  3.571 -2.192 
9.717  36.117 15 BB_DT-8DA-7:DT7DA8_BB     B -8  ? B 8  ? B -7  ? B 7  ? 
1 B DA 16 1_555 B DT 21 1_555 B DT 17 1_555 B DA 20 1_555 0.581  -0.352 3.341 0.410  -5.869 36.320 0.267  -0.863 3.361 -9.339 
-0.653 36.778 16 BB_DA-7DT-6:DA6DT7_BB     B -7  ? B 7  ? B -6  ? B 6  ? 
# 
_atom_sites.entry_id                    5D2S 
_atom_sites.fract_transf_matrix[1][1]   -0.01896132 
_atom_sites.fract_transf_matrix[1][2]   -0.00453890 
_atom_sites.fract_transf_matrix[1][3]   -0.01166859 
_atom_sites.fract_transf_matrix[2][1]   -0.01250805 
_atom_sites.fract_transf_matrix[2][2]   0.00593104 
_atom_sites.fract_transf_matrix[2][3]   0.01801835 
_atom_sites.fract_transf_matrix[3][1]   -0.00010241 
_atom_sites.fract_transf_matrix[3][2]   0.00397042 
_atom_sites.fract_transf_matrix[3][3]   -0.00137802 
_atom_sites.fract_transf_vector[1]      -0.500021 
_atom_sites.fract_transf_vector[2]      0.104460 
_atom_sites.fract_transf_vector[3]      -0.011353 
# 
loop_
_atom_type.symbol 
C 
N 
O 
P 
S 
# 
loop_
_atom_site.group_PDB 
_atom_site.id 
_atom_site.type_symbol 
_atom_site.label_atom_id 
_atom_site.label_alt_id 
_atom_site.label_comp_id 
_atom_site.label_asym_id 
_atom_site.label_entity_id 
_atom_site.label_seq_id 
_atom_site.pdbx_PDB_ins_code 
_atom_site.Cartn_x 
_atom_site.Cartn_y 
_atom_site.Cartn_z 
_atom_site.occupancy 
_atom_site.B_iso_or_equiv 
_atom_site.pdbx_formal_charge 
_atom_site.auth_seq_id 
_atom_site.auth_comp_id 
_atom_site.auth_asym_id 
_atom_site.auth_atom_id 
_atom_site.pdbx_PDB_model_num 
ATOM   1    N N     . GLU A 1 8  ? 12.527  21.294  -19.393 1.00 57.19 ? 99  GLU A N     1 
ATOM   2    C CA    . GLU A 1 8  ? 12.616  21.611  -17.911 1.00 56.65 ? 99  GLU A CA    1 
ATOM   3    C C     . GLU A 1 8  ? 13.803  20.856  -17.287 1.00 49.12 ? 99  GLU A C     1 
ATOM   4    O O     . GLU A 1 8  ? 13.945  19.682  -17.524 1.00 53.36 ? 99  GLU A O     1 
ATOM   5    C CB    . GLU A 1 8  ? 11.266  21.227  -17.249 1.00 63.98 ? 99  GLU A CB    1 
ATOM   6    C CG    . GLU A 1 8  ? 11.061  21.455  -15.740 1.00 59.97 ? 99  GLU A CG    1 
ATOM   7    C CD    . GLU A 1 8  ? 9.751   20.803  -15.208 1.00 56.31 ? 99  GLU A CD    1 
ATOM   8    O OE1   . GLU A 1 8  ? 9.593   19.578  -15.298 1.00 49.40 ? 99  GLU A OE1   1 
ATOM   9    O OE2   . GLU A 1 8  ? 8.864   21.493  -14.680 1.00 59.58 ? 99  GLU A OE2   1 
ATOM   10   N N     . THR A 1 9  ? 14.632  21.501  -16.484 1.00 44.04 ? 100 THR A N     1 
ATOM   11   C CA    . THR A 1 9  ? 15.714  20.787  -15.802 1.00 53.44 ? 100 THR A CA    1 
ATOM   12   C C     . THR A 1 9  ? 15.381  19.967  -14.587 1.00 52.93 ? 100 THR A C     1 
ATOM   13   O O     . THR A 1 9  ? 14.386  20.156  -13.954 1.00 44.93 ? 100 THR A O     1 
ATOM   14   C CB    . THR A 1 9  ? 16.891  21.650  -15.368 1.00 56.96 ? 100 THR A CB    1 
ATOM   15   O OG1   . THR A 1 9  ? 16.455  22.610  -14.405 1.00 69.68 ? 100 THR A OG1   1 
ATOM   16   C CG2   . THR A 1 9  ? 17.506  22.316  -16.542 1.00 50.94 ? 100 THR A CG2   1 
ATOM   17   N N     . SER A 1 10 ? 16.287  19.067  -14.267 1.00 45.68 ? 101 SER A N     1 
ATOM   18   C CA    . SER A 1 10 ? 16.093  18.115  -13.184 1.00 52.10 ? 101 SER A CA    1 
ATOM   19   C C     . SER A 1 10 ? 15.749  18.891  -11.906 1.00 56.39 ? 101 SER A C     1 
ATOM   20   O O     . SER A 1 10 ? 14.829  18.529  -11.142 1.00 52.15 ? 101 SER A O     1 
ATOM   21   C CB    . SER A 1 10 ? 17.372  17.305  -13.015 1.00 55.79 ? 101 SER A CB    1 
ATOM   22   O OG    . SER A 1 10 ? 17.245  16.381  -11.972 1.00 59.62 ? 101 SER A OG    1 
ATOM   23   N N     . GLU A 1 11 ? 16.447  20.005  -11.717 1.00 51.56 ? 102 GLU A N     1 
ATOM   24   C CA    . GLU A 1 11 ? 16.164  20.880  -10.621 1.00 58.50 ? 102 GLU A CA    1 
ATOM   25   C C     . GLU A 1 11 ? 14.749  21.541  -10.701 1.00 55.50 ? 102 GLU A C     1 
ATOM   26   O O     . GLU A 1 11 ? 14.014  21.508  -9.709  1.00 44.86 ? 102 GLU A O     1 
ATOM   27   C CB    . GLU A 1 11 ? 17.258  21.912  -10.563 1.00 66.61 ? 102 GLU A CB    1 
ATOM   28   C CG    . GLU A 1 11 ? 17.378  22.632  -9.240  1.00 75.42 ? 102 GLU A CG    1 
ATOM   29   C CD    . GLU A 1 11 ? 18.342  23.804  -9.329  1.00 81.85 ? 102 GLU A CD    1 
ATOM   30   O OE1   . GLU A 1 11 ? 18.465  24.530  -8.325  1.00 79.46 ? 102 GLU A OE1   1 
ATOM   31   O OE2   . GLU A 1 11 ? 18.970  24.003  -10.405 1.00 88.96 ? 102 GLU A OE2   1 
ATOM   32   N N     . GLU A 1 12 ? 14.362  22.062  -11.858 1.00 50.12 ? 103 GLU A N     1 
ATOM   33   C CA    . GLU A 1 12 ? 13.068  22.724  -12.053 1.00 48.25 ? 103 GLU A CA    1 
ATOM   34   C C     . GLU A 1 12 ? 11.862  21.828  -11.830 1.00 43.67 ? 103 GLU A C     1 
ATOM   35   O O     . GLU A 1 12 ? 10.807  22.254  -11.440 1.00 43.34 ? 103 GLU A O     1 
ATOM   36   C CB    . GLU A 1 12 ? 12.956  23.256  -13.466 1.00 43.63 ? 103 GLU A CB    1 
ATOM   37   C CG    . GLU A 1 12 ? 13.760  24.488  -13.729 1.00 51.00 ? 103 GLU A CG    1 
ATOM   38   C CD    . GLU A 1 12 ? 14.222  24.599  -15.158 1.00 55.62 ? 103 GLU A CD    1 
ATOM   39   O OE1   . GLU A 1 12 ? 13.460  24.291  -16.080 1.00 50.97 ? 103 GLU A OE1   1 
ATOM   40   O OE2   . GLU A 1 12 ? 15.361  25.022  -15.353 1.00 66.57 ? 103 GLU A OE2   1 
ATOM   41   N N     . ARG A 1 13 ? 12.035  20.600  -12.225 1.00 41.92 ? 104 ARG A N     1 
ATOM   42   C CA    . ARG A 1 13 ? 11.046  19.554  -12.151 1.00 46.85 ? 104 ARG A CA    1 
ATOM   43   C C     . ARG A 1 13 ? 10.855  19.221  -10.680 1.00 41.14 ? 104 ARG A C     1 
ATOM   44   O O     . ARG A 1 13 ? 9.760   19.102  -10.199 1.00 41.43 ? 104 ARG A O     1 
ATOM   45   C CB    . ARG A 1 13 ? 11.546  18.358  -12.997 1.00 44.93 ? 104 ARG A CB    1 
ATOM   46   C CG    . ARG A 1 13 ? 10.742  17.102  -12.878 1.00 51.46 ? 104 ARG A CG    1 
ATOM   47   C CD    . ARG A 1 13 ? 10.688  16.283  -14.180 1.00 52.78 ? 104 ARG A CD    1 
ATOM   48   N NE    . ARG A 1 13 ? 9.577   15.331  -14.051 1.00 52.20 ? 104 ARG A NE    1 
ATOM   49   C CZ    . ARG A 1 13 ? 9.583   14.330  -13.182 1.00 52.22 ? 104 ARG A CZ    1 
ATOM   50   N NH1   . ARG A 1 13 ? 10.651  14.117  -12.409 1.00 66.38 ? 104 ARG A NH1   1 
ATOM   51   N NH2   . ARG A 1 13 ? 8.543   13.539  -13.071 1.00 47.11 ? 104 ARG A NH2   1 
ATOM   52   N N     . ALA A 1 14 ? 11.958  19.100  -9.964  1.00 41.78 ? 105 ALA A N     1 
ATOM   53   C CA    . ALA A 1 14 ? 11.889  18.765  -8.551  1.00 45.87 ? 105 ALA A CA    1 
ATOM   54   C C     . ALA A 1 14 ? 11.154  19.866  -7.704  1.00 41.69 ? 105 ALA A C     1 
ATOM   55   O O     . ALA A 1 14 ? 10.454  19.543  -6.740  1.00 44.48 ? 105 ALA A O     1 
ATOM   56   C CB    . ALA A 1 14 ? 13.300  18.468  -8.040  1.00 47.22 ? 105 ALA A CB    1 
ATOM   57   N N     . ALA A 1 15 ? 11.288  21.130  -8.096  1.00 40.92 ? 106 ALA A N     1 
ATOM   58   C CA    . ALA A 1 15 ? 10.653  22.254  -7.404  1.00 42.56 ? 106 ALA A CA    1 
ATOM   59   C C     . ALA A 1 15 ? 9.171   22.415  -7.739  1.00 41.57 ? 106 ALA A C     1 
ATOM   60   O O     . ALA A 1 15 ? 8.339   22.935  -6.944  1.00 43.68 ? 106 ALA A O     1 
ATOM   61   C CB    . ALA A 1 15 ? 11.376  23.546  -7.772  1.00 45.19 ? 106 ALA A CB    1 
ATOM   62   N N     . ARG A 1 16 ? 8.833   22.058  -8.960  1.00 36.00 ? 107 ARG A N     1 
ATOM   63   C CA    . ARG A 1 16 ? 7.446   22.051  -9.348  1.00 34.95 ? 107 ARG A CA    1 
ATOM   64   C C     . ARG A 1 16 ? 6.744   20.956  -8.558  1.00 29.80 ? 107 ARG A C     1 
ATOM   65   O O     . ARG A 1 16 ? 5.629   21.134  -8.128  1.00 28.76 ? 107 ARG A O     1 
ATOM   66   C CB    . ARG A 1 16 ? 7.268   21.829  -10.878 1.00 33.59 ? 107 ARG A CB    1 
ATOM   67   C CG    . ARG A 1 16 ? 5.853   22.134  -11.348 1.00 33.66 ? 107 ARG A CG    1 
ATOM   68   C CD    . ARG A 1 16 ? 5.618   21.947  -12.856 1.00 37.64 ? 107 ARG A CD    1 
ATOM   69   N NE    . ARG A 1 16 ? 6.409   20.847  -13.411 1.00 36.23 ? 107 ARG A NE    1 
ATOM   70   C CZ    . ARG A 1 16 ? 5.975   19.619  -13.567 1.00 37.70 ? 107 ARG A CZ    1 
ATOM   71   N NH1   . ARG A 1 16 ? 4.719   19.279  -13.266 1.00 42.79 ? 107 ARG A NH1   1 
ATOM   72   N NH2   . ARG A 1 16 ? 6.785   18.713  -14.075 1.00 38.97 ? 107 ARG A NH2   1 
ATOM   73   N N     . LEU A 1 17 ? 7.414   19.824  -8.385  1.00 33.85 ? 108 LEU A N     1 
ATOM   74   C CA    . LEU A 1 17 ? 6.794   18.602  -7.809  1.00 34.95 ? 108 LEU A CA    1 
ATOM   75   C C     . LEU A 1 17 ? 6.760   18.722  -6.303  1.00 32.61 ? 108 LEU A C     1 
ATOM   76   O O     . LEU A 1 17 ? 5.842   18.237  -5.662  1.00 30.87 ? 108 LEU A O     1 
ATOM   77   C CB    . LEU A 1 17 ? 7.557   17.322  -8.179  1.00 39.44 ? 108 LEU A CB    1 
ATOM   78   C CG    . LEU A 1 17 ? 7.557   17.010  -9.676  1.00 44.14 ? 108 LEU A CG    1 
ATOM   79   C CD1   . LEU A 1 17 ? 8.316   15.717  -9.957  1.00 43.82 ? 108 LEU A CD1   1 
ATOM   80   C CD2   . LEU A 1 17 ? 6.143   16.951  -10.250 1.00 48.41 ? 108 LEU A CD2   1 
ATOM   81   N N     . ALA A 1 18 ? 7.689   19.456  -5.746  1.00 29.76 ? 109 ALA A N     1 
ATOM   82   C CA    . ALA A 1 18 ? 7.653   19.702  -4.321  1.00 35.11 ? 109 ALA A CA    1 
ATOM   83   C C     . ALA A 1 18 ? 6.428   20.533  -3.987  1.00 33.68 ? 109 ALA A C     1 
ATOM   84   O O     . ALA A 1 18 ? 5.761   20.232  -3.036  1.00 34.57 ? 109 ALA A O     1 
ATOM   85   C CB    . ALA A 1 18 ? 8.943   20.374  -3.855  1.00 35.84 ? 109 ALA A CB    1 
ATOM   86   N N     . LYS A 1 19 ? 6.135   21.555  -4.786  1.00 33.28 ? 110 LYS A N     1 
ATOM   87   C CA    . LYS A 1 19 ? 4.952   22.396  -4.603  1.00 33.66 ? 110 LYS A CA    1 
ATOM   88   C C     . LYS A 1 19 ? 3.686   21.622  -4.769  1.00 34.59 ? 110 LYS A C     1 
ATOM   89   O O     . LYS A 1 19 ? 2.735   21.802  -4.003  1.00 33.80 ? 110 LYS A O     1 
ATOM   90   C CB    . LYS A 1 19 ? 4.916   23.541  -5.618  1.00 38.17 ? 110 LYS A CB    1 
ATOM   91   C CG    . LYS A 1 19 ? 5.947   24.614  -5.271  1.00 44.59 ? 110 LYS A CG    1 
ATOM   92   C CD    . LYS A 1 19 ? 6.435   25.501  -6.419  1.00 46.43 ? 110 LYS A CD    1 
ATOM   93   C CE    . LYS A 1 19 ? 7.785   26.106  -6.009  1.00 56.79 ? 110 LYS A CE    1 
ATOM   94   N NZ    . LYS A 1 19 ? 8.291   27.182  -6.910  1.00 66.71 ? 110 LYS A NZ    1 
ATOM   95   N N     . MET A 1 20 ? 3.672   20.763  -5.794  1.00 32.21 ? 111 MET A N     1 
ATOM   96   C CA    . MET A 1 20 ? 2.528   19.913  -6.061  1.00 31.49 ? 111 MET A CA    1 
ATOM   97   C C     . MET A 1 20 ? 2.263   19.027  -4.850  1.00 27.79 ? 111 MET A C     1 
ATOM   98   O O     . MET A 1 20 ? 1.093   18.855  -4.459  1.00 30.80 ? 111 MET A O     1 
ATOM   99   C CB    . MET A 1 20 ? 2.786   19.024  -7.278  1.00 32.24 ? 111 MET A CB    1 
ATOM   100  C CG    . MET A 1 20 ? 1.555   18.302  -7.730  1.00 34.35 ? 111 MET A CG    1 
ATOM   101  S SD    . MET A 1 20 ? 1.875   17.287  -9.214  1.00 40.89 ? 111 MET A SD    1 
ATOM   102  C CE    . MET A 1 20 ? 1.973   18.576  -10.453 1.00 32.57 ? 111 MET A CE    1 
ATOM   103  N N     . SER A 1 21 ? 3.325   18.451  -4.288  1.00 25.97 ? 112 SER A N     1 
ATOM   104  C CA    . SER A 1 21 ? 3.204   17.606  -3.087  1.00 29.29 ? 112 SER A CA    1 
ATOM   105  C C     . SER A 1 21 ? 2.755   18.383  -1.871  1.00 27.11 ? 112 SER A C     1 
ATOM   106  O O     . SER A 1 21 ? 1.968   17.890  -1.079  1.00 31.72 ? 112 SER A O     1 
ATOM   107  C CB    . SER A 1 21 ? 4.495   16.879  -2.765  1.00 29.36 ? 112 SER A CB    1 
ATOM   108  O OG    . SER A 1 21 ? 4.534   15.746  -3.614  1.00 36.63 ? 112 SER A OG    1 
ATOM   109  N N     . ALA A 1 22 ? 3.132   19.633  -1.788  1.00 26.30 ? 113 ALA A N     1 
ATOM   110  C CA    . ALA A 1 22 ? 2.701   20.424  -0.653  1.00 29.35 ? 113 ALA A CA    1 
ATOM   111  C C     . ALA A 1 22 ? 1.200   20.706  -0.763  1.00 30.59 ? 113 ALA A C     1 
ATOM   112  O O     . ALA A 1 22 ? 0.477   20.555  0.229   1.00 28.04 ? 113 ALA A O     1 
ATOM   113  C CB    . ALA A 1 22 ? 3.537   21.708  -0.543  1.00 29.01 ? 113 ALA A CB    1 
ATOM   114  N N     . TYR A 1 23 ? 0.706   21.056  -1.966  1.00 32.60 ? 114 TYR A N     1 
ATOM   115  C CA    . TYR A 1 23 ? -0.745  21.335  -2.111  1.00 31.48 ? 114 TYR A CA    1 
ATOM   116  C C     . TYR A 1 23 ? -1.532  20.073  -1.837  1.00 34.40 ? 114 TYR A C     1 
ATOM   117  O O     . TYR A 1 23 ? -2.625  20.118  -1.217  1.00 34.69 ? 114 TYR A O     1 
ATOM   118  C CB    . TYR A 1 23 ? -1.165  21.890  -3.489  1.00 31.28 ? 114 TYR A CB    1 
ATOM   119  C CG    . TYR A 1 23 ? -0.288  22.975  -4.028  1.00 34.51 ? 114 TYR A CG    1 
ATOM   120  C CD1   . TYR A 1 23 ? 0.125   24.046  -3.235  1.00 35.18 ? 114 TYR A CD1   1 
ATOM   121  C CD2   . TYR A 1 23 ? 0.119   22.955  -5.353  1.00 39.54 ? 114 TYR A CD2   1 
ATOM   122  C CE1   . TYR A 1 23 ? 0.996   25.021  -3.715  1.00 34.44 ? 114 TYR A CE1   1 
ATOM   123  C CE2   . TYR A 1 23 ? 0.943   23.978  -5.875  1.00 38.72 ? 114 TYR A CE2   1 
ATOM   124  C CZ    . TYR A 1 23 ? 1.372   25.008  -5.042  1.00 38.06 ? 114 TYR A CZ    1 
ATOM   125  O OH    . TYR A 1 23 ? 2.186   25.975  -5.565  1.00 33.52 ? 114 TYR A OH    1 
ATOM   126  N N     . ALA A 1 24 ? -1.011  18.935  -2.303  1.00 33.96 ? 115 ALA A N     1 
ATOM   127  C CA    . ALA A 1 24 ? -1.687  17.670  -1.996  1.00 35.20 ? 115 ALA A CA    1 
ATOM   128  C C     . ALA A 1 24 ? -1.731  17.510  -0.490  1.00 33.97 ? 115 ALA A C     1 
ATOM   129  O O     . ALA A 1 24 ? -2.801  17.305  0.045   1.00 35.46 ? 115 ALA A O     1 
ATOM   130  C CB    . ALA A 1 24 ? -0.981  16.486  -2.624  1.00 36.60 ? 115 ALA A CB    1 
ATOM   131  N N     . ALA A 1 25 ? -0.603  17.697  0.203   1.00 33.95 ? 116 ALA A N     1 
ATOM   132  C CA    . ALA A 1 25 ? -0.588  17.544  1.664   1.00 35.65 ? 116 ALA A CA    1 
ATOM   133  C C     . ALA A 1 25 ? -1.619  18.472  2.339   1.00 37.53 ? 116 ALA A C     1 
ATOM   134  O O     . ALA A 1 25 ? -2.290  18.058  3.294   1.00 36.62 ? 116 ALA A O     1 
ATOM   135  C CB    . ALA A 1 25 ? 0.779   17.802  2.237   1.00 34.53 ? 116 ALA A CB    1 
ATOM   136  N N     . GLN A 1 26 ? -1.762  19.706  1.892   1.00 33.63 ? 117 GLN A N     1 
ATOM   137  C CA    . GLN A 1 26 ? -2.748  20.593  2.455   1.00 38.92 ? 117 GLN A CA    1 
ATOM   138  C C     . GLN A 1 26 ? -4.165  20.125  2.230   1.00 40.78 ? 117 GLN A C     1 
ATOM   139  O O     . GLN A 1 26 ? -4.976  20.181  3.093   1.00 37.41 ? 117 GLN A O     1 
ATOM   140  C CB    . GLN A 1 26 ? -2.617  21.981  1.883   1.00 44.55 ? 117 GLN A CB    1 
ATOM   141  C CG    . GLN A 1 26 ? -1.715  22.909  2.646   1.00 59.92 ? 117 GLN A CG    1 
ATOM   142  C CD    . GLN A 1 26 ? -2.277  23.318  3.975   1.00 59.87 ? 117 GLN A CD    1 
ATOM   143  O OE1   . GLN A 1 26 ? -2.283  22.552  4.921   1.00 73.12 ? 117 GLN A OE1   1 
ATOM   144  N NE2   . GLN A 1 26 ? -2.757  24.530  4.047   1.00 52.90 ? 117 GLN A NE2   1 
ATOM   145  N N     . ARG A 1 27 ? -4.434  19.663  1.039   1.00 34.26 ? 118 ARG A N     1 
ATOM   146  C CA    . ARG A 1 27 ? -5.752  19.240  0.686   1.00 35.09 ? 118 ARG A CA    1 
ATOM   147  C C     . ARG A 1 27 ? -6.140  18.003  1.491   1.00 37.00 ? 118 ARG A C     1 
ATOM   148  O O     . ARG A 1 27 ? -7.297  17.865  1.944   1.00 38.42 ? 118 ARG A O     1 
ATOM   149  C CB    . ARG A 1 27 ? -5.781  19.026  -0.834  1.00 38.62 ? 118 ARG A CB    1 
ATOM   150  C CG    . ARG A 1 27 ? -6.925  18.259  -1.429  1.00 40.42 ? 118 ARG A CG    1 
ATOM   151  C CD    . ARG A 1 27 ? -6.821  18.293  -2.962  1.00 40.92 ? 118 ARG A CD    1 
ATOM   152  N NE    . ARG A 1 27 ? -5.610  17.633  -3.472  1.00 44.84 ? 118 ARG A NE    1 
ATOM   153  C CZ    . ARG A 1 27 ? -5.355  16.317  -3.337  1.00 55.73 ? 118 ARG A CZ    1 
ATOM   154  N NH1   . ARG A 1 27 ? -4.246  15.784  -3.831  1.00 51.79 ? 118 ARG A NH1   1 
ATOM   155  N NH2   . ARG A 1 27 ? -6.201  15.486  -2.724  1.00 56.87 ? 118 ARG A NH2   1 
ATOM   156  N N     . LEU A 1 28 ? -5.193  17.134  1.751   1.00 34.54 ? 119 LEU A N     1 
ATOM   157  C CA    . LEU A 1 28 ? -5.513  15.938  2.510   1.00 35.87 ? 119 LEU A CA    1 
ATOM   158  C C     . LEU A 1 28 ? -5.735  16.258  3.969   1.00 37.53 ? 119 LEU A C     1 
ATOM   159  O O     . LEU A 1 28 ? -6.595  15.672  4.598   1.00 40.73 ? 119 LEU A O     1 
ATOM   160  C CB    . LEU A 1 28 ? -4.410  14.933  2.401   1.00 36.55 ? 119 LEU A CB    1 
ATOM   161  C CG    . LEU A 1 28 ? -4.289  14.233  1.060   1.00 36.45 ? 119 LEU A CG    1 
ATOM   162  C CD1   . LEU A 1 28 ? -3.018  13.385  1.133   1.00 38.49 ? 119 LEU A CD1   1 
ATOM   163  C CD2   . LEU A 1 28 ? -5.496  13.361  0.814   1.00 36.90 ? 119 LEU A CD2   1 
ATOM   164  N N     . ALA A 1 29 ? -4.902  17.133  4.500   1.00 34.31 ? 120 ALA A N     1 
ATOM   165  C CA    . ALA A 1 29 ? -5.020  17.594  5.840   1.00 35.08 ? 120 ALA A CA    1 
ATOM   166  C C     . ALA A 1 29 ? -6.323  18.369  6.067   1.00 40.72 ? 120 ALA A C     1 
ATOM   167  O O     . ALA A 1 29 ? -6.789  18.419  7.179   1.00 44.29 ? 120 ALA A O     1 
ATOM   168  C CB    . ALA A 1 29 ? -3.868  18.499  6.164   1.00 35.68 ? 120 ALA A CB    1 
ATOM   169  N N     . ASN A 1 30 ? -6.906  18.947  5.030   1.00 39.02 ? 121 ASN A N     1 
ATOM   170  C CA    . ASN A 1 30 ? -8.210  19.606  5.111   1.00 43.77 ? 121 ASN A CA    1 
ATOM   171  C C     . ASN A 1 30 ? -9.416  18.739  4.882   1.00 41.29 ? 121 ASN A C     1 
ATOM   172  O O     . ASN A 1 30 ? -10.501 19.239  4.986   1.00 44.07 ? 121 ASN A O     1 
ATOM   173  C CB    . ASN A 1 30 ? -8.278  20.787  4.107   1.00 45.30 ? 121 ASN A CB    1 
ATOM   174  C CG    . ASN A 1 30 ? -7.433  21.955  4.564   1.00 49.84 ? 121 ASN A CG    1 
ATOM   175  O OD1   . ASN A 1 30 ? -7.262  22.134  5.753   1.00 46.20 ? 121 ASN A OD1   1 
ATOM   176  N ND2   . ASN A 1 30 ? -6.870  22.727  3.628   1.00 47.57 ? 121 ASN A ND2   1 
ATOM   177  N N     . GLU A 1 31 ? -9.245  17.464  4.569   1.00 37.18 ? 122 GLU A N     1 
ATOM   178  C CA    . GLU A 1 31 ? -10.370 16.615  4.211   1.00 38.34 ? 122 GLU A CA    1 
ATOM   179  C C     . GLU A 1 31 ? -11.129 16.372  5.475   1.00 38.14 ? 122 GLU A C     1 
ATOM   180  O O     . GLU A 1 31 ? -10.496 16.201  6.493   1.00 41.70 ? 122 GLU A O     1 
ATOM   181  C CB    . GLU A 1 31 ? -9.891  15.210  3.734   1.00 34.91 ? 122 GLU A CB    1 
ATOM   182  C CG    . GLU A 1 31 ? -9.393  15.143  2.307   1.00 37.09 ? 122 GLU A CG    1 
ATOM   183  C CD    . GLU A 1 31 ? -9.192  13.733  1.798   1.00 37.97 ? 122 GLU A CD    1 
ATOM   184  O OE1   . GLU A 1 31 ? -8.701  12.843  2.552   1.00 39.61 ? 122 GLU A OE1   1 
ATOM   185  O OE2   . GLU A 1 31 ? -9.542  13.514  0.611   1.00 43.07 ? 122 GLU A OE2   1 
ATOM   186  N N     . SER A 1 32 ? -12.442 16.202  5.412   1.00 39.25 ? 123 SER A N     1 
ATOM   187  C CA    . SER A 1 32 ? -13.191 15.625  6.536   1.00 38.05 ? 123 SER A CA    1 
ATOM   188  C C     . SER A 1 32 ? -13.061 14.111  6.585   1.00 40.56 ? 123 SER A C     1 
ATOM   189  O O     . SER A 1 32 ? -12.631 13.500  5.648   1.00 36.60 ? 123 SER A O     1 
ATOM   190  C CB    . SER A 1 32 ? -14.643 15.971  6.377   1.00 43.88 ? 123 SER A CB    1 
ATOM   191  O OG    . SER A 1 32 ? -15.202 15.330  5.252   1.00 41.83 ? 123 SER A OG    1 
ATOM   192  N N     . PRO A 1 33 ? -13.452 13.478  7.689   1.00 45.43 ? 124 PRO A N     1 
ATOM   193  C CA    . PRO A 1 33 ? -13.357 11.994  7.628   1.00 48.99 ? 124 PRO A CA    1 
ATOM   194  C C     . PRO A 1 33 ? -14.244 11.315  6.549   1.00 48.74 ? 124 PRO A C     1 
ATOM   195  O O     . PRO A 1 33 ? -13.961 10.121  6.138   1.00 35.46 ? 124 PRO A O     1 
ATOM   196  C CB    . PRO A 1 33 ? -13.788 11.528  9.040   1.00 48.25 ? 124 PRO A CB    1 
ATOM   197  C CG    . PRO A 1 33 ? -13.630 12.747  9.922   1.00 50.61 ? 124 PRO A CG    1 
ATOM   198  C CD    . PRO A 1 33 ? -13.771 13.979  9.043   1.00 46.68 ? 124 PRO A CD    1 
ATOM   199  N N     . GLU A 1 34 ? -15.325 12.005  6.187   1.00 41.90 ? 125 GLU A N     1 
ATOM   200  C CA    . GLU A 1 34 ? -16.210 11.635  5.112   1.00 44.95 ? 125 GLU A CA    1 
ATOM   201  C C     . GLU A 1 34 ? -15.591 11.786  3.761   1.00 39.24 ? 125 GLU A C     1 
ATOM   202  O O     . GLU A 1 34 ? -15.669 10.914  2.968   1.00 35.41 ? 125 GLU A O     1 
ATOM   203  C CB    . GLU A 1 34 ? -17.454 12.516  5.121   1.00 51.35 ? 125 GLU A CB    1 
ATOM   204  C CG    . GLU A 1 34 ? -18.374 12.386  6.303   1.00 60.91 ? 125 GLU A CG    1 
ATOM   205  C CD    . GLU A 1 34 ? -17.733 12.764  7.615   1.00 63.30 ? 125 GLU A CD    1 
ATOM   206  O OE1   . GLU A 1 34 ? -17.733 11.907  8.502   1.00 56.82 ? 125 GLU A OE1   1 
ATOM   207  O OE2   . GLU A 1 34 ? -17.232 13.885  7.742   1.00 68.02 ? 125 GLU A OE2   1 
ATOM   208  N N     . GLN A 1 35 ? -14.963 12.913  3.520   1.00 36.51 ? 126 GLN A N     1 
ATOM   209  C CA    . GLN A 1 35 ? -14.167 13.085  2.282   1.00 37.82 ? 126 GLN A CA    1 
ATOM   210  C C     . GLN A 1 35 ? -13.046 12.023  2.193   1.00 37.43 ? 126 GLN A C     1 
ATOM   211  O O     . GLN A 1 35 ? -12.966 11.278  1.212   1.00 36.80 ? 126 GLN A O     1 
ATOM   212  C CB    . GLN A 1 35 ? -13.636 14.496  2.186   1.00 41.14 ? 126 GLN A CB    1 
ATOM   213  C CG    . GLN A 1 35 ? -14.767 15.489  1.916   1.00 36.16 ? 126 GLN A CG    1 
ATOM   214  C CD    . GLN A 1 35 ? -14.360 16.926  2.245   1.00 43.25 ? 126 GLN A CD    1 
ATOM   215  O OE1   . GLN A 1 35 ? -13.350 17.188  2.936   1.00 43.73 ? 126 GLN A OE1   1 
ATOM   216  N NE2   . GLN A 1 35 ? -15.133 17.881  1.736   1.00 45.78 ? 126 GLN A NE2   1 
ATOM   217  N N     . ARG A 1 36 ? -12.253 11.862  3.254   1.00 33.15 ? 127 ARG A N     1 
ATOM   218  C CA    . ARG A 1 36 ? -11.277 10.810  3.277   1.00 33.44 ? 127 ARG A CA    1 
ATOM   219  C C     . ARG A 1 36 ? -11.869 9.469   2.848   1.00 39.37 ? 127 ARG A C     1 
ATOM   220  O O     . ARG A 1 36 ? -11.386 8.849   1.906   1.00 39.58 ? 127 ARG A O     1 
ATOM   221  C CB    . ARG A 1 36 ? -10.630 10.692  4.630   1.00 36.64 ? 127 ARG A CB    1 
ATOM   222  C CG    . ARG A 1 36 ? -9.586  9.616   4.690   1.00 36.59 ? 127 ARG A CG    1 
ATOM   223  C CD    . ARG A 1 36 ? -9.009  9.514   6.084   1.00 41.77 ? 127 ARG A CD    1 
ATOM   224  N NE    . ARG A 1 36 ? -8.498  8.174   6.326   1.00 39.64 ? 127 ARG A NE    1 
ATOM   225  C CZ    . ARG A 1 36 ? -7.302  7.744   5.935   1.00 42.34 ? 127 ARG A CZ    1 
ATOM   226  N NH1   . ARG A 1 36 ? -6.950  6.504   6.184   1.00 48.77 ? 127 ARG A NH1   1 
ATOM   227  N NH2   . ARG A 1 36 ? -6.465  8.510   5.261   1.00 43.28 ? 127 ARG A NH2   1 
ATOM   228  N N     . ALA A 1 37 ? -12.903 9.005   3.547   1.00 42.16 ? 128 ALA A N     1 
ATOM   229  C CA    . ALA A 1 37 ? -13.508 7.699   3.235   1.00 43.07 ? 128 ALA A CA    1 
ATOM   230  C C     . ALA A 1 37 ? -14.121 7.561   1.810   1.00 38.77 ? 128 ALA A C     1 
ATOM   231  O O     . ALA A 1 37 ? -14.098 6.490   1.239   1.00 40.01 ? 128 ALA A O     1 
ATOM   232  C CB    . ALA A 1 37 ? -14.544 7.317   4.312   1.00 46.58 ? 128 ALA A CB    1 
ATOM   233  N N     . THR A 1 38 ? -14.653 8.639   1.259   1.00 36.96 ? 129 THR A N     1 
ATOM   234  C CA    . THR A 1 38 ? -15.097 8.672   -0.134  1.00 39.84 ? 129 THR A CA    1 
ATOM   235  C C     . THR A 1 38 ? -13.892 8.561   -1.052  1.00 42.67 ? 129 THR A C     1 
ATOM   236  O O     . THR A 1 38 ? -13.959 7.808   -2.016  1.00 47.30 ? 129 THR A O     1 
ATOM   237  C CB    . THR A 1 38 ? -15.805 9.991   -0.477  1.00 39.61 ? 129 THR A CB    1 
ATOM   238  O OG1   . THR A 1 38 ? -16.896 10.133  0.389   1.00 44.70 ? 129 THR A OG1   1 
ATOM   239  C CG2   . THR A 1 38 ? -16.337 10.045  -1.917  1.00 39.28 ? 129 THR A CG2   1 
ATOM   240  N N     . ARG A 1 39 ? -12.812 9.317   -0.783  1.00 36.21 ? 130 ARG A N     1 
ATOM   241  C CA    . ARG A 1 39 ? -11.592 9.154   -1.583  1.00 35.82 ? 130 ARG A CA    1 
ATOM   242  C C     . ARG A 1 39 ? -11.065 7.684   -1.601  1.00 35.67 ? 130 ARG A C     1 
ATOM   243  O O     . ARG A 1 39 ? -10.803 7.138   -2.629  1.00 38.10 ? 130 ARG A O     1 
ATOM   244  C CB    . ARG A 1 39 ? -10.518 10.118  -1.125  1.00 35.38 ? 130 ARG A CB    1 
ATOM   245  C CG    . ARG A 1 39 ? -9.231  10.053  -1.974  1.00 33.76 ? 130 ARG A CG    1 
ATOM   246  C CD    . ARG A 1 39 ? -8.293  11.224  -1.637  1.00 35.63 ? 130 ARG A CD    1 
ATOM   247  N NE    . ARG A 1 39 ? -8.151  11.338  -0.191  1.00 31.05 ? 130 ARG A NE    1 
ATOM   248  C CZ    . ARG A 1 39 ? -7.326  10.586  0.541   1.00 34.77 ? 130 ARG A CZ    1 
ATOM   249  N NH1   . ARG A 1 39 ? -6.511  9.680   -0.029  1.00 33.94 ? 130 ARG A NH1   1 
ATOM   250  N NH2   . ARG A 1 39 ? -7.274  10.766  1.858   1.00 36.03 ? 130 ARG A NH2   1 
ATOM   251  N N     . LEU A 1 40 ? -10.966 7.047   -0.447  1.00 33.46 ? 131 LEU A N     1 
ATOM   252  C CA    . LEU A 1 40 ? -10.462 5.734   -0.354  1.00 36.30 ? 131 LEU A CA    1 
ATOM   253  C C     . LEU A 1 40 ? -11.392 4.713   -1.014  1.00 41.03 ? 131 LEU A C     1 
ATOM   254  O O     . LEU A 1 40 ? -10.917 3.669   -1.514  1.00 41.08 ? 131 LEU A O     1 
ATOM   255  C CB    . LEU A 1 40 ? -10.285 5.353   1.131   1.00 39.59 ? 131 LEU A CB    1 
ATOM   256  C CG    . LEU A 1 40 ? -8.950  5.579   1.776   1.00 39.23 ? 131 LEU A CG    1 
ATOM   257  C CD1   . LEU A 1 40 ? -8.436  6.951   1.495   1.00 46.60 ? 131 LEU A CD1   1 
ATOM   258  C CD2   . LEU A 1 40 ? -9.114  5.397   3.262   1.00 44.16 ? 131 LEU A CD2   1 
ATOM   259  N N     . LYS A 1 41 ? -12.709 4.953   -0.974  1.00 45.40 ? 132 LYS A N     1 
ATOM   260  C CA    . LYS A 1 41 ? -13.640 4.074   -1.670  1.00 44.44 ? 132 LYS A CA    1 
ATOM   261  C C     . LYS A 1 41 ? -13.337 4.127   -3.173  1.00 40.25 ? 132 LYS A C     1 
ATOM   262  O O     . LYS A 1 41 ? -13.296 3.102   -3.805  1.00 43.14 ? 132 LYS A O     1 
ATOM   263  C CB    . LYS A 1 41 ? -15.105 4.431   -1.416  1.00 48.31 ? 132 LYS A CB    1 
ATOM   264  C CG    . LYS A 1 41 ? -16.119 3.499   -2.094  1.00 49.07 ? 132 LYS A CG    1 
ATOM   265  C CD    . LYS A 1 41 ? -16.760 2.463   -1.174  1.00 54.38 ? 132 LYS A CD    1 
ATOM   266  C CE    . LYS A 1 41 ? -17.810 1.594   -1.886  1.00 58.07 ? 132 LYS A CE    1 
ATOM   267  N NZ    . LYS A 1 41 ? -17.299 0.862   -3.111  1.00 59.88 ? 132 LYS A NZ    1 
ATOM   268  N N     . ARG A 1 42 ? -13.125 5.296   -3.741  1.00 40.21 ? 133 ARG A N     1 
ATOM   269  C CA    . ARG A 1 42 ? -12.793 5.400   -5.164  1.00 42.42 ? 133 ARG A CA    1 
ATOM   270  C C     . ARG A 1 42 ? -11.477 4.739   -5.510  1.00 38.45 ? 133 ARG A C     1 
ATOM   271  O O     . ARG A 1 42 ? -11.357 4.134   -6.517  1.00 36.16 ? 133 ARG A O     1 
ATOM   272  C CB    . ARG A 1 42 ? -12.745 6.828   -5.646  1.00 45.23 ? 133 ARG A CB    1 
ATOM   273  C CG    . ARG A 1 42 ? -13.994 7.634   -5.472  1.00 52.13 ? 133 ARG A CG    1 
ATOM   274  C CD    . ARG A 1 42 ? -15.037 7.298   -6.501  1.00 53.77 ? 133 ARG A CD    1 
ATOM   275  N NE    . ARG A 1 42 ? -15.902 6.259   -6.001  1.00 57.95 ? 133 ARG A NE    1 
ATOM   276  C CZ    . ARG A 1 42 ? -16.850 6.450   -5.112  1.00 60.15 ? 133 ARG A CZ    1 
ATOM   277  N NH1   . ARG A 1 42 ? -17.578 5.437   -4.714  1.00 60.90 ? 133 ARG A NH1   1 
ATOM   278  N NH2   . ARG A 1 42 ? -17.070 7.646   -4.634  1.00 63.61 ? 133 ARG A NH2   1 
ATOM   279  N N     . MET A 1 43 ? -10.502 4.858   -4.640  1.00 37.22 ? 134 MET A N     1 
ATOM   280  C CA    . MET A 1 43 ? -9.234  4.194   -4.847  1.00 44.71 ? 134 MET A CA    1 
ATOM   281  C C     . MET A 1 43 ? -9.420  2.699   -4.905  1.00 37.80 ? 134 MET A C     1 
ATOM   282  O O     . MET A 1 43 ? -8.790  2.054   -5.675  1.00 35.78 ? 134 MET A O     1 
ATOM   283  C CB    . MET A 1 43 ? -8.226  4.547   -3.762  1.00 46.13 ? 134 MET A CB    1 
ATOM   284  C CG    . MET A 1 43 ? -7.397  5.771   -4.083  1.00 52.59 ? 134 MET A CG    1 
ATOM   285  S SD    . MET A 1 43 ? -6.088  6.162   -2.934  1.00 55.83 ? 134 MET A SD    1 
ATOM   286  C CE    . MET A 1 43 ? -5.906  4.626   -2.101  1.00 50.37 ? 134 MET A CE    1 
ATOM   287  N N     . SER A 1 44 ? -10.276 2.171   -4.061  1.00 42.17 ? 135 SER A N     1 
ATOM   288  C CA    . SER A 1 44 ? -10.560 0.756   -4.044  1.00 40.96 ? 135 SER A CA    1 
ATOM   289  C C     . SER A 1 44 ? -11.196 0.299   -5.313  1.00 39.22 ? 135 SER A C     1 
ATOM   290  O O     . SER A 1 44 ? -10.829 -0.696  -5.858  1.00 34.05 ? 135 SER A O     1 
ATOM   291  C CB    . SER A 1 44 ? -11.504 0.444   -2.919  1.00 42.03 ? 135 SER A CB    1 
ATOM   292  O OG    . SER A 1 44 ? -10.759 0.186   -1.799  1.00 55.71 ? 135 SER A OG    1 
ATOM   293  N N     . GLU A 1 45 ? -12.146 1.067   -5.783  1.00 37.84 ? 136 GLU A N     1 
ATOM   294  C CA    . GLU A 1 45 ? -12.806 0.749   -7.005  1.00 39.94 ? 136 GLU A CA    1 
ATOM   295  C C     . GLU A 1 45 ? -11.869 0.807   -8.162  1.00 43.26 ? 136 GLU A C     1 
ATOM   296  O O     . GLU A 1 45 ? -11.912 -0.036  -9.005  1.00 41.26 ? 136 GLU A O     1 
ATOM   297  C CB    . GLU A 1 45 ? -13.980 1.657   -7.233  1.00 42.62 ? 136 GLU A CB    1 
ATOM   298  C CG    . GLU A 1 45 ? -14.953 1.621   -6.097  1.00 45.61 ? 136 GLU A CG    1 
ATOM   299  C CD    . GLU A 1 45 ? -16.080 2.585   -6.270  1.00 56.15 ? 136 GLU A CD    1 
ATOM   300  O OE1   . GLU A 1 45 ? -15.994 3.458   -7.149  1.00 54.75 ? 136 GLU A OE1   1 
ATOM   301  O OE2   . GLU A 1 45 ? -17.051 2.472   -5.512  1.00 57.31 ? 136 GLU A OE2   1 
ATOM   302  N N     . TYR A 1 46 ? -11.003 1.796   -8.197  1.00 40.54 ? 137 TYR A N     1 
ATOM   303  C CA    . TYR A 1 46 ? -10.117 1.910   -9.339  1.00 36.27 ? 137 TYR A CA    1 
ATOM   304  C C     . TYR A 1 46 ? -9.287  0.652   -9.339  1.00 37.93 ? 137 TYR A C     1 
ATOM   305  O O     . TYR A 1 46 ? -9.124  0.013   -10.384 1.00 36.82 ? 137 TYR A O     1 
ATOM   306  C CB    . TYR A 1 46 ? -9.263  3.180   -9.239  1.00 37.36 ? 137 TYR A CB    1 
ATOM   307  C CG    . TYR A 1 46 ? -8.060  3.202   -10.180 1.00 37.74 ? 137 TYR A CG    1 
ATOM   308  C CD1   . TYR A 1 46 ? -8.197  3.534   -11.516 1.00 37.63 ? 137 TYR A CD1   1 
ATOM   309  C CD2   . TYR A 1 46 ? -6.787  2.833   -9.743  1.00 38.49 ? 137 TYR A CD2   1 
ATOM   310  C CE1   . TYR A 1 46 ? -7.076  3.548   -12.390 1.00 39.07 ? 137 TYR A CE1   1 
ATOM   311  C CE2   . TYR A 1 46 ? -5.681  2.824   -10.602 1.00 36.36 ? 137 TYR A CE2   1 
ATOM   312  C CZ    . TYR A 1 46 ? -5.822  3.195   -11.930 1.00 37.12 ? 137 TYR A CZ    1 
ATOM   313  O OH    . TYR A 1 46 ? -4.749  3.198   -12.840 1.00 36.51 ? 137 TYR A OH    1 
ATOM   314  N N     . ALA A 1 47 ? -8.729  0.283   -8.180  1.00 37.82 ? 138 ALA A N     1 
ATOM   315  C CA    . ALA A 1 47 ? -7.864  -0.927  -8.110  1.00 36.06 ? 138 ALA A CA    1 
ATOM   316  C C     . ALA A 1 47 ? -8.630  -2.243  -8.485  1.00 35.84 ? 138 ALA A C     1 
ATOM   317  O O     . ALA A 1 47 ? -8.128  -3.061  -9.261  1.00 33.89 ? 138 ALA A O     1 
ATOM   318  C CB    . ALA A 1 47 ? -7.196  -1.061  -6.741  1.00 34.45 ? 138 ALA A CB    1 
ATOM   319  N N     . ALA A 1 48 ? -9.839  -2.427  -7.957  1.00 36.52 ? 139 ALA A N     1 
ATOM   320  C CA    . ALA A 1 48 ? -10.717 -3.542  -8.411  1.00 40.62 ? 139 ALA A CA    1 
ATOM   321  C C     . ALA A 1 48 ? -10.825 -3.643  -9.947  1.00 37.97 ? 139 ALA A C     1 
ATOM   322  O O     . ALA A 1 48 ? -10.587 -4.695  -10.557 1.00 36.28 ? 139 ALA A O     1 
ATOM   323  C CB    . ALA A 1 48 ? -12.104 -3.389  -7.828  1.00 39.87 ? 139 ALA A CB    1 
ATOM   324  N N     . LYS A 1 49 ? -11.126 -2.517  -10.563 1.00 40.89 ? 140 LYS A N     1 
ATOM   325  C CA    . LYS A 1 49 ? -11.271 -2.444  -11.995 1.00 38.63 ? 140 LYS A CA    1 
ATOM   326  C C     . LYS A 1 49 ? -10.000 -2.780  -12.736 1.00 33.54 ? 140 LYS A C     1 
ATOM   327  O O     . LYS A 1 49 ? -10.053 -3.526  -13.654 1.00 37.83 ? 140 LYS A O     1 
ATOM   328  C CB    . LYS A 1 49 ? -11.831 -1.093  -12.426 1.00 41.88 ? 140 LYS A CB    1 
ATOM   329  C CG    . LYS A 1 49 ? -11.857 -0.883  -13.921 1.00 47.28 ? 140 LYS A CG    1 
ATOM   330  C CD    . LYS A 1 49 ? -12.158 0.540   -14.298 1.00 51.10 ? 140 LYS A CD    1 
ATOM   331  C CE    . LYS A 1 49 ? -13.038 0.591   -15.521 1.00 57.41 ? 140 LYS A CE    1 
ATOM   332  N NZ    . LYS A 1 49 ? -12.553 1.510   -16.567 1.00 56.60 ? 140 LYS A NZ    1 
ATOM   333  N N     . ARG A 1 50 ? -8.857  -2.295  -12.295 1.00 40.20 ? 141 ARG A N     1 
ATOM   334  C CA    . ARG A 1 50 ? -7.551  -2.720  -12.902 1.00 36.52 ? 141 ARG A CA    1 
ATOM   335  C C     . ARG A 1 50 ? -7.365  -4.244  -12.783 1.00 35.28 ? 141 ARG A C     1 
ATOM   336  O O     . ARG A 1 50 ? -6.963  -4.917  -13.727 1.00 34.70 ? 141 ARG A O     1 
ATOM   337  C CB    . ARG A 1 50 ? -6.322  -2.086  -12.260 1.00 40.80 ? 141 ARG A CB    1 
ATOM   338  C CG    . ARG A 1 50 ? -6.139  -0.592  -12.357 1.00 46.83 ? 141 ARG A CG    1 
ATOM   339  C CD    . ARG A 1 50 ? -5.774  -0.111  -13.755 1.00 49.67 ? 141 ARG A CD    1 
ATOM   340  N NE    . ARG A 1 50 ? -4.532  -0.701  -14.266 1.00 51.52 ? 141 ARG A NE    1 
ATOM   341  C CZ    . ARG A 1 50 ? -3.289  -0.316  -13.979 1.00 50.17 ? 141 ARG A CZ    1 
ATOM   342  N NH1   . ARG A 1 50 ? -3.008  0.697   -13.149 1.00 48.55 ? 141 ARG A NH1   1 
ATOM   343  N NH2   . ARG A 1 50 ? -2.299  -0.980  -14.550 1.00 58.02 ? 141 ARG A NH2   1 
ATOM   344  N N     . LEU A 1 51 ? -7.693  -4.800  -11.623 1.00 38.19 ? 142 LEU A N     1 
ATOM   345  C CA    . LEU A 1 51 ? -7.481  -6.259  -11.395 1.00 38.35 ? 142 LEU A CA    1 
ATOM   346  C C     . LEU A 1 51 ? -8.385  -7.165  -12.207 1.00 34.18 ? 142 LEU A C     1 
ATOM   347  O O     . LEU A 1 51 ? -7.952  -8.168  -12.696 1.00 35.82 ? 142 LEU A O     1 
ATOM   348  C CB    . LEU A 1 51 ? -7.701  -6.574  -9.919  1.00 39.80 ? 142 LEU A CB    1 
ATOM   349  C CG    . LEU A 1 51 ? -6.626  -5.956  -9.013  1.00 46.47 ? 142 LEU A CG    1 
ATOM   350  C CD1   . LEU A 1 51 ? -6.853  -6.401  -7.575  1.00 50.05 ? 142 LEU A CD1   1 
ATOM   351  C CD2   . LEU A 1 51 ? -5.196  -6.313  -9.435  1.00 45.53 ? 142 LEU A CD2   1 
ATOM   352  N N     . SER A 1 52 ? -9.646  -6.812  -12.374 1.00 35.80 ? 143 SER A N     1 
ATOM   353  C CA    . SER A 1 52 ? -10.520 -7.663  -13.119 1.00 41.32 ? 143 SER A CA    1 
ATOM   354  C C     . SER A 1 52 ? -10.247 -7.684  -14.642 1.00 40.62 ? 143 SER A C     1 
ATOM   355  O O     . SER A 1 52 ? -10.720 -8.585  -15.320 1.00 42.38 ? 143 SER A O     1 
ATOM   356  C CB    . SER A 1 52 ? -11.961 -7.326  -12.866 1.00 42.68 ? 143 SER A CB    1 
ATOM   357  O OG    . SER A 1 52 ? -12.193 -6.097  -13.441 1.00 49.65 ? 143 SER A OG    1 
ATOM   358  N N     . SER A 1 53 ? -9.452  -6.786  -15.182 1.00 37.88 ? 144 SER A N     1 
ATOM   359  C CA    . SER A 1 53 ? -9.081  -6.888  -16.583 1.00 41.18 ? 144 SER A CA    1 
ATOM   360  C C     . SER A 1 53 ? -7.672  -7.263  -16.795 1.00 40.81 ? 144 SER A C     1 
ATOM   361  O O     . SER A 1 53 ? -7.207  -7.243  -17.913 1.00 44.50 ? 144 SER A O     1 
ATOM   362  C CB    . SER A 1 53 ? -9.313  -5.567  -17.283 1.00 45.28 ? 144 SER A CB    1 
ATOM   363  O OG    . SER A 1 53 ? -8.719  -4.544  -16.533 1.00 49.45 ? 144 SER A OG    1 
ATOM   364  N N     . GLU A 1 54 ? -6.965  -7.563  -15.724 1.00 40.44 ? 145 GLU A N     1 
ATOM   365  C CA    . GLU A 1 54 ? -5.554  -7.950  -15.791 1.00 38.62 ? 145 GLU A CA    1 
ATOM   366  C C     . GLU A 1 54 ? -5.348  -9.198  -16.663 1.00 36.89 ? 145 GLU A C     1 
ATOM   367  O O     . GLU A 1 54 ? -6.108  -10.115 -16.564 1.00 30.70 ? 145 GLU A O     1 
ATOM   368  C CB    . GLU A 1 54 ? -5.140  -8.304  -14.341 1.00 40.45 ? 145 GLU A CB    1 
ATOM   369  C CG    . GLU A 1 54 ? -3.686  -8.198  -14.021 1.00 43.40 ? 145 GLU A CG    1 
ATOM   370  C CD    . GLU A 1 54 ? -3.467  -8.216  -12.507 1.00 42.84 ? 145 GLU A CD    1 
ATOM   371  O OE1   . GLU A 1 54 ? -3.993  -9.143  -11.865 1.00 41.49 ? 145 GLU A OE1   1 
ATOM   372  O OE2   . GLU A 1 54 ? -2.760  -7.308  -11.964 1.00 49.79 ? 145 GLU A OE2   1 
ATOM   373  N N     . THR A 1 55 ? -4.314  -9.277  -17.478 1.00 35.03 ? 146 THR A N     1 
ATOM   374  C CA    . THR A 1 55 ? -4.085  -10.530 -18.218 1.00 37.77 ? 146 THR A CA    1 
ATOM   375  C C     . THR A 1 55 ? -3.459  -11.552 -17.256 1.00 38.15 ? 146 THR A C     1 
ATOM   376  O O     . THR A 1 55 ? -2.946  -11.207 -16.180 1.00 35.66 ? 146 THR A O     1 
ATOM   377  C CB    . THR A 1 55 ? -3.139  -10.321 -19.405 1.00 37.92 ? 146 THR A CB    1 
ATOM   378  O OG1   . THR A 1 55 ? -1.860  -9.866  -18.934 1.00 36.52 ? 146 THR A OG1   1 
ATOM   379  C CG2   . THR A 1 55 ? -3.746  -9.261  -20.402 1.00 39.02 ? 146 THR A CG2   1 
ATOM   380  N N     . ARG A 1 56 ? -3.506  -12.800 -17.642 1.00 32.62 ? 147 ARG A N     1 
ATOM   381  C CA    . ARG A 1 56 ? -2.809  -13.833 -16.896 1.00 38.26 ? 147 ARG A CA    1 
ATOM   382  C C     . ARG A 1 56 ? -1.368  -13.449 -16.584 1.00 32.42 ? 147 ARG A C     1 
ATOM   383  O O     . ARG A 1 56 ? -0.930  -13.514 -15.447 1.00 34.79 ? 147 ARG A O     1 
ATOM   384  C CB    . ARG A 1 56 ? -2.821  -15.130 -17.720 1.00 45.13 ? 147 ARG A CB    1 
ATOM   385  C CG    . ARG A 1 56 ? -1.851  -16.173 -17.208 1.00 51.22 ? 147 ARG A CG    1 
ATOM   386  C CD    . ARG A 1 56 ? -2.206  -17.551 -17.678 1.00 62.30 ? 147 ARG A CD    1 
ATOM   387  N NE    . ARG A 1 56 ? -3.328  -18.103 -16.912 1.00 71.07 ? 147 ARG A NE    1 
ATOM   388  C CZ    . ARG A 1 56 ? -4.589  -18.220 -17.337 1.00 61.36 ? 147 ARG A CZ    1 
ATOM   389  N NH1   . ARG A 1 56 ? -4.930  -17.797 -18.545 1.00 59.20 ? 147 ARG A NH1   1 
ATOM   390  N NH2   . ARG A 1 56 ? -5.502  -18.746 -16.522 1.00 53.55 ? 147 ARG A NH2   1 
ATOM   391  N N     . GLU A 1 57 ? -0.641  -13.010 -17.583 1.00 31.24 ? 148 GLU A N     1 
ATOM   392  C CA    . GLU A 1 57 ? 0.763   -12.608 -17.396 1.00 37.65 ? 148 GLU A CA    1 
ATOM   393  C C     . GLU A 1 57 ? 0.977   -11.434 -16.452 1.00 36.37 ? 148 GLU A C     1 
ATOM   394  O O     . GLU A 1 57 ? 1.964   -11.407 -15.726 1.00 38.10 ? 148 GLU A O     1 
ATOM   395  C CB    . GLU A 1 57 ? 1.362   -12.224 -18.746 1.00 45.46 ? 148 GLU A CB    1 
ATOM   396  C CG    . GLU A 1 57 ? 2.876   -12.168 -18.841 1.00 52.86 ? 148 GLU A CG    1 
ATOM   397  C CD    . GLU A 1 57 ? 3.317   -11.904 -20.277 1.00 64.42 ? 148 GLU A CD    1 
ATOM   398  O OE1   . GLU A 1 57 ? 3.909   -10.833 -20.538 1.00 63.72 ? 148 GLU A OE1   1 
ATOM   399  O OE2   . GLU A 1 57 ? 3.014   -12.743 -21.166 1.00 69.63 ? 148 GLU A OE2   1 
ATOM   400  N N     . GLN A 1 58 ? 0.082   -10.448 -16.500 1.00 35.88 ? 149 GLN A N     1 
ATOM   401  C CA    . GLN A 1 58 ? 0.178   -9.266  -15.679 1.00 37.18 ? 149 GLN A CA    1 
ATOM   402  C C     . GLN A 1 58 ? -0.098  -9.715  -14.267 1.00 37.96 ? 149 GLN A C     1 
ATOM   403  O O     . GLN A 1 58 ? 0.528   -9.253  -13.314 1.00 36.71 ? 149 GLN A O     1 
ATOM   404  C CB    . GLN A 1 58 ? -0.851  -8.225  -16.097 1.00 38.73 ? 149 GLN A CB    1 
ATOM   405  C CG    . GLN A 1 58 ? -0.539  -7.469  -17.405 1.00 39.50 ? 149 GLN A CG    1 
ATOM   406  C CD    . GLN A 1 58 ? -1.725  -6.617  -17.887 1.00 38.55 ? 149 GLN A CD    1 
ATOM   407  O OE1   . GLN A 1 58 ? -2.869  -6.921  -17.641 1.00 36.25 ? 149 GLN A OE1   1 
ATOM   408  N NE2   . GLN A 1 58 ? -1.436  -5.555  -18.583 1.00 44.60 ? 149 GLN A NE2   1 
ATOM   409  N N     . ARG A 1 59 ? -1.008  -10.647 -14.112 1.00 35.50 ? 150 ARG A N     1 
ATOM   410  C CA    . ARG A 1 59 ? -1.257  -11.155 -12.791 1.00 38.01 ? 150 ARG A CA    1 
ATOM   411  C C     . ARG A 1 59 ? -0.038  -11.863 -12.218 1.00 37.84 ? 150 ARG A C     1 
ATOM   412  O O     . ARG A 1 59 ? 0.359   -11.624 -11.119 1.00 38.83 ? 150 ARG A O     1 
ATOM   413  C CB    . ARG A 1 59 ? -2.507  -12.035 -12.796 1.00 39.66 ? 150 ARG A CB    1 
ATOM   414  C CG    . ARG A 1 59 ? -2.492  -13.284 -11.948 1.00 42.85 ? 150 ARG A CG    1 
ATOM   415  C CD    . ARG A 1 59 ? -3.868  -13.849 -11.715 1.00 46.28 ? 150 ARG A CD    1 
ATOM   416  N NE    . ARG A 1 59 ? -3.874  -14.659 -10.527 1.00 47.11 ? 150 ARG A NE    1 
ATOM   417  C CZ    . ARG A 1 59 ? -4.454  -14.302 -9.404  1.00 47.89 ? 150 ARG A CZ    1 
ATOM   418  N NH1   . ARG A 1 59 ? -5.105  -13.176 -9.341  1.00 45.58 ? 150 ARG A NH1   1 
ATOM   419  N NH2   . ARG A 1 59 ? -4.393  -15.088 -8.358  1.00 44.78 ? 150 ARG A NH2   1 
ATOM   420  N N     . ALA A 1 60 ? 0.572   -12.703 -13.009 1.00 33.63 ? 151 ALA A N     1 
ATOM   421  C CA    . ALA A 1 60 ? 1.719   -13.443 -12.562 1.00 39.25 ? 151 ALA A CA    1 
ATOM   422  C C     . ALA A 1 60 ? 2.896   -12.524 -12.154 1.00 42.16 ? 151 ALA A C     1 
ATOM   423  O O     . ALA A 1 60 ? 3.576   -12.804 -11.171 1.00 42.47 ? 151 ALA A O     1 
ATOM   424  C CB    . ALA A 1 60 ? 2.151   -14.421 -13.631 1.00 42.16 ? 151 ALA A CB    1 
ATOM   425  N N     . ILE A 1 61 ? 3.112   -11.445 -12.899 1.00 39.08 ? 152 ILE A N     1 
ATOM   426  C CA    . ILE A 1 61 ? 4.113   -10.441 -12.553 1.00 40.77 ? 152 ILE A CA    1 
ATOM   427  C C     . ILE A 1 61 ? 3.744   -9.676  -11.262 1.00 40.38 ? 152 ILE A C     1 
ATOM   428  O O     . ILE A 1 61 ? 4.604   -9.398  -10.450 1.00 39.40 ? 152 ILE A O     1 
ATOM   429  C CB    . ILE A 1 61 ? 4.277   -9.433  -13.713 1.00 46.44 ? 152 ILE A CB    1 
ATOM   430  C CG1   . ILE A 1 61 ? 4.996   -10.097 -14.877 1.00 44.69 ? 152 ILE A CG1   1 
ATOM   431  C CG2   . ILE A 1 61 ? 4.975   -8.138  -13.268 1.00 46.75 ? 152 ILE A CG2   1 
ATOM   432  C CD1   . ILE A 1 61 ? 5.034   -9.188  -16.083 1.00 44.71 ? 152 ILE A CD1   1 
ATOM   433  N N     . ARG A 1 62 ? 2.477   -9.312  -11.100 1.00 35.09 ? 153 ARG A N     1 
ATOM   434  C CA    . ARG A 1 62 ? 2.054   -8.644  -9.905  1.00 35.47 ? 153 ARG A CA    1 
ATOM   435  C C     . ARG A 1 62 ? 2.298   -9.529  -8.672  1.00 37.16 ? 153 ARG A C     1 
ATOM   436  O O     . ARG A 1 62 ? 2.851   -9.039  -7.675  1.00 36.85 ? 153 ARG A O     1 
ATOM   437  C CB    . ARG A 1 62 ? 0.570   -8.257  -9.966  1.00 38.92 ? 153 ARG A CB    1 
ATOM   438  C CG    . ARG A 1 62 ? 0.115   -7.327  -8.830  1.00 41.31 ? 153 ARG A CG    1 
ATOM   439  C CD    . ARG A 1 62 ? -1.350  -6.841  -8.918  1.00 37.89 ? 153 ARG A CD    1 
ATOM   440  N NE    . ARG A 1 62 ? -2.206  -7.928  -9.363  1.00 37.64 ? 153 ARG A NE    1 
ATOM   441  C CZ    . ARG A 1 62 ? -2.827  -8.765  -8.542  1.00 35.09 ? 153 ARG A CZ    1 
ATOM   442  N NH1   . ARG A 1 62 ? -2.720  -8.646  -7.213  1.00 33.05 ? 153 ARG A NH1   1 
ATOM   443  N NH2   . ARG A 1 62 ? -3.534  -9.748  -9.042  1.00 34.78 ? 153 ARG A NH2   1 
ATOM   444  N N     . LEU A 1 63 ? 1.864   -10.788 -8.718  1.00 33.60 ? 154 LEU A N     1 
ATOM   445  C CA    . LEU A 1 63 ? 2.096   -11.712 -7.588  1.00 33.96 ? 154 LEU A CA    1 
ATOM   446  C C     . LEU A 1 63 ? 3.557   -11.911 -7.327  1.00 35.35 ? 154 LEU A C     1 
ATOM   447  O O     . LEU A 1 63 ? 3.962   -11.920 -6.155  1.00 38.08 ? 154 LEU A O     1 
ATOM   448  C CB    . LEU A 1 63 ? 1.446   -13.122 -7.740  1.00 33.27 ? 154 LEU A CB    1 
ATOM   449  C CG    . LEU A 1 63 ? -0.054  -13.114 -7.956  1.00 36.76 ? 154 LEU A CG    1 
ATOM   450  C CD1   . LEU A 1 63 ? -0.743  -14.474 -8.124  1.00 36.84 ? 154 LEU A CD1   1 
ATOM   451  C CD2   . LEU A 1 63 ? -0.680  -12.375 -6.823  1.00 35.47 ? 154 LEU A CD2   1 
ATOM   452  N N     . ALA A 1 64 ? 4.353   -12.070 -8.380  1.00 36.05 ? 155 ALA A N     1 
ATOM   453  C CA    . ALA A 1 64 ? 5.771   -12.292 -8.176  1.00 38.66 ? 155 ALA A CA    1 
ATOM   454  C C     . ALA A 1 64 ? 6.395   -11.099 -7.457  1.00 37.03 ? 155 ALA A C     1 
ATOM   455  O O     . ALA A 1 64 ? 7.268   -11.267 -6.557  1.00 33.84 ? 155 ALA A O     1 
ATOM   456  C CB    . ALA A 1 64 ? 6.490   -12.577 -9.465  1.00 38.70 ? 155 ALA A CB    1 
ATOM   457  N N     . ARG A 1 65 ? 5.917   -9.899  -7.781  1.00 35.01 ? 156 ARG A N     1 
ATOM   458  C CA    . ARG A 1 65 ? 6.474   -8.701  -7.137  1.00 35.35 ? 156 ARG A CA    1 
ATOM   459  C C     . ARG A 1 65 ? 6.000   -8.594  -5.718  1.00 34.91 ? 156 ARG A C     1 
ATOM   460  O O     . ARG A 1 65 ? 6.744   -8.161  -4.836  1.00 36.13 ? 156 ARG A O     1 
ATOM   461  C CB    . ARG A 1 65 ? 6.141   -7.428  -7.913  1.00 40.03 ? 156 ARG A CB    1 
ATOM   462  C CG    . ARG A 1 65 ? 7.027   -7.273  -9.158  1.00 42.47 ? 156 ARG A CG    1 
ATOM   463  C CD    . ARG A 1 65 ? 6.723   -6.013  -9.952  1.00 42.99 ? 156 ARG A CD    1 
ATOM   464  N NE    . ARG A 1 65 ? 7.210   -4.879  -9.215  1.00 49.77 ? 156 ARG A NE    1 
ATOM   465  C CZ    . ARG A 1 65 ? 7.262   -3.629  -9.670  1.00 60.49 ? 156 ARG A CZ    1 
ATOM   466  N NH1   . ARG A 1 65 ? 7.724   -2.643  -8.872  1.00 51.61 ? 156 ARG A NH1   1 
ATOM   467  N NH2   . ARG A 1 65 ? 6.877   -3.367  -10.921 1.00 58.15 ? 156 ARG A NH2   1 
ATOM   468  N N     . MET A 1 66 ? 4.763   -8.947  -5.497  1.00 33.97 ? 157 MET A N     1 
ATOM   469  C CA    . MET A 1 66 ? 4.198   -8.910  -4.181  1.00 37.04 ? 157 MET A CA    1 
ATOM   470  C C     . MET A 1 66 ? 4.916   -9.884  -3.241  1.00 33.06 ? 157 MET A C     1 
ATOM   471  O O     . MET A 1 66 ? 5.221   -9.561  -2.127  1.00 30.74 ? 157 MET A O     1 
ATOM   472  C CB    . MET A 1 66 ? 2.713   -9.174  -4.290  1.00 39.19 ? 157 MET A CB    1 
ATOM   473  C CG    . MET A 1 66 ? 1.948   -9.268  -2.997  1.00 45.97 ? 157 MET A CG    1 
ATOM   474  S SD    . MET A 1 66 ? 0.250   -9.800  -3.185  1.00 41.58 ? 157 MET A SD    1 
ATOM   475  C CE    . MET A 1 66 ? -0.393  -8.529  -4.170  1.00 51.48 ? 157 MET A CE    1 
ATOM   476  N N     . SER A 1 67 ? 5.222   -11.057 -3.736  1.00 31.57 ? 158 SER A N     1 
ATOM   477  C CA    . SER A 1 67 ? 5.966   -12.077 -2.931  1.00 36.25 ? 158 SER A CA    1 
ATOM   478  C C     . SER A 1 67 ? 7.382   -11.679 -2.638  1.00 34.87 ? 158 SER A C     1 
ATOM   479  O O     . SER A 1 67 ? 7.905   -11.963 -1.548  1.00 40.81 ? 158 SER A O     1 
ATOM   480  C CB    . SER A 1 67 ? 5.856   -13.492 -3.510  1.00 36.08 ? 158 SER A CB    1 
ATOM   481  O OG    . SER A 1 67 ? 6.243   -13.422 -4.836  1.00 58.63 ? 158 SER A OG    1 
ATOM   482  N N     . ALA A 1 68 ? 7.960   -10.892 -3.525  1.00 36.36 ? 159 ALA A N     1 
ATOM   483  C CA    . ALA A 1 68 ? 9.246   -10.267 -3.264  1.00 33.34 ? 159 ALA A CA    1 
ATOM   484  C C     . ALA A 1 68 ? 9.199   -9.026  -2.412  1.00 35.83 ? 159 ALA A C     1 
ATOM   485  O O     . ALA A 1 68 ? 10.134  -8.801  -1.665  1.00 35.01 ? 159 ALA A O     1 
ATOM   486  C CB    . ALA A 1 68 ? 9.929   -9.925  -4.571  1.00 35.09 ? 159 ALA A CB    1 
ATOM   487  N N     . TYR A 1 69 ? 8.146   -8.203  -2.473  1.00 33.92 ? 160 TYR A N     1 
ATOM   488  C CA    . TYR A 1 69 ? 8.089   -7.093  -1.541  1.00 39.17 ? 160 TYR A CA    1 
ATOM   489  C C     . TYR A 1 69 ? 7.952   -7.676  -0.143  1.00 37.74 ? 160 TYR A C     1 
ATOM   490  O O     . TYR A 1 69 ? 8.499   -7.137  0.802   1.00 36.02 ? 160 TYR A O     1 
ATOM   491  C CB    . TYR A 1 69 ? 6.911   -6.131  -1.751  1.00 42.18 ? 160 TYR A CB    1 
ATOM   492  C CG    . TYR A 1 69 ? 7.042   -5.196  -2.961  1.00 53.00 ? 160 TYR A CG    1 
ATOM   493  C CD1   . TYR A 1 69 ? 7.981   -4.137  -2.989  1.00 57.84 ? 160 TYR A CD1   1 
ATOM   494  C CD2   . TYR A 1 69 ? 6.182   -5.340  -4.058  1.00 44.16 ? 160 TYR A CD2   1 
ATOM   495  C CE1   . TYR A 1 69 ? 8.066   -3.287  -4.100  1.00 52.59 ? 160 TYR A CE1   1 
ATOM   496  C CE2   . TYR A 1 69 ? 6.259   -4.498  -5.136  1.00 47.70 ? 160 TYR A CE2   1 
ATOM   497  C CZ    . TYR A 1 69 ? 7.192   -3.493  -5.168  1.00 50.48 ? 160 TYR A CZ    1 
ATOM   498  O OH    . TYR A 1 69 ? 7.176   -2.739  -6.312  1.00 50.34 ? 160 TYR A OH    1 
ATOM   499  N N     . ALA A 1 70 ? 7.204   -8.778  -0.030  1.00 33.74 ? 161 ALA A N     1 
ATOM   500  C CA    . ALA A 1 70 ? 6.990   -9.382  1.237   1.00 37.10 ? 161 ALA A CA    1 
ATOM   501  C C     . ALA A 1 70 ? 8.301   -9.934  1.844   1.00 37.09 ? 161 ALA A C     1 
ATOM   502  O O     . ALA A 1 70 ? 8.509   -9.879  3.075   1.00 34.69 ? 161 ALA A O     1 
ATOM   503  C CB    . ALA A 1 70 ? 5.927   -10.468 1.126   1.00 34.62 ? 161 ALA A CB    1 
ATOM   504  N N     . ALA A 1 71 ? 9.153   -10.494 1.001   1.00 36.36 ? 162 ALA A N     1 
ATOM   505  C CA    . ALA A 1 71 ? 10.401  -11.114 1.483   1.00 36.22 ? 162 ALA A CA    1 
ATOM   506  C C     . ALA A 1 71 ? 11.285  -10.050 2.096   1.00 36.60 ? 162 ALA A C     1 
ATOM   507  O O     . ALA A 1 71 ? 11.740  -10.171 3.235   1.00 41.63 ? 162 ALA A O     1 
ATOM   508  C CB    . ALA A 1 71 ? 11.154  -11.745 0.316   1.00 43.09 ? 162 ALA A CB    1 
ATOM   509  N N     . ARG A 1 72 ? 11.483  -8.975  1.362   1.00 36.23 ? 163 ARG A N     1 
ATOM   510  C CA    . ARG A 1 72 ? 12.306  -7.902  1.849   1.00 44.45 ? 163 ARG A CA    1 
ATOM   511  C C     . ARG A 1 72 ? 11.717  -7.309  3.131   1.00 48.04 ? 163 ARG A C     1 
ATOM   512  O O     . ARG A 1 72 ? 12.463  -7.039  4.082   1.00 45.60 ? 163 ARG A O     1 
ATOM   513  C CB    . ARG A 1 72 ? 12.461  -6.795  0.815   1.00 47.25 ? 163 ARG A CB    1 
ATOM   514  C CG    . ARG A 1 72 ? 13.532  -5.778  1.233   1.00 57.26 ? 163 ARG A CG    1 
ATOM   515  C CD    . ARG A 1 72 ? 13.736  -4.677  0.217   1.00 75.10 ? 163 ARG A CD    1 
ATOM   516  N NE    . ARG A 1 72 ? 12.794  -3.550  0.348   1.00 82.48 ? 163 ARG A NE    1 
ATOM   517  C CZ    . ARG A 1 72 ? 13.132  -2.303  0.679   1.00 86.61 ? 163 ARG A CZ    1 
ATOM   518  N NH1   . ARG A 1 72 ? 12.199  -1.358  0.770   1.00 79.32 ? 163 ARG A NH1   1 
ATOM   519  N NH2   . ARG A 1 72 ? 14.402  -1.992  0.924   1.00 96.35 ? 163 ARG A NH2   1 
ATOM   520  N N     . ARG A 1 73 ? 10.397  -7.100  3.157   1.00 41.51 ? 164 ARG A N     1 
ATOM   521  C CA    . ARG A 1 73 ? 9.760   -6.513  4.332   1.00 41.30 ? 164 ARG A CA    1 
ATOM   522  C C     . ARG A 1 73 ? 10.036  -7.408  5.559   1.00 42.28 ? 164 ARG A C     1 
ATOM   523  O O     . ARG A 1 73 ? 10.353  -6.945  6.647   1.00 39.73 ? 164 ARG A O     1 
ATOM   524  C CB    . ARG A 1 73 ? 8.261   -6.368  4.132   1.00 41.03 ? 164 ARG A CB    1 
ATOM   525  C CG    . ARG A 1 73 ? 7.660   -5.495  5.224   1.00 50.91 ? 164 ARG A CG    1 
ATOM   526  C CD    . ARG A 1 73 ? 6.164   -5.322  5.089   1.00 51.89 ? 164 ARG A CD    1 
ATOM   527  N NE    . ARG A 1 73 ? 5.539   -6.624  4.952   1.00 49.01 ? 164 ARG A NE    1 
ATOM   528  C CZ    . ARG A 1 73 ? 5.047   -7.147  3.825   1.00 58.85 ? 164 ARG A CZ    1 
ATOM   529  N NH1   . ARG A 1 73 ? 4.558   -8.382  3.904   1.00 50.56 ? 164 ARG A NH1   1 
ATOM   530  N NH2   . ARG A 1 73 ? 5.027   -6.471  2.626   1.00 65.20 ? 164 ARG A NH2   1 
ATOM   531  N N     . LEU A 1 74 ? 9.916   -8.692  5.401   1.00 44.15 ? 165 LEU A N     1 
ATOM   532  C CA    . LEU A 1 74 ? 10.180  -9.565  6.496   1.00 43.03 ? 165 LEU A CA    1 
ATOM   533  C C     . LEU A 1 74 ? 11.627  -9.465  6.911   1.00 44.07 ? 165 LEU A C     1 
ATOM   534  O O     . LEU A 1 74 ? 11.946  -9.546  8.055   1.00 38.90 ? 165 LEU A O     1 
ATOM   535  C CB    . LEU A 1 74 ? 9.758   -10.984 6.172   1.00 44.34 ? 165 LEU A CB    1 
ATOM   536  C CG    . LEU A 1 74 ? 8.264   -11.209 5.963   1.00 49.57 ? 165 LEU A CG    1 
ATOM   537  C CD1   . LEU A 1 74 ? 7.930   -12.591 5.509   1.00 50.74 ? 165 LEU A CD1   1 
ATOM   538  C CD2   . LEU A 1 74 ? 7.390   -10.873 7.140   1.00 53.20 ? 165 LEU A CD2   1 
ATOM   539  N N     . ALA A 1 75 ? 12.505  -9.312  5.951   1.00 43.35 ? 166 ALA A N     1 
ATOM   540  C CA    . ALA A 1 75 ? 13.875  -9.360  6.262   1.00 46.91 ? 166 ALA A CA    1 
ATOM   541  C C     . ALA A 1 75 ? 14.299  -8.082  6.947   1.00 43.67 ? 166 ALA A C     1 
ATOM   542  O O     . ALA A 1 75 ? 15.272  -8.089  7.644   1.00 47.88 ? 166 ALA A O     1 
ATOM   543  C CB    . ALA A 1 75 ? 14.671  -9.568  5.007   1.00 50.08 ? 166 ALA A CB    1 
ATOM   544  N N     . ASN A 1 76 ? 13.587  -6.988  6.748   1.00 37.09 ? 167 ASN A N     1 
ATOM   545  C CA    . ASN A 1 76 ? 13.936  -5.767  7.423   1.00 43.26 ? 167 ASN A CA    1 
ATOM   546  C C     . ASN A 1 76 ? 13.274  -5.542  8.795   1.00 41.08 ? 167 ASN A C     1 
ATOM   547  O O     . ASN A 1 76 ? 13.413  -4.480  9.361   1.00 43.43 ? 167 ASN A O     1 
ATOM   548  C CB    . ASN A 1 76 ? 13.636  -4.579  6.529   1.00 47.33 ? 167 ASN A CB    1 
ATOM   549  C CG    . ASN A 1 76 ? 14.514  -4.558  5.296   1.00 52.93 ? 167 ASN A CG    1 
ATOM   550  O OD1   . ASN A 1 76 ? 15.576  -5.213  5.232   1.00 55.72 ? 167 ASN A OD1   1 
ATOM   551  N ND2   . ASN A 1 76 ? 14.077  -3.814  4.303   1.00 52.11 ? 167 ASN A ND2   1 
ATOM   552  N N     . GLU A 1 77 ? 12.572  -6.532  9.307   1.00 41.04 ? 168 GLU A N     1 
ATOM   553  C CA    . GLU A 1 77 ? 11.751  -6.353  10.490  1.00 38.73 ? 168 GLU A CA    1 
ATOM   554  C C     . GLU A 1 77 ? 12.629  -6.438  11.725  1.00 34.70 ? 168 GLU A C     1 
ATOM   555  O O     . GLU A 1 77 ? 13.582  -7.199  11.755  1.00 33.00 ? 168 GLU A O     1 
ATOM   556  C CB    . GLU A 1 77 ? 10.556  -7.350  10.469  1.00 37.36 ? 168 GLU A CB    1 
ATOM   557  C CG    . GLU A 1 77 ? 10.735  -8.763  11.002  1.00 45.89 ? 168 GLU A CG    1 
ATOM   558  C CD    . GLU A 1 77 ? 9.489   -9.681  10.769  1.00 46.63 ? 168 GLU A CD    1 
ATOM   559  O OE1   . GLU A 1 77 ? 9.660   -10.916 10.827  1.00 55.19 ? 168 GLU A OE1   1 
ATOM   560  O OE2   . GLU A 1 77 ? 8.339   -9.213  10.554  1.00 41.95 ? 168 GLU A OE2   1 
ATOM   561  N N     . THR A 1 78 ? 12.344  -5.639  12.729  1.00 32.38 ? 169 THR A N     1 
ATOM   562  C CA    . THR A 1 78 ? 13.086  -5.739  13.998  1.00 35.91 ? 169 THR A CA    1 
ATOM   563  C C     . THR A 1 78 ? 12.734  -6.987  14.709  1.00 35.97 ? 169 THR A C     1 
ATOM   564  O O     . THR A 1 78 ? 11.777  -7.660  14.333  1.00 38.23 ? 169 THR A O     1 
ATOM   565  C CB    . THR A 1 78 ? 12.717  -4.611  14.959  1.00 36.69 ? 169 THR A CB    1 
ATOM   566  O OG1   . THR A 1 78 ? 11.324  -4.723  15.285  1.00 32.31 ? 169 THR A OG1   1 
ATOM   567  C CG2   . THR A 1 78 ? 13.005  -3.239  14.318  1.00 33.34 ? 169 THR A CG2   1 
ATOM   568  N N     . PRO A 1 79 ? 13.477  -7.303  15.774  1.00 38.78 ? 170 PRO A N     1 
ATOM   569  C CA    . PRO A 1 79 ? 13.072  -8.524  16.517  1.00 34.61 ? 170 PRO A CA    1 
ATOM   570  C C     . PRO A 1 79 ? 11.747  -8.419  17.228  1.00 36.52 ? 170 PRO A C     1 
ATOM   571  O O     . PRO A 1 79 ? 11.039  -9.424  17.373  1.00 31.07 ? 170 PRO A O     1 
ATOM   572  C CB    . PRO A 1 79 ? 14.213  -8.721  17.512  1.00 37.06 ? 170 PRO A CB    1 
ATOM   573  C CG    . PRO A 1 79 ? 15.457  -8.145  16.796  1.00 32.61 ? 170 PRO A CG    1 
ATOM   574  C CD    . PRO A 1 79 ? 14.870  -6.894  16.086  1.00 35.05 ? 170 PRO A CD    1 
ATOM   575  N N     . ALA A 1 80 ? 11.396  -7.224  17.696  1.00 33.99 ? 171 ALA A N     1 
ATOM   576  C CA    . ALA A 1 80 ? 10.062  -7.062  18.267  1.00 38.13 ? 171 ALA A CA    1 
ATOM   577  C C     . ALA A 1 80 ? 8.950   -7.253  17.201  1.00 34.78 ? 171 ALA A C     1 
ATOM   578  O O     . ALA A 1 80 ? 7.922   -7.839  17.503  1.00 34.93 ? 171 ALA A O     1 
ATOM   579  C CB    . ALA A 1 80 ? 9.898   -5.711  18.978  1.00 37.94 ? 171 ALA A CB    1 
ATOM   580  N N     . GLN A 1 81 ? 9.175   -6.782  15.983  1.00 30.15 ? 172 GLN A N     1 
ATOM   581  C CA    . GLN A 1 81 ? 8.183   -6.907  14.939  1.00 31.60 ? 172 GLN A CA    1 
ATOM   582  C C     . GLN A 1 81 ? 8.027   -8.336  14.511  1.00 29.12 ? 172 GLN A C     1 
ATOM   583  O O     . GLN A 1 81 ? 6.951   -8.819  14.340  1.00 31.70 ? 172 GLN A O     1 
ATOM   584  C CB    . GLN A 1 81 ? 8.561   -6.071  13.710  1.00 31.51 ? 172 GLN A CB    1 
ATOM   585  C CG    . GLN A 1 81 ? 8.528   -4.583  13.939  1.00 36.69 ? 172 GLN A CG    1 
ATOM   586  C CD    . GLN A 1 81 ? 9.296   -3.840  12.829  1.00 36.59 ? 172 GLN A CD    1 
ATOM   587  O OE1   . GLN A 1 81 ? 10.042  -4.408  12.038  1.00 34.10 ? 172 GLN A OE1   1 
ATOM   588  N NE2   . GLN A 1 81 ? 9.098   -2.586  12.792  1.00 34.10 ? 172 GLN A NE2   1 
ATOM   589  N N     . ARG A 1 82 ? 9.122   -9.027  14.315  1.00 35.03 ? 173 ARG A N     1 
ATOM   590  C CA    . ARG A 1 82 ? 9.026   -10.448 14.003  1.00 36.49 ? 173 ARG A CA    1 
ATOM   591  C C     . ARG A 1 82 ? 8.206   -11.177 15.044  1.00 36.52 ? 173 ARG A C     1 
ATOM   592  O O     . ARG A 1 82 ? 7.261   -11.951 14.761  1.00 34.30 ? 173 ARG A O     1 
ATOM   593  C CB    . ARG A 1 82 ? 10.445  -11.029 13.959  1.00 41.47 ? 173 ARG A CB    1 
ATOM   594  C CG    . ARG A 1 82 ? 10.459  -12.531 13.821  1.00 43.53 ? 173 ARG A CG    1 
ATOM   595  C CD    . ARG A 1 82 ? 11.898  -13.035 13.678  1.00 44.84 ? 173 ARG A CD    1 
ATOM   596  N NE    . ARG A 1 82 ? 11.881  -14.461 13.968  1.00 48.65 ? 173 ARG A NE    1 
ATOM   597  C CZ    . ARG A 1 82 ? 11.472  -15.404 13.120  1.00 51.59 ? 173 ARG A CZ    1 
ATOM   598  N NH1   . ARG A 1 82 ? 11.466  -16.673 13.515  1.00 57.33 ? 173 ARG A NH1   1 
ATOM   599  N NH2   . ARG A 1 82 ? 11.066  -15.109 11.876  1.00 53.08 ? 173 ARG A NH2   1 
ATOM   600  N N     . GLN A 1 83 ? 8.571   -10.936 16.286  1.00 35.75 ? 174 GLN A N     1 
ATOM   601  C CA    . GLN A 1 83 ? 7.967   -11.657 17.361  1.00 37.26 ? 174 GLN A CA    1 
ATOM   602  C C     . GLN A 1 83 ? 6.451   -11.411 17.416  1.00 34.67 ? 174 GLN A C     1 
ATOM   603  O O     . GLN A 1 83 ? 5.659   -12.313 17.560  1.00 35.44 ? 174 GLN A O     1 
ATOM   604  C CB    . GLN A 1 83 ? 8.674   -11.230 18.639  1.00 43.95 ? 174 GLN A CB    1 
ATOM   605  C CG    . GLN A 1 83 ? 8.136   -11.831 19.896  1.00 55.40 ? 174 GLN A CG    1 
ATOM   606  C CD    . GLN A 1 83 ? 8.816   -13.137 20.229  1.00 62.69 ? 174 GLN A CD    1 
ATOM   607  O OE1   . GLN A 1 83 ? 10.038  -13.281 20.083  1.00 59.35 ? 174 GLN A OE1   1 
ATOM   608  N NE2   . GLN A 1 83 ? 8.040   -14.095 20.679  1.00 67.15 ? 174 GLN A NE2   1 
ATOM   609  N N     . ALA A 1 84 ? 6.038   -10.169 17.262  1.00 35.76 ? 175 ALA A N     1 
ATOM   610  C CA    . ALA A 1 84 ? 4.615   -9.837  17.286  1.00 34.54 ? 175 ALA A CA    1 
ATOM   611  C C     . ALA A 1 84 ? 3.947   -10.509 16.074  1.00 36.46 ? 175 ALA A C     1 
ATOM   612  O O     . ALA A 1 84 ? 2.832   -11.000 16.168  1.00 34.00 ? 175 ALA A O     1 
ATOM   613  C CB    . ALA A 1 84 ? 4.428   -8.308  17.209  1.00 34.34 ? 175 ALA A CB    1 
ATOM   614  N N     . ARG A 1 85 ? 4.629   -10.555 14.932  1.00 33.99 ? 176 ARG A N     1 
ATOM   615  C CA    . ARG A 1 85 ? 4.005   -11.216 13.764  1.00 35.23 ? 176 ARG A CA    1 
ATOM   616  C C     . ARG A 1 85 ? 3.766   -12.712 14.034  1.00 32.49 ? 176 ARG A C     1 
ATOM   617  O O     . ARG A 1 85 ? 2.735   -13.219 13.686  1.00 33.15 ? 176 ARG A O     1 
ATOM   618  C CB    . ARG A 1 85 ? 4.846   -11.003 12.513  1.00 36.49 ? 176 ARG A CB    1 
ATOM   619  C CG    . ARG A 1 85 ? 4.291   -11.724 11.267  1.00 38.61 ? 176 ARG A CG    1 
ATOM   620  C CD    . ARG A 1 85 ? 5.031   -11.254 10.002  1.00 37.62 ? 176 ARG A CD    1 
ATOM   621  N NE    . ARG A 1 85 ? 6.409   -11.682 10.107  1.00 33.12 ? 176 ARG A NE    1 
ATOM   622  C CZ    . ARG A 1 85 ? 6.832   -12.912 9.909   1.00 33.28 ? 176 ARG A CZ    1 
ATOM   623  N NH1   . ARG A 1 85 ? 5.996   -13.876 9.597   1.00 32.12 ? 176 ARG A NH1   1 
ATOM   624  N NH2   . ARG A 1 85 ? 8.107   -13.201 10.102  1.00 35.38 ? 176 ARG A NH2   1 
ATOM   625  N N     . LEU A 1 86 ? 4.705   -13.400 14.685  1.00 31.70 ? 177 LEU A N     1 
ATOM   626  C CA    . LEU A 1 86 ? 4.546   -14.819 14.987  1.00 30.74 ? 177 LEU A CA    1 
ATOM   627  C C     . LEU A 1 86 ? 3.452   -15.093 15.987  1.00 37.30 ? 177 LEU A C     1 
ATOM   628  O O     . LEU A 1 86 ? 2.701   -16.088 15.862  1.00 34.22 ? 177 LEU A O     1 
ATOM   629  C CB    . LEU A 1 86 ? 5.833   -15.438 15.519  1.00 33.89 ? 177 LEU A CB    1 
ATOM   630  C CG    . LEU A 1 86 ? 7.081   -15.359 14.620  1.00 36.24 ? 177 LEU A CG    1 
ATOM   631  C CD1   . LEU A 1 86 ? 8.163   -16.332 15.034  1.00 40.25 ? 177 LEU A CD1   1 
ATOM   632  C CD2   . LEU A 1 86 ? 6.756   -15.542 13.162  1.00 37.90 ? 177 LEU A CD2   1 
ATOM   633  N N     . LEU A 1 87 ? 3.343   -14.194 16.967  1.00 36.70 ? 178 LEU A N     1 
ATOM   634  C CA    . LEU A 1 87 ? 2.266   -14.276 17.925  1.00 39.98 ? 178 LEU A CA    1 
ATOM   635  C C     . LEU A 1 87 ? 0.931   -14.164 17.219  1.00 36.20 ? 178 LEU A C     1 
ATOM   636  O O     . LEU A 1 87 ? 0.073   -14.955 17.490  1.00 36.34 ? 178 LEU A O     1 
ATOM   637  C CB    . LEU A 1 87 ? 2.388   -13.186 19.004  1.00 40.73 ? 178 LEU A CB    1 
ATOM   638  C CG    . LEU A 1 87 ? 3.558   -13.384 19.968  1.00 41.87 ? 178 LEU A CG    1 
ATOM   639  C CD1   . LEU A 1 87 ? 3.853   -12.055 20.609  1.00 42.89 ? 178 LEU A CD1   1 
ATOM   640  C CD2   . LEU A 1 87 ? 3.273   -14.454 21.034  1.00 43.24 ? 178 LEU A CD2   1 
ATOM   641  N N     . ARG A 1 88 ? 0.784   -13.221 16.314  1.00 36.27 ? 179 ARG A N     1 
ATOM   642  C CA    . ARG A 1 88 ? -0.461  -13.053 15.613  1.00 39.94 ? 179 ARG A CA    1 
ATOM   643  C C     . ARG A 1 88 ? -0.826  -14.265 14.804  1.00 36.08 ? 179 ARG A C     1 
ATOM   644  O O     . ARG A 1 88 ? -1.921  -14.684 14.848  1.00 40.58 ? 179 ARG A O     1 
ATOM   645  C CB    . ARG A 1 88 ? -0.370  -11.870 14.678  1.00 44.39 ? 179 ARG A CB    1 
ATOM   646  C CG    . ARG A 1 88 ? -1.142  -10.654 15.065  1.00 51.69 ? 179 ARG A CG    1 
ATOM   647  C CD    . ARG A 1 88 ? -0.913  -9.607  14.007  1.00 60.56 ? 179 ARG A CD    1 
ATOM   648  N NE    . ARG A 1 88 ? 0.333   -8.887  14.192  1.00 64.60 ? 179 ARG A NE    1 
ATOM   649  C CZ    . ARG A 1 88 ? 1.223   -8.644  13.238  1.00 61.07 ? 179 ARG A CZ    1 
ATOM   650  N NH1   . ARG A 1 88 ? 2.317   -7.985  13.548  1.00 55.34 ? 179 ARG A NH1   1 
ATOM   651  N NH2   . ARG A 1 88 ? 1.025   -9.046  11.993  1.00 47.28 ? 179 ARG A NH2   1 
ATOM   652  N N     . MET A 1 89 ? 0.117   -14.833 14.096  1.00 35.27 ? 180 MET A N     1 
ATOM   653  C CA    . MET A 1 89 ? -0.124  -16.055 13.307  1.00 34.17 ? 180 MET A CA    1 
ATOM   654  C C     . MET A 1 89 ? -0.458  -17.245 14.208  1.00 36.82 ? 180 MET A C     1 
ATOM   655  O O     . MET A 1 89 ? -1.372  -18.038 13.938  1.00 33.58 ? 180 MET A O     1 
ATOM   656  C CB    . MET A 1 89 ? 1.085   -16.427 12.463  1.00 35.30 ? 180 MET A CB    1 
ATOM   657  C CG    . MET A 1 89 ? 1.194   -15.655 11.166  1.00 39.92 ? 180 MET A CG    1 
ATOM   658  S SD    . MET A 1 89 ? 2.431   -16.287 10.024  1.00 46.08 ? 180 MET A SD    1 
ATOM   659  C CE    . MET A 1 89 ? 3.907   -16.005 11.015  1.00 42.45 ? 180 MET A CE    1 
ATOM   660  N N     . SER A 1 90 ? 0.303   -17.372 15.279  1.00 36.51 ? 181 SER A N     1 
ATOM   661  C CA    . SER A 1 90 ? 0.096   -18.484 16.169  1.00 37.50 ? 181 SER A CA    1 
ATOM   662  C C     . SER A 1 90 ? -1.275  -18.401 16.785  1.00 33.14 ? 181 SER A C     1 
ATOM   663  O O     . SER A 1 90 ? -1.935  -19.380 16.853  1.00 37.06 ? 181 SER A O     1 
ATOM   664  C CB    . SER A 1 90 ? 1.181   -18.570 17.218  1.00 37.68 ? 181 SER A CB    1 
ATOM   665  O OG    . SER A 1 90 ? 0.895   -19.698 17.980  1.00 43.88 ? 181 SER A OG    1 
ATOM   666  N N     . ALA A 1 91 ? -1.710  -17.234 17.213  1.00 36.41 ? 182 ALA A N     1 
ATOM   667  C CA    . ALA A 1 91 ? -3.075  -17.099 17.764  1.00 40.56 ? 182 ALA A CA    1 
ATOM   668  C C     . ALA A 1 91 ? -4.189  -17.325 16.720  1.00 40.78 ? 182 ALA A C     1 
ATOM   669  O O     . ALA A 1 91 ? -5.204  -17.968 17.011  1.00 43.40 ? 182 ALA A O     1 
ATOM   670  C CB    . ALA A 1 91 ? -3.262  -15.750 18.428  1.00 41.14 ? 182 ALA A CB    1 
ATOM   671  N N     . TYR A 1 92 ? -4.001  -16.845 15.513  1.00 39.84 ? 183 TYR A N     1 
ATOM   672  C CA    . TYR A 1 92 ? -4.930  -17.141 14.458  1.00 40.50 ? 183 TYR A CA    1 
ATOM   673  C C     . TYR A 1 92 ? -4.980  -18.625 14.102  1.00 44.28 ? 183 TYR A C     1 
ATOM   674  O O     . TYR A 1 92 ? -6.032  -19.177 13.991  1.00 42.02 ? 183 TYR A O     1 
ATOM   675  C CB    . TYR A 1 92 ? -4.615  -16.293 13.241  1.00 42.25 ? 183 TYR A CB    1 
ATOM   676  C CG    . TYR A 1 92 ? -5.268  -16.721 11.963  1.00 45.54 ? 183 TYR A CG    1 
ATOM   677  C CD1   . TYR A 1 92 ? -4.745  -17.717 11.214  1.00 48.22 ? 183 TYR A CD1   1 
ATOM   678  C CD2   . TYR A 1 92 ? -6.412  -16.119 11.516  1.00 46.14 ? 183 TYR A CD2   1 
ATOM   679  C CE1   . TYR A 1 92 ? -5.342  -18.103 10.050  1.00 53.04 ? 183 TYR A CE1   1 
ATOM   680  C CE2   . TYR A 1 92 ? -7.013  -16.501 10.357  1.00 42.48 ? 183 TYR A CE2   1 
ATOM   681  C CZ    . TYR A 1 92 ? -6.469  -17.492 9.628   1.00 49.86 ? 183 TYR A CZ    1 
ATOM   682  O OH    . TYR A 1 92 ? -7.029  -17.887 8.463   1.00 49.84 ? 183 TYR A OH    1 
ATOM   683  N N     . ALA A 1 93 ? -3.844  -19.286 13.981  1.00 47.18 ? 184 ALA A N     1 
ATOM   684  C CA    . ALA A 1 93 ? -3.861  -20.750 13.783  1.00 50.96 ? 184 ALA A CA    1 
ATOM   685  C C     . ALA A 1 93 ? -4.573  -21.491 14.937  1.00 47.13 ? 184 ALA A C     1 
ATOM   686  O O     . ALA A 1 93 ? -5.363  -22.418 14.699  1.00 47.07 ? 184 ALA A O     1 
ATOM   687  C CB    . ALA A 1 93 ? -2.455  -21.311 13.585  1.00 49.38 ? 184 ALA A CB    1 
ATOM   688  N N     . ALA A 1 94 ? -4.294  -21.082 16.169  1.00 42.02 ? 185 ALA A N     1 
ATOM   689  C CA    . ALA A 1 94 ? -4.923  -21.727 17.315  1.00 51.39 ? 185 ALA A CA    1 
ATOM   690  C C     . ALA A 1 94 ? -6.436  -21.613 17.230  1.00 49.86 ? 185 ALA A C     1 
ATOM   691  O O     . ALA A 1 94 ? -7.170  -22.577 17.420  1.00 50.01 ? 185 ALA A O     1 
ATOM   692  C CB    . ALA A 1 94 ? -4.413  -21.123 18.614  1.00 50.85 ? 185 ALA A CB    1 
ATOM   693  N N     . LYS A 1 95 ? -6.909  -20.449 16.858  1.00 54.66 ? 186 LYS A N     1 
ATOM   694  C CA    . LYS A 1 95 ? -8.328  -20.235 16.747  1.00 61.24 ? 186 LYS A CA    1 
ATOM   695  C C     . LYS A 1 95 ? -8.934  -21.146 15.721  1.00 63.08 ? 186 LYS A C     1 
ATOM   696  O O     . LYS A 1 95 ? -9.936  -21.750 15.963  1.00 67.38 ? 186 LYS A O     1 
ATOM   697  C CB    . LYS A 1 95 ? -8.591  -18.810 16.326  1.00 63.51 ? 186 LYS A CB    1 
ATOM   698  C CG    . LYS A 1 95 ? -10.044 -18.430 16.241  1.00 73.05 ? 186 LYS A CG    1 
ATOM   699  C CD    . LYS A 1 95 ? -10.192 -16.969 15.858  1.00 77.68 ? 186 LYS A CD    1 
ATOM   700  C CE    . LYS A 1 95 ? -11.648 -16.562 15.740  1.00 78.53 ? 186 LYS A CE    1 
ATOM   701  N NZ    . LYS A 1 95 ? -11.846 -15.131 15.366  1.00 82.12 ? 186 LYS A NZ    1 
ATOM   702  N N     . ARG A 1 96 ? -8.297  -21.291 14.584  1.00 65.37 ? 187 ARG A N     1 
ATOM   703  C CA    . ARG A 1 96 ? -8.845  -22.163 13.546  1.00 64.51 ? 187 ARG A CA    1 
ATOM   704  C C     . ARG A 1 96 ? -8.884  -23.629 13.928  1.00 70.03 ? 187 ARG A C     1 
ATOM   705  O O     . ARG A 1 96 ? -9.899  -24.287 13.748  1.00 74.80 ? 187 ARG A O     1 
ATOM   706  C CB    . ARG A 1 96 ? -8.080  -22.002 12.265  1.00 64.06 ? 187 ARG A CB    1 
ATOM   707  C CG    . ARG A 1 96 ? -8.274  -20.620 11.678  1.00 70.46 ? 187 ARG A CG    1 
ATOM   708  C CD    . ARG A 1 96 ? -8.045  -20.663 10.189  1.00 76.18 ? 187 ARG A CD    1 
ATOM   709  N NE    . ARG A 1 96 ? -8.913  -21.642 9.562   1.00 71.00 ? 187 ARG A NE    1 
ATOM   710  C CZ    . ARG A 1 96 ? -8.761  -22.080 8.321   1.00 71.07 ? 187 ARG A CZ    1 
ATOM   711  N NH1   . ARG A 1 96 ? -9.618  -22.975 7.869   1.00 67.69 ? 187 ARG A NH1   1 
ATOM   712  N NH2   . ARG A 1 96 ? -7.770  -21.625 7.535   1.00 67.81 ? 187 ARG A NH2   1 
ATOM   713  N N     . GLN A 1 97 ? -7.775  -24.144 14.430  1.00 65.79 ? 188 GLN A N     1 
ATOM   714  C CA    . GLN A 1 97 ? -7.765  -25.473 15.023  1.00 67.51 ? 188 GLN A CA    1 
ATOM   715  C C     . GLN A 1 97 ? -8.942  -25.697 15.996  1.00 69.16 ? 188 GLN A C     1 
ATOM   716  O O     . GLN A 1 97 ? -9.687  -26.655 15.828  1.00 73.86 ? 188 GLN A O     1 
ATOM   717  C CB    . GLN A 1 97 ? -6.436  -25.687 15.755  1.00 65.95 ? 188 GLN A CB    1 
ATOM   718  C CG    . GLN A 1 97 ? -6.207  -27.090 16.269  1.00 63.88 ? 188 GLN A CG    1 
ATOM   719  C CD    . GLN A 1 97 ? -6.036  -28.086 15.138  1.00 65.70 ? 188 GLN A CD    1 
ATOM   720  O OE1   . GLN A 1 97 ? -5.943  -27.714 13.960  1.00 55.42 ? 188 GLN A OE1   1 
ATOM   721  N NE2   . GLN A 1 97 ? -5.994  -29.347 15.482  1.00 69.55 ? 188 GLN A NE2   1 
ATOM   722  N N     . ALA A 1 98 ? -9.120  -24.821 16.990  1.00 66.22 ? 189 ALA A N     1 
ATOM   723  C CA    . ALA A 1 98 ? -10.166 -25.024 18.034  1.00 62.54 ? 189 ALA A CA    1 
ATOM   724  C C     . ALA A 1 98 ? -11.542 -24.564 17.590  1.00 59.56 ? 189 ALA A C     1 
ATOM   725  O O     . ALA A 1 98 ? -11.878 -24.694 16.434  1.00 56.63 ? 189 ALA A O     1 
ATOM   726  C CB    . ALA A 1 98 ? -9.782  -24.337 19.344  1.00 57.46 ? 189 ALA A CB    1 
ATOM   727  O "O5'" . DT  B 2 1  ? -1.873  -27.884 17.686  1.00 54.22 ? -22 DT  B "O5'" 1 
ATOM   728  C "C5'" . DT  B 2 1  ? -1.002  -28.224 18.771  1.00 55.33 ? -22 DT  B "C5'" 1 
ATOM   729  C "C4'" . DT  B 2 1  ? 0.308   -27.508 18.562  1.00 52.14 ? -22 DT  B "C4'" 1 
ATOM   730  O "O4'" . DT  B 2 1  ? 0.885   -27.948 17.318  1.00 48.20 ? -22 DT  B "O4'" 1 
ATOM   731  C "C3'" . DT  B 2 1  ? 0.169   -26.000 18.442  1.00 48.89 ? -22 DT  B "C3'" 1 
ATOM   732  O "O3'" . DT  B 2 1  ? 1.274   -25.518 19.183  1.00 50.66 ? -22 DT  B "O3'" 1 
ATOM   733  C "C2'" . DT  B 2 1  ? 0.208   -25.756 16.942  1.00 47.85 ? -22 DT  B "C2'" 1 
ATOM   734  C "C1'" . DT  B 2 1  ? 1.096   -26.872 16.435  1.00 44.79 ? -22 DT  B "C1'" 1 
ATOM   735  N N1    . DT  B 2 1  ? 0.808   -27.367 15.081  1.00 40.58 ? -22 DT  B N1    1 
ATOM   736  C C2    . DT  B 2 1  ? 1.856   -27.521 14.203  1.00 38.94 ? -22 DT  B C2    1 
ATOM   737  O O2    . DT  B 2 1  ? 2.998   -27.213 14.477  1.00 44.22 ? -22 DT  B O2    1 
ATOM   738  N N3    . DT  B 2 1  ? 1.505   -28.015 12.967  1.00 38.17 ? -22 DT  B N3    1 
ATOM   739  C C4    . DT  B 2 1  ? 0.244   -28.387 12.550  1.00 37.13 ? -22 DT  B C4    1 
ATOM   740  O O4    . DT  B 2 1  ? 0.081   -28.814 11.413  1.00 34.20 ? -22 DT  B O4    1 
ATOM   741  C C5    . DT  B 2 1  ? -0.809  -28.199 13.527  1.00 38.49 ? -22 DT  B C5    1 
ATOM   742  C C7    . DT  B 2 1  ? -2.212  -28.569 13.166  1.00 38.58 ? -22 DT  B C7    1 
ATOM   743  C C6    . DT  B 2 1  ? -0.474  -27.722 14.731  1.00 41.79 ? -22 DT  B C6    1 
ATOM   744  P P     . DG  B 2 2  ? 1.472   -23.956 19.441  1.00 47.70 ? -21 DG  B P     1 
ATOM   745  O OP1   . DG  B 2 2  ? 2.313   -23.807 20.636  1.00 46.45 ? -21 DG  B OP1   1 
ATOM   746  O OP2   . DG  B 2 2  ? 0.163   -23.308 19.362  1.00 48.75 ? -21 DG  B OP2   1 
ATOM   747  O "O5'" . DG  B 2 2  ? 2.373   -23.573 18.191  1.00 45.80 ? -21 DG  B "O5'" 1 
ATOM   748  C "C5'" . DG  B 2 2  ? 3.761   -23.865 18.241  1.00 42.37 ? -21 DG  B "C5'" 1 
ATOM   749  C "C4'" . DG  B 2 2  ? 4.387   -23.502 16.924  1.00 43.24 ? -21 DG  B "C4'" 1 
ATOM   750  O "O4'" . DG  B 2 2  ? 3.641   -24.146 15.878  1.00 43.75 ? -21 DG  B "O4'" 1 
ATOM   751  C "C3'" . DG  B 2 2  ? 4.374   -22.000 16.597  1.00 49.96 ? -21 DG  B "C3'" 1 
ATOM   752  O "O3'" . DG  B 2 2  ? 5.707   -21.657 16.229  1.00 52.84 ? -21 DG  B "O3'" 1 
ATOM   753  C "C2'" . DG  B 2 2  ? 3.414   -21.891 15.423  1.00 46.20 ? -21 DG  B "C2'" 1 
ATOM   754  C "C1'" . DG  B 2 2  ? 3.551   -23.257 14.792  1.00 41.81 ? -21 DG  B "C1'" 1 
ATOM   755  N N9    . DG  B 2 2  ? 2.461   -23.714 13.947  1.00 39.90 ? -21 DG  B N9    1 
ATOM   756  C C8    . DG  B 2 2  ? 1.118   -23.760 14.233  1.00 39.42 ? -21 DG  B C8    1 
ATOM   757  N N7    . DG  B 2 2  ? 0.414   -24.330 13.293  1.00 36.15 ? -21 DG  B N7    1 
ATOM   758  C C5    . DG  B 2 2  ? 1.349   -24.664 12.323  1.00 37.44 ? -21 DG  B C5    1 
ATOM   759  C C6    . DG  B 2 2  ? 1.172   -25.231 11.048  1.00 35.41 ? -21 DG  B C6    1 
ATOM   760  O O6    . DG  B 2 2  ? 0.130   -25.623 10.514  1.00 42.87 ? -21 DG  B O6    1 
ATOM   761  N N1    . DG  B 2 2  ? 2.380   -25.391 10.394  1.00 37.54 ? -21 DG  B N1    1 
ATOM   762  C C2    . DG  B 2 2  ? 3.601   -25.029 10.890  1.00 40.56 ? -21 DG  B C2    1 
ATOM   763  N N2    . DG  B 2 2  ? 4.652   -25.262 10.093  1.00 44.10 ? -21 DG  B N2    1 
ATOM   764  N N3    . DG  B 2 2  ? 3.780   -24.467 12.069  1.00 39.24 ? -21 DG  B N3    1 
ATOM   765  C C4    . DG  B 2 2  ? 2.617   -24.308 12.723  1.00 41.57 ? -21 DG  B C4    1 
ATOM   766  P P     . DT  B 2 3  ? 6.288   -20.163 16.296  1.00 48.81 ? -20 DT  B P     1 
ATOM   767  O OP1   . DT  B 2 3  ? 7.498   -20.225 17.140  1.00 48.18 ? -20 DT  B OP1   1 
ATOM   768  O OP2   . DT  B 2 3  ? 5.186   -19.205 16.569  1.00 47.96 ? -20 DT  B OP2   1 
ATOM   769  O "O5'" . DT  B 2 3  ? 6.736   -19.961 14.794  1.00 46.45 ? -20 DT  B "O5'" 1 
ATOM   770  C "C5'" . DT  B 2 3  ? 7.672   -20.915 14.314  1.00 41.33 ? -20 DT  B "C5'" 1 
ATOM   771  C "C4'" . DT  B 2 3  ? 7.661   -20.936 12.813  1.00 41.50 ? -20 DT  B "C4'" 1 
ATOM   772  O "O4'" . DT  B 2 3  ? 6.417   -21.478 12.300  1.00 38.30 ? -20 DT  B "O4'" 1 
ATOM   773  C "C3'" . DT  B 2 3  ? 7.848   -19.562 12.169  1.00 40.19 ? -20 DT  B "C3'" 1 
ATOM   774  O "O3'" . DT  B 2 3  ? 8.925   -19.872 11.298  1.00 43.07 ? -20 DT  B "O3'" 1 
ATOM   775  C "C2'" . DT  B 2 3  ? 6.502   -19.280 11.538  1.00 40.12 ? -20 DT  B "C2'" 1 
ATOM   776  C "C1'" . DT  B 2 3  ? 6.042   -20.697 11.187  1.00 37.67 ? -20 DT  B "C1'" 1 
ATOM   777  N N1    . DT  B 2 3  ? 4.618   -20.949 10.949  1.00 33.07 ? -20 DT  B N1    1 
ATOM   778  C C2    . DT  B 2 3  ? 4.290   -21.711 9.855   1.00 32.25 ? -20 DT  B C2    1 
ATOM   779  O O2    . DT  B 2 3  ? 5.103   -22.058 9.027   1.00 40.45 ? -20 DT  B O2    1 
ATOM   780  N N3    . DT  B 2 3  ? 2.958   -22.007 9.736   1.00 32.12 ? -20 DT  B N3    1 
ATOM   781  C C4    . DT  B 2 3  ? 1.950   -21.676 10.620  1.00 30.90 ? -20 DT  B C4    1 
ATOM   782  O O4    . DT  B 2 3  ? 0.794   -22.015 10.380  1.00 30.05 ? -20 DT  B O4    1 
ATOM   783  C C5    . DT  B 2 3  ? 2.372   -20.927 11.782  1.00 35.05 ? -20 DT  B C5    1 
ATOM   784  C C7    . DT  B 2 3  ? 1.339   -20.476 12.772  1.00 34.32 ? -20 DT  B C7    1 
ATOM   785  C C6    . DT  B 2 3  ? 3.672   -20.600 11.883  1.00 34.42 ? -20 DT  B C6    1 
ATOM   786  P P     . DA  B 2 4  ? 9.664   -18.795 10.486  1.00 41.02 ? -19 DA  B P     1 
ATOM   787  O OP1   . DA  B 2 4  ? 11.080  -18.972 10.781  1.00 55.09 ? -19 DA  B OP1   1 
ATOM   788  O OP2   . DA  B 2 4  ? 9.090   -17.466 10.806  1.00 44.84 ? -19 DA  B OP2   1 
ATOM   789  O "O5'" . DA  B 2 4  ? 9.258   -19.250 9.019   1.00 41.80 ? -19 DA  B "O5'" 1 
ATOM   790  C "C5'" . DA  B 2 4  ? 9.768   -20.496 8.506   1.00 40.10 ? -19 DA  B "C5'" 1 
ATOM   791  C "C4'" . DA  B 2 4  ? 9.330   -20.726 7.079   1.00 36.48 ? -19 DA  B "C4'" 1 
ATOM   792  O "O4'" . DA  B 2 4  ? 7.904   -20.922 6.986   1.00 38.66 ? -19 DA  B "O4'" 1 
ATOM   793  C "C3'" . DA  B 2 4  ? 9.640   -19.597 6.118   1.00 39.84 ? -19 DA  B "C3'" 1 
ATOM   794  O "O3'" . DA  B 2 4  ? 9.872   -20.292 4.895   1.00 43.51 ? -19 DA  B "O3'" 1 
ATOM   795  C "C2'" . DA  B 2 4  ? 8.347   -18.791 6.115   1.00 38.86 ? -19 DA  B "C2'" 1 
ATOM   796  C "C1'" . DA  B 2 4  ? 7.307   -19.889 6.209   1.00 37.62 ? -19 DA  B "C1'" 1 
ATOM   797  N N9    . DA  B 2 4  ? 6.086   -19.496 6.884   1.00 32.80 ? -19 DA  B N9    1 
ATOM   798  C C8    . DA  B 2 4  ? 6.002   -18.859 8.098   1.00 34.97 ? -19 DA  B C8    1 
ATOM   799  N N7    . DA  B 2 4  ? 4.771   -18.659 8.506   1.00 32.12 ? -19 DA  B N7    1 
ATOM   800  C C5    . DA  B 2 4  ? 3.995   -19.232 7.513   1.00 33.77 ? -19 DA  B C5    1 
ATOM   801  C C6    . DA  B 2 4  ? 2.610   -19.353 7.360   1.00 34.18 ? -19 DA  B C6    1 
ATOM   802  N N6    . DA  B 2 4  ? 1.737   -18.884 8.245   1.00 36.14 ? -19 DA  B N6    1 
ATOM   803  N N1    . DA  B 2 4  ? 2.150   -19.972 6.254   1.00 33.74 ? -19 DA  B N1    1 
ATOM   804  C C2    . DA  B 2 4  ? 3.041   -20.491 5.394   1.00 34.92 ? -19 DA  B C2    1 
ATOM   805  N N3    . DA  B 2 4  ? 4.375   -20.412 5.411   1.00 35.33 ? -19 DA  B N3    1 
ATOM   806  C C4    . DA  B 2 4  ? 4.793   -19.769 6.515   1.00 34.11 ? -19 DA  B C4    1 
ATOM   807  P P     . DT  B 2 5  ? 10.443  -19.502 3.604   1.00 50.46 ? -18 DT  B P     1 
ATOM   808  O OP1   . DT  B 2 5  ? 11.252  -20.464 2.839   1.00 56.86 ? -18 DT  B OP1   1 
ATOM   809  O OP2   . DT  B 2 5  ? 11.044  -18.241 4.088   1.00 41.91 ? -18 DT  B OP2   1 
ATOM   810  O "O5'" . DT  B 2 5  ? 9.113   -19.281 2.753   1.00 45.80 ? -18 DT  B "O5'" 1 
ATOM   811  C "C5'" . DT  B 2 5  ? 8.320   -20.423 2.427   1.00 44.14 ? -18 DT  B "C5'" 1 
ATOM   812  C "C4'" . DT  B 2 5  ? 7.038   -20.039 1.729   1.00 43.30 ? -18 DT  B "C4'" 1 
ATOM   813  O "O4'" . DT  B 2 5  ? 6.031   -19.653 2.691   1.00 41.05 ? -18 DT  B "O4'" 1 
ATOM   814  C "C3'" . DT  B 2 5  ? 7.139   -18.901 0.705   1.00 41.28 ? -18 DT  B "C3'" 1 
ATOM   815  O "O3'" . DT  B 2 5  ? 6.642   -19.469 -0.508  1.00 43.93 ? -18 DT  B "O3'" 1 
ATOM   816  C "C2'" . DT  B 2 5  ? 6.242   -17.809 1.274   1.00 39.08 ? -18 DT  B "C2'" 1 
ATOM   817  C "C1'" . DT  B 2 5  ? 5.271   -18.593 2.152   1.00 35.27 ? -18 DT  B "C1'" 1 
ATOM   818  N N1    . DT  B 2 5  ? 4.706   -17.846 3.293   1.00 38.12 ? -18 DT  B N1    1 
ATOM   819  C C2    . DT  B 2 5  ? 3.343   -17.871 3.472   1.00 33.18 ? -18 DT  B C2    1 
ATOM   820  O O2    . DT  B 2 5  ? 2.585   -18.456 2.717   1.00 27.61 ? -18 DT  B O2    1 
ATOM   821  N N3    . DT  B 2 5  ? 2.898   -17.201 4.593   1.00 30.87 ? -18 DT  B N3    1 
ATOM   822  C C4    . DT  B 2 5  ? 3.670   -16.511 5.515   1.00 34.84 ? -18 DT  B C4    1 
ATOM   823  O O4    . DT  B 2 5  ? 3.127   -15.932 6.470   1.00 34.35 ? -18 DT  B O4    1 
ATOM   824  C C5    . DT  B 2 5  ? 5.089   -16.505 5.241   1.00 31.65 ? -18 DT  B C5    1 
ATOM   825  C C7    . DT  B 2 5  ? 6.012   -15.836 6.208   1.00 31.51 ? -18 DT  B C7    1 
ATOM   826  C C6    . DT  B 2 5  ? 5.531   -17.183 4.173   1.00 35.65 ? -18 DT  B C6    1 
ATOM   827  P P     . DG  B 2 6  ? 6.343   -18.543 -1.792  1.00 45.74 ? -17 DG  B P     1 
ATOM   828  O OP1   . DG  B 2 6  ? 6.432   -19.424 -2.954  1.00 44.66 ? -17 DG  B OP1   1 
ATOM   829  O OP2   . DG  B 2 6  ? 7.173   -17.296 -1.681  1.00 44.10 ? -17 DG  B OP2   1 
ATOM   830  O "O5'" . DG  B 2 6  ? 4.809   -18.146 -1.635  1.00 46.07 ? -17 DG  B "O5'" 1 
ATOM   831  C "C5'" . DG  B 2 6  ? 3.820   -19.156 -1.884  1.00 44.88 ? -17 DG  B "C5'" 1 
ATOM   832  C "C4'" . DG  B 2 6  ? 2.443   -18.545 -1.986  1.00 43.85 ? -17 DG  B "C4'" 1 
ATOM   833  O "O4'" . DG  B 2 6  ? 2.097   -17.971 -0.711  1.00 39.03 ? -17 DG  B "O4'" 1 
ATOM   834  C "C3'" . DG  B 2 6  ? 2.307   -17.425 -3.011  1.00 37.82 ? -17 DG  B "C3'" 1 
ATOM   835  O "O3'" . DG  B 2 6  ? 1.200   -17.791 -3.839  1.00 38.01 ? -17 DG  B "O3'" 1 
ATOM   836  C "C2'" . DG  B 2 6  ? 2.117   -16.177 -2.162  1.00 37.96 ? -17 DG  B "C2'" 1 
ATOM   837  C "C1'" . DG  B 2 6  ? 1.511   -16.714 -0.881  1.00 37.80 ? -17 DG  B "C1'" 1 
ATOM   838  N N9    . DG  B 2 6  ? 1.828   -15.943 0.311   1.00 36.12 ? -17 DG  B N9    1 
ATOM   839  C C8    . DG  B 2 6  ? 3.086   -15.615 0.762   1.00 38.24 ? -17 DG  B C8    1 
ATOM   840  N N7    . DG  B 2 6  ? 3.070   -14.948 1.886   1.00 36.68 ? -17 DG  B N7    1 
ATOM   841  C C5    . DG  B 2 6  ? 1.721   -14.836 2.197   1.00 37.21 ? -17 DG  B C5    1 
ATOM   842  C C6    . DG  B 2 6  ? 1.084   -14.194 3.284   1.00 34.10 ? -17 DG  B C6    1 
ATOM   843  O O6    . DG  B 2 6  ? 1.600   -13.608 4.237   1.00 37.08 ? -17 DG  B O6    1 
ATOM   844  N N1    . DG  B 2 6  ? -0.298  -14.300 3.202   1.00 32.96 ? -17 DG  B N1    1 
ATOM   845  C C2    . DG  B 2 6  ? -0.981  -14.963 2.207   1.00 36.83 ? -17 DG  B C2    1 
ATOM   846  N N2    . DG  B 2 6  ? -2.313  -14.983 2.313   1.00 34.55 ? -17 DG  B N2    1 
ATOM   847  N N3    . DG  B 2 6  ? -0.402  -15.519 1.161   1.00 33.50 ? -17 DG  B N3    1 
ATOM   848  C C4    . DG  B 2 6  ? 0.942   -15.452 1.238   1.00 35.13 ? -17 DG  B C4    1 
ATOM   849  P P     . DT  B 2 7  ? 0.633   -16.804 -4.957  1.00 38.66 ? -16 DT  B P     1 
ATOM   850  O OP1   . DT  B 2 7  ? -0.080  -17.615 -5.948  1.00 42.82 ? -16 DT  B OP1   1 
ATOM   851  O OP2   . DT  B 2 7  ? 1.677   -15.847 -5.334  1.00 40.90 ? -16 DT  B OP2   1 
ATOM   852  O "O5'" . DT  B 2 7  ? -0.420  -15.903 -4.167  1.00 39.53 ? -16 DT  B "O5'" 1 
ATOM   853  C "C5'" . DT  B 2 7  ? -1.694  -16.460 -3.766  1.00 38.72 ? -16 DT  B "C5'" 1 
ATOM   854  C "C4'" . DT  B 2 7  ? -2.521  -15.370 -3.130  1.00 36.11 ? -16 DT  B "C4'" 1 
ATOM   855  O "O4'" . DT  B 2 7  ? -1.848  -14.838 -1.963  1.00 32.22 ? -16 DT  B "O4'" 1 
ATOM   856  C "C3'" . DT  B 2 7  ? -2.741  -14.169 -4.047  1.00 36.43 ? -16 DT  B "C3'" 1 
ATOM   857  O "O3'" . DT  B 2 7  ? -4.074  -13.729 -3.823  1.00 40.50 ? -16 DT  B "O3'" 1 
ATOM   858  C "C2'" . DT  B 2 7  ? -1.787  -13.124 -3.502  1.00 33.01 ? -16 DT  B "C2'" 1 
ATOM   859  C "C1'" . DT  B 2 7  ? -1.914  -13.431 -2.031  1.00 33.68 ? -16 DT  B "C1'" 1 
ATOM   860  N N1    . DT  B 2 7  ? -0.911  -12.888 -1.120  1.00 33.25 ? -16 DT  B N1    1 
ATOM   861  C C2    . DT  B 2 7  ? -1.329  -12.328 0.066   1.00 35.78 ? -16 DT  B C2    1 
ATOM   862  O O2    . DT  B 2 7  ? -2.505  -12.204 0.370   1.00 31.82 ? -16 DT  B O2    1 
ATOM   863  N N3    . DT  B 2 7  ? -0.314  -11.890 0.875   1.00 38.25 ? -16 DT  B N3    1 
ATOM   864  C C4    . DT  B 2 7  ? 1.044   -11.924 0.600   1.00 38.65 ? -16 DT  B C4    1 
ATOM   865  O O4    . DT  B 2 7  ? 1.842   -11.497 1.418   1.00 41.11 ? -16 DT  B O4    1 
ATOM   866  C C5    . DT  B 2 7  ? 1.403   -12.523 -0.656  1.00 34.28 ? -16 DT  B C5    1 
ATOM   867  C C7    . DT  B 2 7  ? 2.849   -12.608 -1.036  1.00 34.67 ? -16 DT  B C7    1 
ATOM   868  C C6    . DT  B 2 7  ? 0.424   -13.007 -1.422  1.00 32.02 ? -16 DT  B C6    1 
ATOM   869  P P     . DA  B 2 8  ? -5.145  -13.928 -4.944  1.00 41.66 ? -15 DA  B P     1 
ATOM   870  O OP1   . DA  B 2 8  ? -5.463  -15.361 -4.971  1.00 42.41 ? -15 DA  B OP1   1 
ATOM   871  O OP2   . DA  B 2 8  ? -4.651  -13.294 -6.173  1.00 42.48 ? -15 DA  B OP2   1 
ATOM   872  O "O5'" . DA  B 2 8  ? -6.365  -13.134 -4.325  1.00 36.54 ? -15 DA  B "O5'" 1 
ATOM   873  C "C5'" . DA  B 2 8  ? -7.143  -13.804 -3.342  1.00 39.90 ? -15 DA  B "C5'" 1 
ATOM   874  C "C4'" . DA  B 2 8  ? -7.812  -12.759 -2.496  1.00 39.87 ? -15 DA  B "C4'" 1 
ATOM   875  O "O4'" . DA  B 2 8  ? -6.810  -12.146 -1.661  1.00 37.87 ? -15 DA  B "O4'" 1 
ATOM   876  C "C3'" . DA  B 2 8  ? -8.481  -11.620 -3.272  1.00 36.62 ? -15 DA  B "C3'" 1 
ATOM   877  O "O3'" . DA  B 2 8  ? -9.586  -11.328 -2.422  1.00 43.53 ? -15 DA  B "O3'" 1 
ATOM   878  C "C2'" . DA  B 2 8  ? -7.447  -10.514 -3.243  1.00 36.44 ? -15 DA  B "C2'" 1 
ATOM   879  C "C1'" . DA  B 2 8  ? -6.780  -10.736 -1.882  1.00 37.97 ? -15 DA  B "C1'" 1 
ATOM   880  N N9    . DA  B 2 8  ? -5.381  -10.313 -1.773  1.00 35.42 ? -15 DA  B N9    1 
ATOM   881  C C8    . DA  B 2 8  ? -4.356  -10.647 -2.619  1.00 37.60 ? -15 DA  B C8    1 
ATOM   882  N N7    . DA  B 2 8  ? -3.184  -10.196 -2.235  1.00 36.36 ? -15 DA  B N7    1 
ATOM   883  C C5    . DA  B 2 8  ? -3.455  -9.544  -1.045  1.00 31.53 ? -15 DA  B C5    1 
ATOM   884  C C6    . DA  B 2 8  ? -2.631  -8.849  -0.149  1.00 34.81 ? -15 DA  B C6    1 
ATOM   885  N N6    . DA  B 2 8  ? -1.316  -8.685  -0.333  1.00 36.11 ? -15 DA  B N6    1 
ATOM   886  N N1    . DA  B 2 8  ? -3.201  -8.355  0.973   1.00 32.38 ? -15 DA  B N1    1 
ATOM   887  C C2    . DA  B 2 8  ? -4.519  -8.537  1.158   1.00 33.61 ? -15 DA  B C2    1 
ATOM   888  N N3    . DA  B 2 8  ? -5.400  -9.159  0.370   1.00 33.78 ? -15 DA  B N3    1 
ATOM   889  C C4    . DA  B 2 8  ? -4.800  -9.626  -0.736  1.00 30.54 ? -15 DA  B C4    1 
ATOM   890  P P     . DT  B 2 9  ? -10.712 -10.313 -2.841  1.00 42.78 ? -14 DT  B P     1 
ATOM   891  O OP1   . DT  B 2 9  ? -11.935 -10.706 -2.116  1.00 47.16 ? -14 DT  B OP1   1 
ATOM   892  O OP2   . DT  B 2 9  ? -10.695 -10.225 -4.310  1.00 41.32 ? -14 DT  B OP2   1 
ATOM   893  O "O5'" . DT  B 2 9  ? -10.250 -8.947  -2.182  1.00 37.95 ? -14 DT  B "O5'" 1 
ATOM   894  C "C5'" . DT  B 2 9  ? -10.383 -8.810  -0.780  1.00 40.74 ? -14 DT  B "C5'" 1 
ATOM   895  C "C4'" . DT  B 2 9  ? -9.586  -7.623  -0.295  1.00 43.16 ? -14 DT  B "C4'" 1 
ATOM   896  O "O4'" . DT  B 2 9  ? -8.188  -7.745  -0.631  1.00 38.09 ? -14 DT  B "O4'" 1 
ATOM   897  C "C3'" . DT  B 2 9  ? -10.024 -6.260  -0.842  1.00 45.06 ? -14 DT  B "C3'" 1 
ATOM   898  O "O3'" . DT  B 2 9  ? -10.655 -5.647  0.276   1.00 46.01 ? -14 DT  B "O3'" 1 
ATOM   899  C "C2'" . DT  B 2 9  ? -8.717  -5.579  -1.223  1.00 39.65 ? -14 DT  B "C2'" 1 
ATOM   900  C "C1'" . DT  B 2 9  ? -7.675  -6.429  -0.521  1.00 37.74 ? -14 DT  B "C1'" 1 
ATOM   901  N N1    . DT  B 2 9  ? -6.350  -6.405  -1.169  1.00 35.31 ? -14 DT  B N1    1 
ATOM   902  C C2    . DT  B 2 9  ? -5.268  -5.878  -0.499  1.00 36.98 ? -14 DT  B C2    1 
ATOM   903  O O2    . DT  B 2 9  ? -5.338  -5.394  0.622   1.00 35.28 ? -14 DT  B O2    1 
ATOM   904  N N3    . DT  B 2 9  ? -4.092  -5.917  -1.208  1.00 35.77 ? -14 DT  B N3    1 
ATOM   905  C C4    . DT  B 2 9  ? -3.902  -6.422  -2.478  1.00 32.33 ? -14 DT  B C4    1 
ATOM   906  O O4    . DT  B 2 9  ? -2.817  -6.326  -3.010  1.00 33.01 ? -14 DT  B O4    1 
ATOM   907  C C5    . DT  B 2 9  ? -5.075  -6.943  -3.117  1.00 35.44 ? -14 DT  B C5    1 
ATOM   908  C C7    . DT  B 2 9  ? -4.960  -7.477  -4.509  1.00 37.85 ? -14 DT  B C7    1 
ATOM   909  C C6    . DT  B 2 9  ? -6.224  -6.915  -2.440  1.00 31.91 ? -14 DT  B C6    1 
ATOM   910  P P     . DG  B 2 10 ? -11.286 -4.205  0.201   1.00 47.98 ? -13 DG  B P     1 
ATOM   911  O OP1   . DG  B 2 10 ? -12.373 -4.219  1.154   1.00 48.85 ? -13 DG  B OP1   1 
ATOM   912  O OP2   . DG  B 2 10 ? -11.569 -3.856  -1.215  1.00 44.32 ? -13 DG  B OP2   1 
ATOM   913  O "O5'" . DG  B 2 10 ? -10.108 -3.276  0.761   1.00 45.07 ? -13 DG  B "O5'" 1 
ATOM   914  C "C5'" . DG  B 2 10 ? -9.456  -3.538  2.024   1.00 47.00 ? -13 DG  B "C5'" 1 
ATOM   915  C "C4'" . DG  B 2 10 ? -8.313  -2.570  2.248   1.00 45.33 ? -13 DG  B "C4'" 1 
ATOM   916  O "O4'" . DG  B 2 10 ? -7.209  -2.932  1.385   1.00 47.24 ? -13 DG  B "O4'" 1 
ATOM   917  C "C3'" . DG  B 2 10 ? -8.638  -1.107  1.929   1.00 44.39 ? -13 DG  B "C3'" 1 
ATOM   918  O "O3'" . DG  B 2 10 ? -8.273  -0.296  3.041   1.00 39.41 ? -13 DG  B "O3'" 1 
ATOM   919  C "C2'" . DG  B 2 10 ? -7.850  -0.815  0.662   1.00 46.15 ? -13 DG  B "C2'" 1 
ATOM   920  C "C1'" . DG  B 2 10 ? -6.671  -1.757  0.811   1.00 48.62 ? -13 DG  B "C1'" 1 
ATOM   921  N N9    . DG  B 2 10 ? -5.959  -2.140  -0.409  1.00 44.05 ? -13 DG  B N9    1 
ATOM   922  C C8    . DG  B 2 10 ? -6.464  -2.822  -1.487  1.00 41.62 ? -13 DG  B C8    1 
ATOM   923  N N7    . DG  B 2 10 ? -5.568  -3.071  -2.399  1.00 39.65 ? -13 DG  B N7    1 
ATOM   924  C C5    . DG  B 2 10 ? -4.397  -2.524  -1.894  1.00 41.73 ? -13 DG  B C5    1 
ATOM   925  C C6    . DG  B 2 10 ? -3.089  -2.462  -2.452  1.00 40.51 ? -13 DG  B C6    1 
ATOM   926  O O6    . DG  B 2 10 ? -2.688  -2.902  -3.534  1.00 40.89 ? -13 DG  B O6    1 
ATOM   927  N N1    . DG  B 2 10 ? -2.198  -1.839  -1.593  1.00 35.35 ? -13 DG  B N1    1 
ATOM   928  C C2    . DG  B 2 10 ? -2.517  -1.323  -0.366  1.00 43.45 ? -13 DG  B C2    1 
ATOM   929  N N2    . DG  B 2 10 ? -1.509  -0.752  0.309   1.00 49.66 ? -13 DG  B N2    1 
ATOM   930  N N3    . DG  B 2 10 ? -3.738  -1.329  0.145   1.00 36.64 ? -13 DG  B N3    1 
ATOM   931  C C4    . DG  B 2 10 ? -4.618  -1.953  -0.662  1.00 41.33 ? -13 DG  B C4    1 
ATOM   932  P P     . DT  B 2 11 ? -8.632  1.276   3.042   1.00 44.34 ? -12 DT  B P     1 
ATOM   933  O OP1   . DT  B 2 11 ? -8.836  1.670   4.432   1.00 41.76 ? -12 DT  B OP1   1 
ATOM   934  O OP2   . DT  B 2 11 ? -9.695  1.535   2.015   1.00 34.67 ? -12 DT  B OP2   1 
ATOM   935  O "O5'" . DT  B 2 11 ? -7.238  1.957   2.649   1.00 40.03 ? -12 DT  B "O5'" 1 
ATOM   936  C "C5'" . DT  B 2 11 ? -6.072  1.664   3.449   1.00 40.96 ? -12 DT  B "C5'" 1 
ATOM   937  C "C4'" . DT  B 2 11 ? -4.873  2.432   2.960   1.00 38.91 ? -12 DT  B "C4'" 1 
ATOM   938  O "O4'" . DT  B 2 11 ? -4.399  1.799   1.747   1.00 37.78 ? -12 DT  B "O4'" 1 
ATOM   939  C "C3'" . DT  B 2 11 ? -5.171  3.893   2.589   1.00 37.12 ? -12 DT  B "C3'" 1 
ATOM   940  O "O3'" . DT  B 2 11 ? -4.041  4.707   2.852   1.00 38.72 ? -12 DT  B "O3'" 1 
ATOM   941  C "C2'" . DT  B 2 11 ? -5.251  3.859   1.075   1.00 35.99 ? -12 DT  B "C2'" 1 
ATOM   942  C "C1'" . DT  B 2 11 ? -4.155  2.843   0.801   1.00 36.03 ? -12 DT  B "C1'" 1 
ATOM   943  N N1    . DT  B 2 11 ? -4.131  2.239   -0.537  1.00 39.87 ? -12 DT  B N1    1 
ATOM   944  C C2    . DT  B 2 11 ? -2.919  2.047   -1.170  1.00 34.49 ? -12 DT  B C2    1 
ATOM   945  O O2    . DT  B 2 11 ? -1.861  2.408   -0.705  1.00 40.85 ? -12 DT  B O2    1 
ATOM   946  N N3    . DT  B 2 11 ? -3.002  1.442   -2.389  1.00 35.18 ? -12 DT  B N3    1 
ATOM   947  C C4    . DT  B 2 11 ? -4.134  0.972   -3.007  1.00 33.02 ? -12 DT  B C4    1 
ATOM   948  O O4    . DT  B 2 11 ? -4.043  0.437   -4.100  1.00 37.12 ? -12 DT  B O4    1 
ATOM   949  C C5    . DT  B 2 11 ? -5.372  1.203   -2.292  1.00 38.00 ? -12 DT  B C5    1 
ATOM   950  C C7    . DT  B 2 11 ? -6.663  0.748   -2.897  1.00 34.49 ? -12 DT  B C7    1 
ATOM   951  C C6    . DT  B 2 11 ? -5.304  1.783   -1.092  1.00 36.69 ? -12 DT  B C6    1 
ATOM   952  P P     . DA  B 2 12 ? -4.046  5.722   4.066   1.00 38.10 ? -11 DA  B P     1 
ATOM   953  O OP1   . DA  B 2 12 ? -4.301  4.910   5.273   1.00 46.42 ? -11 DA  B OP1   1 
ATOM   954  O OP2   . DA  B 2 12 ? -4.916  6.838   3.760   1.00 40.37 ? -11 DA  B OP2   1 
ATOM   955  O "O5'" . DA  B 2 12 ? -2.554  6.259   4.019   1.00 35.09 ? -11 DA  B "O5'" 1 
ATOM   956  C "C5'" . DA  B 2 12 ? -1.483  5.374   4.362   1.00 34.30 ? -11 DA  B "C5'" 1 
ATOM   957  C "C4'" . DA  B 2 12 ? -0.222  5.752   3.624   1.00 33.15 ? -11 DA  B "C4'" 1 
ATOM   958  O "O4'" . DA  B 2 12 ? -0.297  5.324   2.254   1.00 37.56 ? -11 DA  B "O4'" 1 
ATOM   959  C "C3'" . DA  B 2 12 ? 0.058   7.252   3.566   1.00 35.23 ? -11 DA  B "C3'" 1 
ATOM   960  O "O3'" . DA  B 2 12 ? 1.482   7.336   3.676   1.00 34.11 ? -11 DA  B "O3'" 1 
ATOM   961  C "C2'" . DA  B 2 12 ? -0.440  7.668   2.183   1.00 35.46 ? -11 DA  B "C2'" 1 
ATOM   962  C "C1'" . DA  B 2 12 ? -0.131  6.436   1.350   1.00 36.30 ? -11 DA  B "C1'" 1 
ATOM   963  N N9    . DA  B 2 12 ? -1.012  6.182   0.208   1.00 34.56 ? -11 DA  B N9    1 
ATOM   964  C C8    . DA  B 2 12 ? -2.383  6.206   0.236   1.00 35.80 ? -11 DA  B C8    1 
ATOM   965  N N7    . DA  B 2 12 ? -2.939  5.783   -0.872  1.00 36.50 ? -11 DA  B N7    1 
ATOM   966  C C5    . DA  B 2 12 ? -1.860  5.449   -1.681  1.00 37.47 ? -11 DA  B C5    1 
ATOM   967  C C6    . DA  B 2 12 ? -1.781  4.931   -2.991  1.00 32.87 ? -11 DA  B C6    1 
ATOM   968  N N6    . DA  B 2 12 ? -2.843  4.719   -3.761  1.00 34.71 ? -11 DA  B N6    1 
ATOM   969  N N1    . DA  B 2 12 ? -0.555  4.674   -3.496  1.00 30.81 ? -11 DA  B N1    1 
ATOM   970  C C2    . DA  B 2 12 ? 0.509   4.906   -2.722  1.00 30.25 ? -11 DA  B C2    1 
ATOM   971  N N3    . DA  B 2 12 ? 0.561   5.416   -1.487  1.00 31.14 ? -11 DA  B N3    1 
ATOM   972  C C4    . DA  B 2 12 ? -0.669  5.689   -1.029  1.00 28.24 ? -11 DA  B C4    1 
ATOM   973  P P     . DT  B 2 13 ? 2.192   8.780   3.740   1.00 34.85 ? -10 DT  B P     1 
ATOM   974  O OP1   . DT  B 2 13 ? 3.441   8.589   4.500   1.00 39.06 ? -10 DT  B OP1   1 
ATOM   975  O OP2   . DT  B 2 13 ? 1.216   9.787   4.159   1.00 31.15 ? -10 DT  B OP2   1 
ATOM   976  O "O5'" . DT  B 2 13 ? 2.511   9.030   2.199   1.00 36.15 ? -10 DT  B "O5'" 1 
ATOM   977  C "C5'" . DT  B 2 13 ? 3.387   8.098   1.556   1.00 31.63 ? -10 DT  B "C5'" 1 
ATOM   978  C "C4'" . DT  B 2 13 ? 3.494   8.433   0.088   1.00 35.42 ? -10 DT  B "C4'" 1 
ATOM   979  O "O4'" . DT  B 2 13 ? 2.286   8.034   -0.598  1.00 32.73 ? -10 DT  B "O4'" 1 
ATOM   980  C "C3'" . DT  B 2 13 ? 3.721   9.917   -0.265  1.00 32.01 ? -10 DT  B "C3'" 1 
ATOM   981  O "O3'" . DT  B 2 13 ? 5.097   9.999   -0.644  1.00 32.69 ? -10 DT  B "O3'" 1 
ATOM   982  C "C2'" . DT  B 2 13 ? 2.761   10.173  -1.420  1.00 33.28 ? -10 DT  B "C2'" 1 
ATOM   983  C "C1'" . DT  B 2 13 ? 2.222   8.781   -1.782  1.00 33.25 ? -10 DT  B "C1'" 1 
ATOM   984  N N1    . DT  B 2 13 ? 0.835   8.746   -2.226  1.00 33.62 ? -10 DT  B N1    1 
ATOM   985  C C2    . DT  B 2 13 ? 0.561   8.247   -3.476  1.00 28.72 ? -10 DT  B C2    1 
ATOM   986  O O2    . DT  B 2 13 ? 1.419   7.848   -4.225  1.00 30.98 ? -10 DT  B O2    1 
ATOM   987  N N3    . DT  B 2 13 ? -0.771  8.202   -3.798  1.00 32.40 ? -10 DT  B N3    1 
ATOM   988  C C4    . DT  B 2 13 ? -1.833  8.572   -3.002  1.00 31.75 ? -10 DT  B C4    1 
ATOM   989  O O4    . DT  B 2 13 ? -2.977  8.487   -3.439  1.00 28.82 ? -10 DT  B O4    1 
ATOM   990  C C5    . DT  B 2 13 ? -1.469  9.129   -1.712  1.00 32.53 ? -10 DT  B C5    1 
ATOM   991  C C7    . DT  B 2 13 ? -2.550  9.581   -0.783  1.00 36.28 ? -10 DT  B C7    1 
ATOM   992  C C6    . DT  B 2 13 ? -0.173  9.145   -1.377  1.00 30.36 ? -10 DT  B C6    1 
ATOM   993  P P     . DG  B 2 14 ? 5.744   11.325  -1.251  1.00 32.62 ? -9  DG  B P     1 
ATOM   994  O OP1   . DG  B 2 14 ? 7.216   11.152  -1.161  1.00 39.75 ? -9  DG  B OP1   1 
ATOM   995  O OP2   . DG  B 2 14 ? 5.135   12.483  -0.609  1.00 33.23 ? -9  DG  B OP2   1 
ATOM   996  O "O5'" . DG  B 2 14 ? 5.404   11.227  -2.789  1.00 34.07 ? -9  DG  B "O5'" 1 
ATOM   997  C "C5'" . DG  B 2 14 ? 5.967   10.140  -3.520  1.00 34.66 ? -9  DG  B "C5'" 1 
ATOM   998  C "C4'" . DG  B 2 14 ? 5.546   10.254  -4.967  1.00 31.33 ? -9  DG  B "C4'" 1 
ATOM   999  O "O4'" . DG  B 2 14 ? 4.127   10.022  -5.125  1.00 30.84 ? -9  DG  B "O4'" 1 
ATOM   1000 C "C3'" . DG  B 2 14 ? 5.830   11.620  -5.589  1.00 32.96 ? -9  DG  B "C3'" 1 
ATOM   1001 O "O3'" . DG  B 2 14 ? 6.511   11.417  -6.841  1.00 34.11 ? -9  DG  B "O3'" 1 
ATOM   1002 C "C2'" . DG  B 2 14 ? 4.446   12.250  -5.727  1.00 30.21 ? -9  DG  B "C2'" 1 
ATOM   1003 C "C1'" . DG  B 2 14 ? 3.586   11.037  -5.994  1.00 32.68 ? -9  DG  B "C1'" 1 
ATOM   1004 N N9    . DG  B 2 14 ? 2.190   11.225  -5.630  1.00 30.80 ? -9  DG  B N9    1 
ATOM   1005 C C8    . DG  B 2 14 ? 1.728   11.723  -4.435  1.00 30.12 ? -9  DG  B C8    1 
ATOM   1006 N N7    . DG  B 2 14 ? 0.425   11.718  -4.349  1.00 31.42 ? -9  DG  B N7    1 
ATOM   1007 C C5    . DG  B 2 14 ? 0.003   11.157  -5.543  1.00 32.58 ? -9  DG  B C5    1 
ATOM   1008 C C6    . DG  B 2 14 ? -1.303  10.886  -6.018  1.00 31.89 ? -9  DG  B C6    1 
ATOM   1009 O O6    . DG  B 2 14 ? -2.379  11.078  -5.459  1.00 32.22 ? -9  DG  B O6    1 
ATOM   1010 N N1    . DG  B 2 14 ? -1.279  10.338  -7.291  1.00 33.84 ? -9  DG  B N1    1 
ATOM   1011 C C2    . DG  B 2 14 ? -0.139  10.089  -8.017  1.00 27.06 ? -9  DG  B C2    1 
ATOM   1012 N N2    . DG  B 2 14 ? -0.319  9.534   -9.209  1.00 28.38 ? -9  DG  B N2    1 
ATOM   1013 N N3    . DG  B 2 14 ? 1.082   10.340  -7.590  1.00 30.58 ? -9  DG  B N3    1 
ATOM   1014 C C4    . DG  B 2 14 ? 1.082   10.852  -6.348  1.00 31.73 ? -9  DG  B C4    1 
ATOM   1015 P P     . DT  B 2 15 ? 6.919   12.652  -7.756  1.00 36.51 ? -8  DT  B P     1 
ATOM   1016 O OP1   . DT  B 2 15 ? 8.148   12.293  -8.438  1.00 41.56 ? -8  DT  B OP1   1 
ATOM   1017 O OP2   . DT  B 2 15 ? 6.844   13.910  -6.907  1.00 30.50 ? -8  DT  B OP2   1 
ATOM   1018 O "O5'" . DT  B 2 15 ? 5.749   12.742  -8.818  1.00 35.14 ? -8  DT  B "O5'" 1 
ATOM   1019 C "C5'" . DT  B 2 15 ? 5.572   11.740  -9.826  1.00 34.56 ? -8  DT  B "C5'" 1 
ATOM   1020 C "C4'" . DT  B 2 15 ? 4.402   12.129  -10.699 1.00 29.30 ? -8  DT  B "C4'" 1 
ATOM   1021 O "O4'" . DT  B 2 15 ? 3.198   12.137  -9.888  1.00 31.59 ? -8  DT  B "O4'" 1 
ATOM   1022 C "C3'" . DT  B 2 15 ? 4.504   13.530  -11.296 1.00 33.07 ? -8  DT  B "C3'" 1 
ATOM   1023 O "O3'" . DT  B 2 15 ? 4.051   13.526  -12.653 1.00 34.88 ? -8  DT  B "O3'" 1 
ATOM   1024 C "C2'" . DT  B 2 15 ? 3.454   14.330  -10.532 1.00 34.30 ? -8  DT  B "C2'" 1 
ATOM   1025 C "C1'" . DT  B 2 15 ? 2.421   13.251  -10.305 1.00 33.43 ? -8  DT  B "C1'" 1 
ATOM   1026 N N1    . DT  B 2 15 ? 1.421   13.528  -9.261  1.00 33.35 ? -8  DT  B N1    1 
ATOM   1027 C C2    . DT  B 2 15 ? 0.096   13.233  -9.492  1.00 30.18 ? -8  DT  B C2    1 
ATOM   1028 O O2    . DT  B 2 15 ? -0.320  12.812  -10.556 1.00 29.87 ? -8  DT  B O2    1 
ATOM   1029 N N3    . DT  B 2 15 ? -0.742  13.491  -8.434  1.00 30.78 ? -8  DT  B N3    1 
ATOM   1030 C C4    . DT  B 2 15 ? -0.391  14.013  -7.207  1.00 33.41 ? -8  DT  B C4    1 
ATOM   1031 O O4    . DT  B 2 15 ? -1.262  14.216  -6.358  1.00 33.01 ? -8  DT  B O4    1 
ATOM   1032 C C5    . DT  B 2 15 ? 1.022   14.285  -7.035  1.00 31.97 ? -8  DT  B C5    1 
ATOM   1033 C C7    . DT  B 2 15 ? 1.502   14.868  -5.745  1.00 37.14 ? -8  DT  B C7    1 
ATOM   1034 C C6    . DT  B 2 15 ? 1.840   14.044  -8.059  1.00 31.44 ? -8  DT  B C6    1 
ATOM   1035 P P     . DA  B 2 16 ? 5.093   13.335  -13.825 1.00 40.62 ? -7  DA  B P     1 
ATOM   1036 O OP1   . DA  B 2 16 ? 5.826   12.104  -13.564 1.00 36.26 ? -7  DA  B OP1   1 
ATOM   1037 O OP2   . DA  B 2 16 ? 5.826   14.568  -13.965 1.00 43.28 ? -7  DA  B OP2   1 
ATOM   1038 O "O5'" . DA  B 2 16 ? 4.112   13.183  -15.082 1.00 41.26 ? -7  DA  B "O5'" 1 
ATOM   1039 C "C5'" . DA  B 2 16 ? 3.520   11.918  -15.419 1.00 37.05 ? -7  DA  B "C5'" 1 
ATOM   1040 C "C4'" . DA  B 2 16 ? 2.175   12.139  -16.074 1.00 41.08 ? -7  DA  B "C4'" 1 
ATOM   1041 O "O4'" . DA  B 2 16 ? 1.271   12.601  -15.057 1.00 34.17 ? -7  DA  B "O4'" 1 
ATOM   1042 C "C3'" . DA  B 2 16 ? 2.131   13.209  -17.179 1.00 39.38 ? -7  DA  B "C3'" 1 
ATOM   1043 O "O3'" . DA  B 2 16 ? 1.171   12.833  -18.169 1.00 41.76 ? -7  DA  B "O3'" 1 
ATOM   1044 C "C2'" . DA  B 2 16 ? 1.654   14.448  -16.438 1.00 38.85 ? -7  DA  B "C2'" 1 
ATOM   1045 C "C1'" . DA  B 2 16 ? 0.689   13.852  -15.445 1.00 38.22 ? -7  DA  B "C1'" 1 
ATOM   1046 N N9    . DA  B 2 16 ? 0.445   14.606  -14.218 1.00 37.02 ? -7  DA  B N9    1 
ATOM   1047 C C8    . DA  B 2 16 ? 1.403   15.107  -13.377 1.00 38.32 ? -7  DA  B C8    1 
ATOM   1048 N N7    . DA  B 2 16 ? 0.917   15.676  -12.302 1.00 36.90 ? -7  DA  B N7    1 
ATOM   1049 C C5    . DA  B 2 16 ? -0.449  15.477  -12.410 1.00 35.04 ? -7  DA  B C5    1 
ATOM   1050 C C6    . DA  B 2 16 ? -1.517  15.787  -11.553 1.00 34.38 ? -7  DA  B C6    1 
ATOM   1051 N N6    . DA  B 2 16 ? -1.358  16.421  -10.396 1.00 30.77 ? -7  DA  B N6    1 
ATOM   1052 N N1    . DA  B 2 16 ? -2.771  15.477  -11.962 1.00 32.86 ? -7  DA  B N1    1 
ATOM   1053 C C2    . DA  B 2 16 ? -2.918  14.849  -13.139 1.00 31.89 ? -7  DA  B C2    1 
ATOM   1054 N N3    . DA  B 2 16 ? -1.983  14.481  -14.023 1.00 34.93 ? -7  DA  B N3    1 
ATOM   1055 C C4    . DA  B 2 16 ? -0.756  14.819  -13.587 1.00 34.31 ? -7  DA  B C4    1 
ATOM   1056 P P     . DT  B 2 17 ? 0.912   13.738  -19.467 1.00 41.64 ? -6  DT  B P     1 
ATOM   1057 O OP1   . DT  B 2 17 ? 0.584   12.836  -20.559 1.00 43.85 ? -6  DT  B OP1   1 
ATOM   1058 O OP2   . DT  B 2 17 ? 2.057   14.682  -19.626 1.00 35.83 ? -6  DT  B OP2   1 
ATOM   1059 O "O5'" . DT  B 2 17 ? -0.409  14.510  -19.089 1.00 37.85 ? -6  DT  B "O5'" 1 
ATOM   1060 C "C5'" . DT  B 2 17 ? -1.629  13.777  -18.964 1.00 41.97 ? -6  DT  B "C5'" 1 
ATOM   1061 C "C4'" . DT  B 2 17 ? -2.718  14.696  -18.465 1.00 45.58 ? -6  DT  B "C4'" 1 
ATOM   1062 O "O4'" . DT  B 2 17 ? -2.383  15.243  -17.162 1.00 41.81 ? -6  DT  B "O4'" 1 
ATOM   1063 C "C3'" . DT  B 2 17 ? -3.009  15.908  -19.375 1.00 45.24 ? -6  DT  B "C3'" 1 
ATOM   1064 O "O3'" . DT  B 2 17 ? -4.405  15.820  -19.649 1.00 51.26 ? -6  DT  B "O3'" 1 
ATOM   1065 C "C2'" . DT  B 2 17 ? -2.679  17.123  -18.517 1.00 40.97 ? -6  DT  B "C2'" 1 
ATOM   1066 C "C1'" . DT  B 2 17 ? -2.891  16.579  -17.110 1.00 38.96 ? -6  DT  B "C1'" 1 
ATOM   1067 N N1    . DT  B 2 17 ? -2.156  17.288  -16.048 1.00 39.05 ? -6  DT  B N1    1 
ATOM   1068 C C2    . DT  B 2 17 ? -2.859  17.681  -14.931 1.00 35.36 ? -6  DT  B C2    1 
ATOM   1069 O O2    . DT  B 2 17 ? -4.060  17.536  -14.822 1.00 38.35 ? -6  DT  B O2    1 
ATOM   1070 N N3    . DT  B 2 17 ? -2.107  18.308  -13.969 1.00 35.15 ? -6  DT  B N3    1 
ATOM   1071 C C4    . DT  B 2 17 ? -0.745  18.533  -13.995 1.00 37.41 ? -6  DT  B C4    1 
ATOM   1072 O O4    . DT  B 2 17 ? -0.200  19.081  -13.043 1.00 34.14 ? -6  DT  B O4    1 
ATOM   1073 C C5    . DT  B 2 17 ? -0.065  18.088  -15.196 1.00 34.84 ? -6  DT  B C5    1 
ATOM   1074 C C7    . DT  B 2 17 ? 1.410   18.306  -15.318 1.00 32.55 ? -6  DT  B C7    1 
ATOM   1075 C C6    . DT  B 2 17 ? -0.792  17.482  -16.143 1.00 32.49 ? -6  DT  B C6    1 
ATOM   1076 P P     . DG  B 2 18 ? -5.171  16.947  -20.475 1.00 51.27 ? -5  DG  B P     1 
ATOM   1077 O OP1   . DG  B 2 18 ? -6.242  16.258  -21.234 1.00 63.15 ? -5  DG  B OP1   1 
ATOM   1078 O OP2   . DG  B 2 18 ? -4.176  17.802  -21.128 1.00 52.82 ? -5  DG  B OP2   1 
ATOM   1079 O "O5'" . DG  B 2 18 ? -5.967  17.752  -19.353 1.00 52.26 ? -5  DG  B "O5'" 1 
ATOM   1080 C "C5'" . DG  B 2 18 ? -6.972  17.051  -18.604 1.00 45.45 ? -5  DG  B "C5'" 1 
ATOM   1081 C "C4'" . DG  B 2 18 ? -7.734  18.048  -17.771 1.00 48.18 ? -5  DG  B "C4'" 1 
ATOM   1082 O "O4'" . DG  B 2 18 ? -6.891  18.561  -16.711 1.00 42.49 ? -5  DG  B "O4'" 1 
ATOM   1083 C "C3'" . DG  B 2 18 ? -8.209  19.264  -18.563 1.00 46.45 ? -5  DG  B "C3'" 1 
ATOM   1084 O "O3'" . DG  B 2 18 ? -9.522  19.549  -18.089 1.00 50.61 ? -5  DG  B "O3'" 1 
ATOM   1085 C "C2'" . DG  B 2 18 ? -7.186  20.338  -18.224 1.00 44.78 ? -5  DG  B "C2'" 1 
ATOM   1086 C "C1'" . DG  B 2 18 ? -6.799  19.986  -16.788 1.00 40.84 ? -5  DG  B "C1'" 1 
ATOM   1087 N N9    . DG  B 2 18 ? -5.445  20.364  -16.372 1.00 31.48 ? -5  DG  B N9    1 
ATOM   1088 C C8    . DG  B 2 18 ? -4.271  20.073  -17.022 1.00 28.73 ? -5  DG  B C8    1 
ATOM   1089 N N7    . DG  B 2 18 ? -3.212  20.490  -16.380 1.00 30.58 ? -5  DG  B N7    1 
ATOM   1090 C C5    . DG  B 2 18 ? -3.723  21.134  -15.260 1.00 30.85 ? -5  DG  B C5    1 
ATOM   1091 C C6    . DG  B 2 18 ? -3.053  21.745  -14.171 1.00 31.94 ? -5  DG  B C6    1 
ATOM   1092 O O6    . DG  B 2 18 ? -1.839  21.882  -13.990 1.00 34.80 ? -5  DG  B O6    1 
ATOM   1093 N N1    . DG  B 2 18 ? -3.945  22.220  -13.225 1.00 30.70 ? -5  DG  B N1    1 
ATOM   1094 C C2    . DG  B 2 18 ? -5.307  22.060  -13.278 1.00 32.40 ? -5  DG  B C2    1 
ATOM   1095 N N2    . DG  B 2 18 ? -5.995  22.580  -12.263 1.00 29.94 ? -5  DG  B N2    1 
ATOM   1096 N N3    . DG  B 2 18 ? -5.947  21.486  -14.281 1.00 29.03 ? -5  DG  B N3    1 
ATOM   1097 C C4    . DG  B 2 18 ? -5.095  21.023  -15.217 1.00 32.10 ? -5  DG  B C4    1 
ATOM   1098 O "O5'" . DC  B 2 19 ? -2.182  26.066  -4.196  1.00 50.94 ? 5   DC  B "O5'" 1 
ATOM   1099 C "C5'" . DC  B 2 19 ? -3.373  26.741  -4.587  1.00 49.35 ? 5   DC  B "C5'" 1 
ATOM   1100 C "C4'" . DC  B 2 19 ? -4.159  25.902  -5.571  1.00 48.19 ? 5   DC  B "C4'" 1 
ATOM   1101 O "O4'" . DC  B 2 19 ? -3.488  25.831  -6.849  1.00 42.37 ? 5   DC  B "O4'" 1 
ATOM   1102 C "C3'" . DC  B 2 19 ? -4.405  24.446  -5.161  1.00 42.44 ? 5   DC  B "C3'" 1 
ATOM   1103 O "O3'" . DC  B 2 19 ? -5.749  24.249  -4.749  1.00 41.09 ? 5   DC  B "O3'" 1 
ATOM   1104 C "C2'" . DC  B 2 19 ? -4.250  23.672  -6.454  1.00 45.61 ? 5   DC  B "C2'" 1 
ATOM   1105 C "C1'" . DC  B 2 19 ? -4.084  24.738  -7.508  1.00 43.67 ? 5   DC  B "C1'" 1 
ATOM   1106 N N1    . DC  B 2 19 ? -3.182  24.295  -8.561  1.00 42.90 ? 5   DC  B N1    1 
ATOM   1107 C C2    . DC  B 2 19 ? -3.739  23.825  -9.750  1.00 39.52 ? 5   DC  B C2    1 
ATOM   1108 O O2    . DC  B 2 19 ? -4.972  23.803  -9.866  1.00 41.00 ? 5   DC  B O2    1 
ATOM   1109 N N3    . DC  B 2 19 ? -2.923  23.413  -10.739 1.00 36.04 ? 5   DC  B N3    1 
ATOM   1110 C C4    . DC  B 2 19 ? -1.606  23.371  -10.539 1.00 37.09 ? 5   DC  B C4    1 
ATOM   1111 N N4    . DC  B 2 19 ? -0.843  22.938  -11.533 1.00 37.22 ? 5   DC  B N4    1 
ATOM   1112 C C5    . DC  B 2 19 ? -1.011  23.815  -9.321  1.00 37.83 ? 5   DC  B C5    1 
ATOM   1113 C C6    . DC  B 2 19 ? -1.830  24.253  -8.364  1.00 34.92 ? 5   DC  B C6    1 
ATOM   1114 P P     . DA  B 2 20 ? -6.249  22.806  -4.365  1.00 41.94 ? 6   DA  B P     1 
ATOM   1115 O OP1   . DA  B 2 20 ? -7.333  22.964  -3.402  1.00 43.49 ? 6   DA  B OP1   1 
ATOM   1116 O OP2   . DA  B 2 20 ? -5.069  22.005  -3.952  1.00 41.86 ? 6   DA  B OP2   1 
ATOM   1117 O "O5'" . DA  B 2 20 ? -6.900  22.291  -5.729  1.00 46.34 ? 6   DA  B "O5'" 1 
ATOM   1118 C "C5'" . DA  B 2 20 ? -7.952  23.052  -6.383  1.00 45.23 ? 6   DA  B "C5'" 1 
ATOM   1119 C "C4'" . DA  B 2 20 ? -8.686  22.211  -7.398  1.00 42.37 ? 6   DA  B "C4'" 1 
ATOM   1120 O "O4'" . DA  B 2 20 ? -7.782  21.876  -8.468  1.00 36.95 ? 6   DA  B "O4'" 1 
ATOM   1121 C "C3'" . DA  B 2 20 ? -9.217  20.865  -6.898  1.00 44.16 ? 6   DA  B "C3'" 1 
ATOM   1122 O "O3'" . DA  B 2 20 ? -10.370 20.567  -7.669  1.00 40.49 ? 6   DA  B "O3'" 1 
ATOM   1123 C "C2'" . DA  B 2 20 ? -8.087  19.898  -7.222  1.00 41.08 ? 6   DA  B "C2'" 1 
ATOM   1124 C "C1'" . DA  B 2 20 ? -7.498  20.481  -8.496  1.00 36.55 ? 6   DA  B "C1'" 1 
ATOM   1125 N N9    . DA  B 2 20 ? -6.052  20.345  -8.668  1.00 37.00 ? 6   DA  B N9    1 
ATOM   1126 C C8    . DA  B 2 20 ? -5.062  20.728  -7.803  1.00 35.19 ? 6   DA  B C8    1 
ATOM   1127 N N7    . DA  B 2 20 ? -3.852  20.580  -8.286  1.00 35.41 ? 6   DA  B N7    1 
ATOM   1128 C C5    . DA  B 2 20 ? -4.059  20.061  -9.552  1.00 33.56 ? 6   DA  B C5    1 
ATOM   1129 C C6    . DA  B 2 20 ? -3.174  19.671  -10.570 1.00 34.32 ? 6   DA  B C6    1 
ATOM   1130 N N6    . DA  B 2 20 ? -1.845  19.735  -10.461 1.00 36.55 ? 6   DA  B N6    1 
ATOM   1131 N N1    . DA  B 2 20 ? -3.707  19.182  -11.715 1.00 33.59 ? 6   DA  B N1    1 
ATOM   1132 C C2    . DA  B 2 20 ? -5.041  19.128  -11.828 1.00 32.66 ? 6   DA  B C2    1 
ATOM   1133 N N3    . DA  B 2 20 ? -5.977  19.453  -10.935 1.00 33.42 ? 6   DA  B N3    1 
ATOM   1134 C C4    . DA  B 2 20 ? -5.413  19.931  -9.811  1.00 35.12 ? 6   DA  B C4    1 
ATOM   1135 P P     . DT  B 2 21 ? -11.166 19.231  -7.453  1.00 42.48 ? 7   DT  B P     1 
ATOM   1136 O OP1   . DT  B 2 21 ? -12.567 19.504  -7.770  1.00 49.20 ? 7   DT  B OP1   1 
ATOM   1137 O OP2   . DT  B 2 21 ? -10.774 18.600  -6.191  1.00 40.34 ? 7   DT  B OP2   1 
ATOM   1138 O "O5'" . DT  B 2 21 ? -10.673 18.344  -8.666  1.00 44.47 ? 7   DT  B "O5'" 1 
ATOM   1139 C "C5'" . DT  B 2 21 ? -10.781 18.885  -9.971  1.00 45.27 ? 7   DT  B "C5'" 1 
ATOM   1140 C "C4'" . DT  B 2 21 ? -10.369 17.859  -10.994 1.00 47.09 ? 7   DT  B "C4'" 1 
ATOM   1141 O "O4'" . DT  B 2 21 ? -8.931  17.706  -11.003 1.00 43.02 ? 7   DT  B "O4'" 1 
ATOM   1142 C "C3'" . DT  B 2 21 ? -10.954 16.469  -10.763 1.00 48.15 ? 7   DT  B "C3'" 1 
ATOM   1143 O "O3'" . DT  B 2 21 ? -11.368 16.092  -12.080 1.00 50.06 ? 7   DT  B "O3'" 1 
ATOM   1144 C "C2'" . DT  B 2 21 ? -9.787  15.679  -10.185 1.00 47.35 ? 7   DT  B "C2'" 1 
ATOM   1145 C "C1'" . DT  B 2 21 ? -8.599  16.328  -10.889 1.00 49.62 ? 7   DT  B "C1'" 1 
ATOM   1146 N N1    . DT  B 2 21 ? -7.289  16.262  -10.234 1.00 41.44 ? 7   DT  B N1    1 
ATOM   1147 C C2    . DT  B 2 21 ? -6.182  16.063  -11.023 1.00 40.61 ? 7   DT  B C2    1 
ATOM   1148 O O2    . DT  B 2 21 ? -6.250  15.839  -12.214 1.00 41.23 ? 7   DT  B O2    1 
ATOM   1149 N N3    . DT  B 2 21 ? -4.985  16.120  -10.354 1.00 41.56 ? 7   DT  B N3    1 
ATOM   1150 C C4    . DT  B 2 21 ? -4.793  16.410  -9.017  1.00 38.23 ? 7   DT  B C4    1 
ATOM   1151 O O4    . DT  B 2 21 ? -3.664  16.418  -8.549  1.00 39.51 ? 7   DT  B O4    1 
ATOM   1152 C C5    . DT  B 2 21 ? -5.996  16.669  -8.264  1.00 34.22 ? 7   DT  B C5    1 
ATOM   1153 C C7    . DT  B 2 21 ? -5.886  16.974  -6.806  1.00 33.78 ? 7   DT  B C7    1 
ATOM   1154 C C6    . DT  B 2 21 ? -7.169  16.572  -8.900  1.00 37.50 ? 7   DT  B C6    1 
ATOM   1155 P P     . DA  B 2 22 ? -12.210 14.761  -12.301 1.00 52.86 ? 8   DA  B P     1 
ATOM   1156 O OP1   . DA  B 2 22 ? -12.946 14.910  -13.547 1.00 52.46 ? 8   DA  B OP1   1 
ATOM   1157 O OP2   . DA  B 2 22 ? -12.905 14.418  -11.034 1.00 48.04 ? 8   DA  B OP2   1 
ATOM   1158 O "O5'" . DA  B 2 22 ? -11.085 13.660  -12.467 1.00 47.36 ? 8   DA  B "O5'" 1 
ATOM   1159 C "C5'" . DA  B 2 22 ? -10.247 13.650  -13.613 1.00 43.04 ? 8   DA  B "C5'" 1 
ATOM   1160 C "C4'" . DA  B 2 22 ? -9.162  12.646  -13.340 1.00 49.17 ? 8   DA  B "C4'" 1 
ATOM   1161 O "O4'" . DA  B 2 22 ? -8.372  13.106  -12.220 1.00 47.25 ? 8   DA  B "O4'" 1 
ATOM   1162 C "C3'" . DA  B 2 22 ? -9.721  11.283  -12.920 1.00 48.19 ? 8   DA  B "C3'" 1 
ATOM   1163 O "O3'" . DA  B 2 22 ? -9.182  10.285  -13.815 1.00 52.04 ? 8   DA  B "O3'" 1 
ATOM   1164 C "C2'" . DA  B 2 22 ? -9.307  11.155  -11.463 1.00 43.34 ? 8   DA  B "C2'" 1 
ATOM   1165 C "C1'" . DA  B 2 22 ? -8.042  11.972  -11.477 1.00 45.30 ? 8   DA  B "C1'" 1 
ATOM   1166 N N9    . DA  B 2 22 ? -7.452  12.400  -10.203 1.00 46.11 ? 8   DA  B N9    1 
ATOM   1167 C C8    . DA  B 2 22 ? -8.028  12.678  -8.989  1.00 40.25 ? 8   DA  B C8    1 
ATOM   1168 N N7    . DA  B 2 22 ? -7.163  13.014  -8.060  1.00 37.11 ? 8   DA  B N7    1 
ATOM   1169 C C5    . DA  B 2 22 ? -5.938  12.963  -8.708  1.00 36.27 ? 8   DA  B C5    1 
ATOM   1170 C C6    . DA  B 2 22 ? -4.619  13.167  -8.262  1.00 33.09 ? 8   DA  B C6    1 
ATOM   1171 N N6    . DA  B 2 22 ? -4.300  13.506  -7.013  1.00 32.90 ? 8   DA  B N6    1 
ATOM   1172 N N1    . DA  B 2 22 ? -3.620  12.998  -9.157  1.00 41.82 ? 8   DA  B N1    1 
ATOM   1173 C C2    . DA  B 2 22 ? -3.936  12.658  -10.412 1.00 42.65 ? 8   DA  B C2    1 
ATOM   1174 N N3    . DA  B 2 22 ? -5.134  12.425  -10.945 1.00 40.94 ? 8   DA  B N3    1 
ATOM   1175 C C4    . DA  B 2 22 ? -6.099  12.566  -10.022 1.00 38.49 ? 8   DA  B C4    1 
ATOM   1176 P P     . DC  B 2 23 ? -9.940  8.861   -13.970 1.00 52.13 ? 9   DC  B P     1 
ATOM   1177 O OP1   . DC  B 2 23 ? -9.487  8.235   -15.222 1.00 60.00 ? 9   DC  B OP1   1 
ATOM   1178 O OP2   . DC  B 2 23 ? -11.384 9.064   -13.705 1.00 56.02 ? 9   DC  B OP2   1 
ATOM   1179 O "O5'" . DC  B 2 23 ? -9.469  8.037   -12.696 1.00 37.33 ? 9   DC  B "O5'" 1 
ATOM   1180 C "C5'" . DC  B 2 23 ? -8.284  7.218   -12.697 1.00 39.98 ? 9   DC  B "C5'" 1 
ATOM   1181 C "C4'" . DC  B 2 23 ? -7.064  7.886   -13.307 1.00 39.58 ? 9   DC  B "C4'" 1 
ATOM   1182 O "O4'" . DC  B 2 23 ? -6.555  8.966   -12.486 1.00 41.85 ? 9   DC  B "O4'" 1 
ATOM   1183 C "C3'" . DC  B 2 23 ? -5.896  6.907   -13.428 1.00 35.90 ? 9   DC  B "C3'" 1 
ATOM   1184 O "O3'" . DC  B 2 23 ? -5.066  7.135   -14.572 1.00 32.38 ? 9   DC  B "O3'" 1 
ATOM   1185 C "C2'" . DC  B 2 23 ? -5.123  7.137   -12.149 1.00 34.03 ? 9   DC  B "C2'" 1 
ATOM   1186 C "C1'" . DC  B 2 23 ? -5.275  8.611   -11.927 1.00 34.47 ? 9   DC  B "C1'" 1 
ATOM   1187 N N1    . DC  B 2 23 ? -5.260  9.000   -10.501 1.00 34.77 ? 9   DC  B N1    1 
ATOM   1188 C C2    . DC  B 2 23 ? -4.043  9.359   -9.929  1.00 31.40 ? 9   DC  B C2    1 
ATOM   1189 O O2    . DC  B 2 23 ? -3.019  9.306   -10.623 1.00 29.64 ? 9   DC  B O2    1 
ATOM   1190 N N3    . DC  B 2 23 ? -4.005  9.742   -8.633  1.00 28.68 ? 9   DC  B N3    1 
ATOM   1191 C C4    . DC  B 2 23 ? -5.119  9.723   -7.897  1.00 33.96 ? 9   DC  B C4    1 
ATOM   1192 N N4    . DC  B 2 23 ? -5.027  10.088  -6.604  1.00 30.66 ? 9   DC  B N4    1 
ATOM   1193 C C5    . DC  B 2 23 ? -6.378  9.356   -8.454  1.00 33.16 ? 9   DC  B C5    1 
ATOM   1194 C C6    . DC  B 2 23 ? -6.395  8.960   -9.737  1.00 30.79 ? 9   DC  B C6    1 
ATOM   1195 P P     . DA  B 2 24 ? -4.326  5.897   -15.261 1.00 37.34 ? 10  DA  B P     1 
ATOM   1196 O OP1   . DA  B 2 24 ? -3.945  6.323   -16.602 1.00 39.91 ? 10  DA  B OP1   1 
ATOM   1197 O OP2   . DA  B 2 24 ? -5.108  4.669   -14.998 1.00 43.91 ? 10  DA  B OP2   1 
ATOM   1198 O "O5'" . DA  B 2 24 ? -3.082  5.599   -14.330 1.00 37.48 ? 10  DA  B "O5'" 1 
ATOM   1199 C "C5'" . DA  B 2 24 ? -1.856  6.281   -14.528 1.00 36.71 ? 10  DA  B "C5'" 1 
ATOM   1200 C "C4'" . DA  B 2 24 ? -0.893  5.847   -13.453 1.00 39.13 ? 10  DA  B "C4'" 1 
ATOM   1201 O "O4'" . DA  B 2 24 ? -1.350  6.293   -12.164 1.00 32.19 ? 10  DA  B "O4'" 1 
ATOM   1202 C "C3'" . DA  B 2 24 ? -0.709  4.340   -13.332 1.00 39.31 ? 10  DA  B "C3'" 1 
ATOM   1203 O "O3'" . DA  B 2 24 ? 0.679   4.080   -13.484 1.00 49.80 ? 10  DA  B "O3'" 1 
ATOM   1204 C "C2'" . DA  B 2 24 ? -1.146  4.019   -11.912 1.00 39.91 ? 10  DA  B "C2'" 1 
ATOM   1205 C "C1'" . DA  B 2 24 ? -0.983  5.338   -11.202 1.00 34.68 ? 10  DA  B "C1'" 1 
ATOM   1206 N N9    . DA  B 2 24 ? -1.851  5.556   -10.051 1.00 33.07 ? 10  DA  B N9    1 
ATOM   1207 C C8    . DA  B 2 24 ? -3.216  5.463   -10.043 1.00 30.62 ? 10  DA  B C8    1 
ATOM   1208 N N7    . DA  B 2 24 ? -3.763  5.815   -8.906  1.00 30.49 ? 10  DA  B N7    1 
ATOM   1209 C C5    . DA  B 2 24 ? -2.689  6.238   -8.136  1.00 28.88 ? 10  DA  B C5    1 
ATOM   1210 C C6    . DA  B 2 24 ? -2.605  6.737   -6.827  1.00 27.36 ? 10  DA  B C6    1 
ATOM   1211 N N6    . DA  B 2 24 ? -3.667  6.919   -6.038  1.00 27.85 ? 10  DA  B N6    1 
ATOM   1212 N N1    . DA  B 2 24 ? -1.379  7.029   -6.341  1.00 26.99 ? 10  DA  B N1    1 
ATOM   1213 C C2    . DA  B 2 24 ? -0.312  6.848   -7.138  1.00 30.47 ? 10  DA  B C2    1 
ATOM   1214 N N3    . DA  B 2 24 ? -0.266  6.374   -8.385  1.00 30.94 ? 10  DA  B N3    1 
ATOM   1215 C C4    . DA  B 2 24 ? -1.503  6.079   -8.828  1.00 33.60 ? 10  DA  B C4    1 
ATOM   1216 P P     . DT  B 2 25 ? 1.196   2.577   -13.577 1.00 50.41 ? 11  DT  B P     1 
ATOM   1217 O OP1   . DT  B 2 25 ? 2.057   2.492   -14.752 1.00 68.22 ? 11  DT  B OP1   1 
ATOM   1218 O OP2   . DT  B 2 25 ? 0.037   1.683   -13.444 1.00 45.31 ? 11  DT  B OP2   1 
ATOM   1219 O "O5'" . DT  B 2 25 ? 2.196   2.513   -12.351 1.00 52.88 ? 11  DT  B "O5'" 1 
ATOM   1220 C "C5'" . DT  B 2 25 ? 3.037   3.628   -12.059 1.00 48.82 ? 11  DT  B "C5'" 1 
ATOM   1221 C "C4'" . DT  B 2 25 ? 3.485   3.530   -10.619 1.00 59.17 ? 11  DT  B "C4'" 1 
ATOM   1222 O "O4'" . DT  B 2 25 ? 2.437   3.969   -9.726  1.00 52.24 ? 11  DT  B "O4'" 1 
ATOM   1223 C "C3'" . DT  B 2 25 ? 3.881   2.118   -10.154 1.00 55.14 ? 11  DT  B "C3'" 1 
ATOM   1224 O "O3'" . DT  B 2 25 ? 5.290   2.092   -9.931  1.00 61.50 ? 11  DT  B "O3'" 1 
ATOM   1225 C "C2'" . DT  B 2 25 ? 3.144   1.910   -8.841  1.00 51.42 ? 11  DT  B "C2'" 1 
ATOM   1226 C "C1'" . DT  B 2 25 ? 2.595   3.280   -8.497  1.00 53.67 ? 11  DT  B "C1'" 1 
ATOM   1227 N N1    . DT  B 2 25 ? 1.278   3.201   -7.886  1.00 39.72 ? 11  DT  B N1    1 
ATOM   1228 C C2    . DT  B 2 25 ? 1.099   3.717   -6.633  1.00 35.81 ? 11  DT  B C2    1 
ATOM   1229 O O2    . DT  B 2 25 ? 2.006   4.209   -5.987  1.00 36.90 ? 11  DT  B O2    1 
ATOM   1230 N N3    . DT  B 2 25 ? -0.199  3.686   -6.183  1.00 35.30 ? 11  DT  B N3    1 
ATOM   1231 C C4    . DT  B 2 25 ? -1.285  3.144   -6.835  1.00 30.34 ? 11  DT  B C4    1 
ATOM   1232 O O4    . DT  B 2 25 ? -2.362  3.126   -6.296  1.00 31.48 ? 11  DT  B O4    1 
ATOM   1233 C C5    . DT  B 2 25 ? -1.017  2.606   -8.145  1.00 35.36 ? 11  DT  B C5    1 
ATOM   1234 C C7    . DT  B 2 25 ? -2.139  2.018   -8.934  1.00 35.66 ? 11  DT  B C7    1 
ATOM   1235 C C6    . DT  B 2 25 ? 0.237   2.647   -8.594  1.00 38.79 ? 11  DT  B C6    1 
ATOM   1236 P P     . DA  B 2 26 ? 6.046   0.750   -9.426  1.00 58.09 ? 12  DA  B P     1 
ATOM   1237 O OP1   . DA  B 2 26 ? 7.395   0.794   -10.018 1.00 59.49 ? 12  DA  B OP1   1 
ATOM   1238 O OP2   . DA  B 2 26 ? 5.193   -0.424  -9.681  1.00 48.11 ? 12  DA  B OP2   1 
ATOM   1239 O "O5'" . DA  B 2 26 ? 6.107   0.981   -7.847  1.00 52.91 ? 12  DA  B "O5'" 1 
ATOM   1240 C "C5'" . DA  B 2 26 ? 6.356   2.294   -7.293  1.00 43.22 ? 12  DA  B "C5'" 1 
ATOM   1241 C "C4'" . DA  B 2 26 ? 6.240   2.228   -5.788  1.00 52.02 ? 12  DA  B "C4'" 1 
ATOM   1242 O "O4'" . DA  B 2 26 ? 4.849   2.201   -5.379  1.00 51.59 ? 12  DA  B "O4'" 1 
ATOM   1243 C "C3'" . DA  B 2 26 ? 6.880   0.992   -5.148  1.00 52.17 ? 12  DA  B "C3'" 1 
ATOM   1244 O "O3'" . DA  B 2 26 ? 7.436   1.443   -3.914  1.00 56.42 ? 12  DA  B "O3'" 1 
ATOM   1245 C "C2'" . DA  B 2 26 ? 5.712   0.039   -4.960  1.00 47.18 ? 12  DA  B "C2'" 1 
ATOM   1246 C "C1'" . DA  B 2 26 ? 4.561   1.000   -4.669  1.00 44.05 ? 12  DA  B "C1'" 1 
ATOM   1247 N N9    . DA  B 2 26 ? 3.239   0.549   -5.093  1.00 41.77 ? 12  DA  B N9    1 
ATOM   1248 C C8    . DA  B 2 26 ? 2.907   -0.184  -6.202  1.00 41.81 ? 12  DA  B C8    1 
ATOM   1249 N N7    . DA  B 2 26 ? 1.615   -0.396  -6.329  1.00 47.96 ? 12  DA  B N7    1 
ATOM   1250 C C5    . DA  B 2 26 ? 1.062   0.245   -5.231  1.00 39.57 ? 12  DA  B C5    1 
ATOM   1251 C C6    . DA  B 2 26 ? -0.261  0.374   -4.777  1.00 39.99 ? 12  DA  B C6    1 
ATOM   1252 N N6    . DA  B 2 26 ? -1.321  -0.140  -5.407  1.00 41.51 ? 12  DA  B N6    1 
ATOM   1253 N N1    . DA  B 2 26 ? -0.467  1.059   -3.635  1.00 34.41 ? 12  DA  B N1    1 
ATOM   1254 C C2    . DA  B 2 26 ? 0.590   1.579   -2.997  1.00 36.43 ? 12  DA  B C2    1 
ATOM   1255 N N3    . DA  B 2 26 ? 1.877   1.540   -3.332  1.00 40.82 ? 12  DA  B N3    1 
ATOM   1256 C C4    . DA  B 2 26 ? 2.051   0.830   -4.459  1.00 43.44 ? 12  DA  B C4    1 
ATOM   1257 P P     . DC  B 2 27 ? 8.520   0.559   -3.140  1.00 53.79 ? 13  DC  B P     1 
ATOM   1258 O OP1   . DC  B 2 27 ? 9.310   1.506   -2.303  1.00 50.83 ? 13  DC  B OP1   1 
ATOM   1259 O OP2   . DC  B 2 27 ? 9.188   -0.338  -4.105  1.00 55.10 ? 13  DC  B OP2   1 
ATOM   1260 O "O5'" . DC  B 2 27 ? 7.593   -0.240  -2.133  1.00 55.34 ? 13  DC  B "O5'" 1 
ATOM   1261 C "C5'" . DC  B 2 27 ? 6.996   0.615   -1.142  1.00 50.97 ? 13  DC  B "C5'" 1 
ATOM   1262 C "C4'" . DC  B 2 27 ? 5.795   -0.041  -0.516  1.00 52.57 ? 13  DC  B "C4'" 1 
ATOM   1263 O "O4'" . DC  B 2 27 ? 4.739   -0.223  -1.484  1.00 45.77 ? 13  DC  B "O4'" 1 
ATOM   1264 C "C3'" . DC  B 2 27 ? 6.064   -1.421  0.097   1.00 46.97 ? 13  DC  B "C3'" 1 
ATOM   1265 O "O3'" . DC  B 2 27 ? 6.265   -1.206  1.509   1.00 49.53 ? 13  DC  B "O3'" 1 
ATOM   1266 C "C2'" . DC  B 2 27 ? 4.852   -2.224  -0.332  1.00 46.96 ? 13  DC  B "C2'" 1 
ATOM   1267 C "C1'" . DC  B 2 27 ? 3.894   -1.157  -0.867  1.00 45.25 ? 13  DC  B "C1'" 1 
ATOM   1268 N N1    . DC  B 2 27 ? 2.928   -1.639  -1.866  1.00 37.32 ? 13  DC  B N1    1 
ATOM   1269 C C2    . DC  B 2 27 ? 1.558   -1.451  -1.643  1.00 36.99 ? 13  DC  B C2    1 
ATOM   1270 O O2    . DC  B 2 27 ? 1.186   -0.841  -0.623  1.00 37.40 ? 13  DC  B O2    1 
ATOM   1271 N N3    . DC  B 2 27 ? 0.673   -1.935  -2.542  1.00 34.63 ? 13  DC  B N3    1 
ATOM   1272 C C4    . DC  B 2 27 ? 1.105   -2.609  -3.605  1.00 35.13 ? 13  DC  B C4    1 
ATOM   1273 N N4    . DC  B 2 27 ? 0.196   -3.072  -4.452  1.00 38.99 ? 13  DC  B N4    1 
ATOM   1274 C C5    . DC  B 2 27 ? 2.490   -2.816  -3.857  1.00 36.76 ? 13  DC  B C5    1 
ATOM   1275 C C6    . DC  B 2 27 ? 3.359   -2.346  -2.955  1.00 38.73 ? 13  DC  B C6    1 
ATOM   1276 P P     . DA  B 2 28 ? 6.076   -2.369  2.607   1.00 44.26 ? 14  DA  B P     1 
ATOM   1277 O OP1   . DA  B 2 28 ? 6.994   -2.048  3.737   1.00 55.74 ? 14  DA  B OP1   1 
ATOM   1278 O OP2   . DA  B 2 28 ? 6.151   -3.711  1.941   1.00 38.15 ? 14  DA  B OP2   1 
ATOM   1279 O "O5'" . DA  B 2 28 ? 4.591   -2.108  3.154   1.00 42.13 ? 14  DA  B "O5'" 1 
ATOM   1280 C "C5'" . DA  B 2 28 ? 4.189   -0.789  3.655   1.00 44.75 ? 14  DA  B "C5'" 1 
ATOM   1281 C "C4'" . DA  B 2 28 ? 2.805   -0.856  4.263   1.00 45.38 ? 14  DA  B "C4'" 1 
ATOM   1282 O "O4'" . DA  B 2 28 ? 1.842   -1.250  3.256   1.00 39.81 ? 14  DA  B "O4'" 1 
ATOM   1283 C "C3'" . DA  B 2 28 ? 2.652   -1.886  5.380   1.00 41.19 ? 14  DA  B "C3'" 1 
ATOM   1284 O "O3'" . DA  B 2 28 ? 1.678   -1.422  6.299   1.00 49.14 ? 14  DA  B "O3'" 1 
ATOM   1285 C "C2'" . DA  B 2 28 ? 2.088   -3.100  4.667   1.00 43.11 ? 14  DA  B "C2'" 1 
ATOM   1286 C "C1'" . DA  B 2 28 ? 1.220   -2.480  3.591   1.00 37.95 ? 14  DA  B "C1'" 1 
ATOM   1287 N N9    . DA  B 2 28 ? 1.112   -3.264  2.360   1.00 38.13 ? 14  DA  B N9    1 
ATOM   1288 C C8    . DA  B 2 28 ? 2.131   -3.647  1.525   1.00 37.28 ? 14  DA  B C8    1 
ATOM   1289 N N7    . DA  B 2 28 ? 1.725   -4.279  0.449   1.00 36.14 ? 14  DA  B N7    1 
ATOM   1290 C C5    . DA  B 2 28 ? 0.349   -4.346  0.602   1.00 37.95 ? 14  DA  B C5    1 
ATOM   1291 C C6    . DA  B 2 28 ? -0.660  -4.926  -0.182  1.00 36.23 ? 14  DA  B C6    1 
ATOM   1292 N N6    . DA  B 2 28 ? -0.431  -5.545  -1.337  1.00 36.95 ? 14  DA  B N6    1 
ATOM   1293 N N1    . DA  B 2 28 ? -1.935  -4.822  0.257   1.00 38.57 ? 14  DA  B N1    1 
ATOM   1294 C C2    . DA  B 2 28 ? -2.167  -4.158  1.396   1.00 34.90 ? 14  DA  B C2    1 
ATOM   1295 N N3    . DA  B 2 28 ? -1.298  -3.588  2.229   1.00 37.85 ? 14  DA  B N3    1 
ATOM   1296 C C4    . DA  B 2 28 ? -0.043  -3.723  1.773   1.00 37.41 ? 14  DA  B C4    1 
ATOM   1297 P P     . DT  B 2 29 ? 1.434   -2.210  7.660   1.00 42.08 ? 15  DT  B P     1 
ATOM   1298 O OP1   . DT  B 2 29 ? 1.457   -1.220  8.725   1.00 43.49 ? 15  DT  B OP1   1 
ATOM   1299 O OP2   . DT  B 2 29 ? 2.300   -3.374  7.685   1.00 37.24 ? 15  DT  B OP2   1 
ATOM   1300 O "O5'" . DT  B 2 29 ? -0.020  -2.831  7.479   1.00 38.93 ? 15  DT  B "O5'" 1 
ATOM   1301 C "C5'" . DT  B 2 29 ? -1.116  -2.000  7.143   1.00 39.37 ? 15  DT  B "C5'" 1 
ATOM   1302 C "C4'" . DT  B 2 29 ? -2.322  -2.880  6.970   1.00 38.54 ? 15  DT  B "C4'" 1 
ATOM   1303 O "O4'" . DT  B 2 29 ? -2.138  -3.684  5.791   1.00 39.60 ? 15  DT  B "O4'" 1 
ATOM   1304 C "C3'" . DT  B 2 29 ? -2.546  -3.872  8.108   1.00 43.46 ? 15  DT  B "C3'" 1 
ATOM   1305 O "O3'" . DT  B 2 29 ? -3.966  -3.896  8.259   1.00 50.83 ? 15  DT  B "O3'" 1 
ATOM   1306 C "C2'" . DT  B 2 29 ? -2.004  -5.187  7.573   1.00 38.07 ? 15  DT  B "C2'" 1 
ATOM   1307 C "C1'" . DT  B 2 29 ? -2.394  -5.058  6.119   1.00 41.77 ? 15  DT  B "C1'" 1 
ATOM   1308 N N1    . DT  B 2 29 ? -1.688  -5.884  5.116   1.00 38.20 ? 15  DT  B N1    1 
ATOM   1309 C C2    . DT  B 2 29 ? -2.440  -6.477  4.136   1.00 34.42 ? 15  DT  B C2    1 
ATOM   1310 O O2    . DT  B 2 29 ? -3.652  -6.463  4.130   1.00 39.63 ? 15  DT  B O2    1 
ATOM   1311 N N3    . DT  B 2 29 ? -1.721  -7.103  3.162   1.00 33.84 ? 15  DT  B N3    1 
ATOM   1312 C C4    . DT  B 2 29 ? -0.362  -7.195  3.067   1.00 31.70 ? 15  DT  B C4    1 
ATOM   1313 O O4    . DT  B 2 29 ? 0.133   -7.813  2.143   1.00 34.95 ? 15  DT  B O4    1 
ATOM   1314 C C5    . DT  B 2 29 ? 0.374   -6.539  4.118   1.00 34.00 ? 15  DT  B C5    1 
ATOM   1315 C C7    . DT  B 2 29 ? 1.866   -6.622  4.122   1.00 31.77 ? 15  DT  B C7    1 
ATOM   1316 C C6    . DT  B 2 29 ? -0.317  -5.894  5.061   1.00 36.28 ? 15  DT  B C6    1 
ATOM   1317 P P     . DA  B 2 30 ? -4.604  -4.491  9.561   1.00 53.63 ? 16  DA  B P     1 
ATOM   1318 O OP1   . DA  B 2 30 ? -5.776  -3.659  9.893   1.00 61.81 ? 16  DA  B OP1   1 
ATOM   1319 O OP2   . DA  B 2 30 ? -3.506  -4.810  10.522  1.00 52.37 ? 16  DA  B OP2   1 
ATOM   1320 O "O5'" . DA  B 2 30 ? -5.209  -5.879  9.082   1.00 53.72 ? 16  DA  B "O5'" 1 
ATOM   1321 C "C5'" . DA  B 2 30 ? -6.004  -5.978  7.897   1.00 49.63 ? 16  DA  B "C5'" 1 
ATOM   1322 C "C4'" . DA  B 2 30 ? -6.000  -7.426  7.472   1.00 49.20 ? 16  DA  B "C4'" 1 
ATOM   1323 O "O4'" . DA  B 2 30 ? -4.757  -7.692  6.810   1.00 41.97 ? 16  DA  B "O4'" 1 
ATOM   1324 C "C3'" . DA  B 2 30 ? -6.066  -8.426  8.635   1.00 50.34 ? 16  DA  B "C3'" 1 
ATOM   1325 O "O3'" . DA  B 2 30 ? -7.226  -9.236  8.482   1.00 55.83 ? 16  DA  B "O3'" 1 
ATOM   1326 C "C2'" . DA  B 2 30 ? -4.778  -9.219  8.525   1.00 52.50 ? 16  DA  B "C2'" 1 
ATOM   1327 C "C1'" . DA  B 2 30 ? -4.449  -9.030  7.063   1.00 49.31 ? 16  DA  B "C1'" 1 
ATOM   1328 N N9    . DA  B 2 30 ? -3.065  -9.255  6.668   1.00 43.19 ? 16  DA  B N9    1 
ATOM   1329 C C8    . DA  B 2 30 ? -1.925  -9.017  7.380   1.00 38.14 ? 16  DA  B C8    1 
ATOM   1330 N N7    . DA  B 2 30 ? -0.827  -9.336  6.742   1.00 36.99 ? 16  DA  B N7    1 
ATOM   1331 C C5    . DA  B 2 30 ? -1.276  -9.768  5.502   1.00 38.44 ? 16  DA  B C5    1 
ATOM   1332 C C6    . DA  B 2 30 ? -0.602  -10.282 4.377   1.00 38.91 ? 16  DA  B C6    1 
ATOM   1333 N N6    . DA  B 2 30 ? 0.723   -10.392 4.297   1.00 34.51 ? 16  DA  B N6    1 
ATOM   1334 N N1    . DA  B 2 30 ? -1.347  -10.654 3.313   1.00 43.52 ? 16  DA  B N1    1 
ATOM   1335 C C2    . DA  B 2 30 ? -2.682  -10.532 3.394   1.00 43.19 ? 16  DA  B C2    1 
ATOM   1336 N N3    . DA  B 2 30 ? -3.431  -10.095 4.411   1.00 42.47 ? 16  DA  B N3    1 
ATOM   1337 C C4    . DA  B 2 30 ? -2.655  -9.721  5.443   1.00 39.10 ? 16  DA  B C4    1 
ATOM   1338 P P     . DC  B 2 31 ? -7.781  -10.091 9.709   1.00 49.69 ? 17  DC  B P     1 
ATOM   1339 O OP1   . DC  B 2 31 ? -9.201  -9.822  9.790   1.00 51.91 ? 17  DC  B OP1   1 
ATOM   1340 O OP2   . DC  B 2 31 ? -6.873  -9.952  10.871  1.00 53.88 ? 17  DC  B OP2   1 
ATOM   1341 O "O5'" . DC  B 2 31 ? -7.608  -11.553 9.153   1.00 51.74 ? 17  DC  B "O5'" 1 
ATOM   1342 C "C5'" . DC  B 2 31 ? -8.326  -11.779 7.941   1.00 45.95 ? 17  DC  B "C5'" 1 
ATOM   1343 C "C4'" . DC  B 2 31 ? -7.472  -12.561 6.985   1.00 47.18 ? 17  DC  B "C4'" 1 
ATOM   1344 O "O4'" . DC  B 2 31 ? -6.069  -12.213 7.034   1.00 48.38 ? 17  DC  B "O4'" 1 
ATOM   1345 C "C3'" . DC  B 2 31 ? -7.535  -14.061 7.245   1.00 44.81 ? 17  DC  B "C3'" 1 
ATOM   1346 O "O3'" . DC  B 2 31 ? -8.476  -14.463 6.245   1.00 47.20 ? 17  DC  B "O3'" 1 
ATOM   1347 C "C2'" . DC  B 2 31 ? -6.101  -14.527 7.032   1.00 45.01 ? 17  DC  B "C2'" 1 
ATOM   1348 C "C1'" . DC  B 2 31 ? -5.450  -13.318 6.397   1.00 39.86 ? 17  DC  B "C1'" 1 
ATOM   1349 N N1    . DC  B 2 31 ? -3.986  -13.183 6.520   1.00 38.95 ? 17  DC  B N1    1 
ATOM   1350 C C2    . DC  B 2 31 ? -3.207  -13.480 5.404   1.00 38.09 ? 17  DC  B C2    1 
ATOM   1351 O O2    . DC  B 2 31 ? -3.771  -13.894 4.373   1.00 35.88 ? 17  DC  B O2    1 
ATOM   1352 N N3    . DC  B 2 31 ? -1.859  -13.337 5.475   1.00 31.52 ? 17  DC  B N3    1 
ATOM   1353 C C4    . DC  B 2 31 ? -1.295  -12.905 6.600   1.00 34.09 ? 17  DC  B C4    1 
ATOM   1354 N N4    . DC  B 2 31 ? 0.035   -12.798 6.630   1.00 31.78 ? 17  DC  B N4    1 
ATOM   1355 C C5    . DC  B 2 31 ? -2.067  -12.604 7.761   1.00 32.93 ? 17  DC  B C5    1 
ATOM   1356 C C6    . DC  B 2 31 ? -3.397  -12.752 7.676   1.00 35.37 ? 17  DC  B C6    1 
ATOM   1357 P P     . DA  B 2 32 ? -9.034  -15.920 6.197   1.00 43.65 ? 18  DA  B P     1 
ATOM   1358 O OP1   . DA  B 2 32 ? -10.272 -15.893 5.422   1.00 60.09 ? 18  DA  B OP1   1 
ATOM   1359 O OP2   . DA  B 2 32 ? -9.013  -16.453 7.560   1.00 55.56 ? 18  DA  B OP2   1 
ATOM   1360 O "O5'" . DA  B 2 32 ? -7.946  -16.622 5.295   1.00 48.10 ? 18  DA  B "O5'" 1 
ATOM   1361 C "C5'" . DA  B 2 32 ? -7.782  -16.125 3.988   1.00 44.81 ? 18  DA  B "C5'" 1 
ATOM   1362 C "C4'" . DA  B 2 32 ? -6.859  -17.059 3.262   1.00 52.32 ? 18  DA  B "C4'" 1 
ATOM   1363 O "O4'" . DA  B 2 32 ? -5.530  -16.761 3.736   1.00 47.20 ? 18  DA  B "O4'" 1 
ATOM   1364 C "C3'" . DA  B 2 32 ? -7.093  -18.546 3.547   1.00 52.88 ? 18  DA  B "C3'" 1 
ATOM   1365 O "O3'" . DA  B 2 32 ? -6.905  -19.173 2.282   1.00 58.19 ? 18  DA  B "O3'" 1 
ATOM   1366 C "C2'" . DA  B 2 32 ? -5.992  -18.900 4.532   1.00 49.69 ? 18  DA  B "C2'" 1 
ATOM   1367 C "C1'" . DA  B 2 32 ? -4.886  -17.956 4.083   1.00 43.95 ? 18  DA  B "C1'" 1 
ATOM   1368 N N9    . DA  B 2 32 ? -3.888  -17.601 5.065   1.00 40.49 ? 18  DA  B N9    1 
ATOM   1369 C C8    . DA  B 2 32 ? -4.078  -17.105 6.330   1.00 33.58 ? 18  DA  B C8    1 
ATOM   1370 N N7    . DA  B 2 32 ? -2.968  -16.752 6.928   1.00 36.14 ? 18  DA  B N7    1 
ATOM   1371 C C5    . DA  B 2 32 ? -1.981  -17.022 5.989   1.00 35.21 ? 18  DA  B C5    1 
ATOM   1372 C C6    . DA  B 2 32 ? -0.580  -16.890 6.018   1.00 32.53 ? 18  DA  B C6    1 
ATOM   1373 N N6    . DA  B 2 32 ? 0.102   -16.431 7.069   1.00 33.83 ? 18  DA  B N6    1 
ATOM   1374 N N1    . DA  B 2 32 ? 0.103   -17.219 4.901   1.00 31.18 ? 18  DA  B N1    1 
ATOM   1375 C C2    . DA  B 2 32 ? -0.581  -17.648 3.833   1.00 33.41 ? 18  DA  B C2    1 
ATOM   1376 N N3    . DA  B 2 32 ? -1.893  -17.846 3.697   1.00 34.89 ? 18  DA  B N3    1 
ATOM   1377 C C4    . DA  B 2 32 ? -2.539  -17.522 4.828   1.00 35.91 ? 18  DA  B C4    1 
ATOM   1378 P P     . DT  B 2 33 ? -7.330  -20.670 2.027   1.00 53.59 ? 19  DT  B P     1 
ATOM   1379 O OP1   . DT  B 2 33 ? -8.111  -20.698 0.760   1.00 55.92 ? 19  DT  B OP1   1 
ATOM   1380 O OP2   . DT  B 2 33 ? -7.864  -21.260 3.304   1.00 45.31 ? 19  DT  B OP2   1 
ATOM   1381 O "O5'" . DT  B 2 33 ? -5.939  -21.372 1.714   1.00 51.93 ? 19  DT  B "O5'" 1 
ATOM   1382 C "C5'" . DT  B 2 33 ? -5.166  -20.881 0.635   1.00 49.80 ? 19  DT  B "C5'" 1 
ATOM   1383 C "C4'" . DT  B 2 33 ? -3.781  -21.444 0.753   1.00 49.79 ? 19  DT  B "C4'" 1 
ATOM   1384 O "O4'" . DT  B 2 33 ? -3.133  -20.860 1.905   1.00 47.85 ? 19  DT  B "O4'" 1 
ATOM   1385 C "C3'" . DT  B 2 33 ? -3.740  -22.965 0.945   1.00 49.95 ? 19  DT  B "C3'" 1 
ATOM   1386 O "O3'" . DT  B 2 33 ? -2.906  -23.394 -0.140  1.00 56.33 ? 19  DT  B "O3'" 1 
ATOM   1387 C "C2'" . DT  B 2 33 ? -3.140  -23.156 2.332   1.00 47.68 ? 19  DT  B "C2'" 1 
ATOM   1388 C "C1'" . DT  B 2 33 ? -2.338  -21.873 2.502   1.00 51.13 ? 19  DT  B "C1'" 1 
ATOM   1389 N N1    . DT  B 2 33 ? -2.042  -21.450 3.886   1.00 42.92 ? 19  DT  B N1    1 
ATOM   1390 C C2    . DT  B 2 33 ? -0.740  -21.119 4.205   1.00 40.96 ? 19  DT  B C2    1 
ATOM   1391 O O2    . DT  B 2 33 ? 0.176   -21.193 3.414   1.00 40.78 ? 19  DT  B O2    1 
ATOM   1392 N N3    . DT  B 2 33 ? -0.555  -20.700 5.500   1.00 42.66 ? 19  DT  B N3    1 
ATOM   1393 C C4    . DT  B 2 33 ? -1.523  -20.560 6.472   1.00 37.54 ? 19  DT  B C4    1 
ATOM   1394 O O4    . DT  B 2 33 ? -1.208  -20.177 7.592   1.00 44.13 ? 19  DT  B O4    1 
ATOM   1395 C C5    . DT  B 2 33 ? -2.862  -20.912 6.065   1.00 40.34 ? 19  DT  B C5    1 
ATOM   1396 C C7    . DT  B 2 33 ? -3.971  -20.810 7.062   1.00 40.81 ? 19  DT  B C7    1 
ATOM   1397 C C6    . DT  B 2 33 ? -3.058  -21.304 4.799   1.00 38.24 ? 19  DT  B C6    1 
ATOM   1398 P P     . DA  B 2 34 ? -2.459  -24.907 -0.287  1.00 59.35 ? 20  DA  B P     1 
ATOM   1399 O OP1   . DA  B 2 34 ? -2.298  -25.164 -1.711  1.00 56.11 ? 20  DA  B OP1   1 
ATOM   1400 O OP2   . DA  B 2 34 ? -3.342  -25.741 0.574   1.00 48.86 ? 20  DA  B OP2   1 
ATOM   1401 O "O5'" . DA  B 2 34 ? -0.954  -24.913 0.223   1.00 47.95 ? 20  DA  B "O5'" 1 
ATOM   1402 C "C5'" . DA  B 2 34 ? -0.006  -23.990 -0.333  1.00 46.85 ? 20  DA  B "C5'" 1 
ATOM   1403 C "C4'" . DA  B 2 34 ? 1.366   -24.325 0.199   1.00 43.95 ? 20  DA  B "C4'" 1 
ATOM   1404 O "O4'" . DA  B 2 34 ? 1.458   -23.845 1.558   1.00 38.36 ? 20  DA  B "O4'" 1 
ATOM   1405 C "C3'" . DA  B 2 34 ? 1.724   -25.820 0.246   1.00 41.03 ? 20  DA  B "C3'" 1 
ATOM   1406 O "O3'" . DA  B 2 34 ? 3.090   -25.789 -0.151  1.00 51.57 ? 20  DA  B "O3'" 1 
ATOM   1407 C "C2'" . DA  B 2 34 ? 1.523   -26.198 1.703   1.00 40.07 ? 20  DA  B "C2'" 1 
ATOM   1408 C "C1'" . DA  B 2 34 ? 1.819   -24.885 2.451   1.00 40.35 ? 20  DA  B "C1'" 1 
ATOM   1409 N N9    . DA  B 2 34 ? 1.086   -24.653 3.697   1.00 33.51 ? 20  DA  B N9    1 
ATOM   1410 C C8    . DA  B 2 34 ? -0.268  -24.797 3.853   1.00 38.82 ? 20  DA  B C8    1 
ATOM   1411 N N7    . DA  B 2 34 ? -0.697  -24.479 5.054   1.00 40.74 ? 20  DA  B N7    1 
ATOM   1412 C C5    . DA  B 2 34 ? 0.448   -24.077 5.725   1.00 34.31 ? 20  DA  B C5    1 
ATOM   1413 C C6    . DA  B 2 34 ? 0.665   -23.614 7.039   1.00 36.65 ? 20  DA  B C6    1 
ATOM   1414 N N6    . DA  B 2 34 ? -0.298  -23.493 7.951   1.00 36.69 ? 20  DA  B N6    1 
ATOM   1415 N N1    . DA  B 2 34 ? 1.926   -23.299 7.396   1.00 34.65 ? 20  DA  B N1    1 
ATOM   1416 C C2    . DA  B 2 34 ? 2.895   -23.424 6.477   1.00 37.19 ? 20  DA  B C2    1 
ATOM   1417 N N3    . DA  B 2 34 ? 2.824   -23.898 5.235   1.00 34.72 ? 20  DA  B N3    1 
ATOM   1418 C C4    . DA  B 2 34 ? 1.556   -24.191 4.908   1.00 34.26 ? 20  DA  B C4    1 
ATOM   1419 P P     . DC  B 2 35 ? 3.995   -27.108 -0.254  1.00 56.12 ? 21  DC  B P     1 
ATOM   1420 O OP1   . DC  B 2 35 ? 5.128   -26.747 -1.136  1.00 56.27 ? 21  DC  B OP1   1 
ATOM   1421 O OP2   . DC  B 2 35 ? 3.111   -28.282 -0.538  1.00 47.98 ? 21  DC  B OP2   1 
ATOM   1422 O "O5'" . DC  B 2 35 ? 4.642   -27.241 1.198   1.00 47.86 ? 21  DC  B "O5'" 1 
ATOM   1423 C "C5'" . DC  B 2 35 ? 5.466   -26.175 1.680   1.00 50.58 ? 21  DC  B "C5'" 1 
ATOM   1424 C "C4'" . DC  B 2 35 ? 5.877   -26.469 3.098   1.00 53.52 ? 21  DC  B "C4'" 1 
ATOM   1425 O "O4'" . DC  B 2 35 ? 4.812   -26.160 4.045   1.00 47.32 ? 21  DC  B "O4'" 1 
ATOM   1426 C "C3'" . DC  B 2 35 ? 6.251   -27.942 3.321   1.00 50.70 ? 21  DC  B "C3'" 1 
ATOM   1427 O "O3'" . DC  B 2 35 ? 7.573   -27.856 3.855   1.00 55.54 ? 21  DC  B "O3'" 1 
ATOM   1428 C "C2'" . DC  B 2 35 ? 5.167   -28.438 4.268   1.00 53.31 ? 21  DC  B "C2'" 1 
ATOM   1429 C "C1'" . DC  B 2 35 ? 4.867   -27.150 5.040   1.00 47.31 ? 21  DC  B "C1'" 1 
ATOM   1430 N N1    . DC  B 2 35 ? 3.623   -27.118 5.804   1.00 36.63 ? 21  DC  B N1    1 
ATOM   1431 C C2    . DC  B 2 35 ? 3.655   -26.646 7.118   1.00 37.25 ? 21  DC  B C2    1 
ATOM   1432 O O2    . DC  B 2 35 ? 4.721   -26.232 7.581   1.00 38.78 ? 21  DC  B O2    1 
ATOM   1433 N N3    . DC  B 2 35 ? 2.518   -26.650 7.853   1.00 37.66 ? 21  DC  B N3    1 
ATOM   1434 C C4    . DC  B 2 35 ? 1.378   -27.086 7.315   1.00 37.86 ? 21  DC  B C4    1 
ATOM   1435 N N4    . DC  B 2 35 ? 0.276   -27.052 8.076   1.00 45.34 ? 21  DC  B N4    1 
ATOM   1436 C C5    . DC  B 2 35 ? 1.312   -27.556 5.973   1.00 36.38 ? 21  DC  B C5    1 
ATOM   1437 C C6    . DC  B 2 35 ? 2.451   -27.570 5.264   1.00 41.87 ? 21  DC  B C6    1 
ATOM   1438 P P     . DA  B 2 36 ? 8.543   -29.144 3.927   1.00 54.98 ? 22  DA  B P     1 
ATOM   1439 O OP1   . DA  B 2 36 ? 9.708   -28.891 3.073   1.00 64.81 ? 22  DA  B OP1   1 
ATOM   1440 O OP2   . DA  B 2 36 ? 7.715   -30.377 3.822   1.00 47.57 ? 22  DA  B OP2   1 
ATOM   1441 O "O5'" . DA  B 2 36 ? 9.235   -28.956 5.333   1.00 45.92 ? 22  DA  B "O5'" 1 
ATOM   1442 C "C5'" . DA  B 2 36 ? 9.674   -27.670 5.742   1.00 40.77 ? 22  DA  B "C5'" 1 
ATOM   1443 C "C4'" . DA  B 2 36 ? 9.790   -27.697 7.246   1.00 44.07 ? 22  DA  B "C4'" 1 
ATOM   1444 O "O4'" . DA  B 2 36 ? 8.468   -27.627 7.828   1.00 43.16 ? 22  DA  B "O4'" 1 
ATOM   1445 C "C3'" . DA  B 2 36 ? 10.441  -28.951 7.856   1.00 38.02 ? 22  DA  B "C3'" 1 
ATOM   1446 O "O3'" . DA  B 2 36 ? 11.096  -28.557 9.061   1.00 39.44 ? 22  DA  B "O3'" 1 
ATOM   1447 C "C2'" . DA  B 2 36 ? 9.252   -29.763 8.355   1.00 40.40 ? 22  DA  B "C2'" 1 
ATOM   1448 C "C1'" . DA  B 2 36 ? 8.320   -28.661 8.825   1.00 39.44 ? 22  DA  B "C1'" 1 
ATOM   1449 N N9    . DA  B 2 36 ? 6.910   -29.012 8.852   1.00 35.39 ? 22  DA  B N9    1 
ATOM   1450 C C8    . DA  B 2 36 ? 6.242   -29.599 7.807   1.00 32.60 ? 22  DA  B C8    1 
ATOM   1451 N N7    . DA  B 2 36 ? 4.960   -29.727 8.009   1.00 32.41 ? 22  DA  B N7    1 
ATOM   1452 C C5    . DA  B 2 36 ? 4.764   -29.185 9.269   1.00 37.06 ? 22  DA  B C5    1 
ATOM   1453 C C6    . DA  B 2 36 ? 3.609   -29.005 10.045  1.00 36.54 ? 22  DA  B C6    1 
ATOM   1454 N N6    . DA  B 2 36 ? 2.404   -29.427 9.666   1.00 44.04 ? 22  DA  B N6    1 
ATOM   1455 N N1    . DA  B 2 36 ? 3.747   -28.447 11.264  1.00 41.23 ? 22  DA  B N1    1 
ATOM   1456 C C2    . DA  B 2 36 ? 4.978   -28.070 11.660  1.00 37.71 ? 22  DA  B C2    1 
ATOM   1457 N N3    . DA  B 2 36 ? 6.140   -28.180 11.012  1.00 33.40 ? 22  DA  B N3    1 
ATOM   1458 C C4    . DA  B 2 36 ? 5.960   -28.750 9.807   1.00 31.99 ? 22  DA  B C4    1 
HETATM 1459 O O     . HOH C 3 .  ? -7.205  -22.465 5.434   1.00 49.90 ? 201 HOH A O     1 
HETATM 1460 O O     . HOH C 3 .  ? 7.502   -13.755 -0.014  1.00 40.48 ? 202 HOH A O     1 
HETATM 1461 O O     . HOH C 3 .  ? -0.433  -9.218  -20.791 1.00 38.72 ? 203 HOH A O     1 
HETATM 1462 O O     . HOH C 3 .  ? 1.109   -6.759  -13.464 1.00 39.87 ? 204 HOH A O     1 
HETATM 1463 O O     . HOH C 3 .  ? 2.665   20.844  -12.982 1.00 42.02 ? 205 HOH A O     1 
HETATM 1464 O O     . HOH C 3 .  ? 3.457   13.725  -2.365  1.00 31.81 ? 206 HOH A O     1 
HETATM 1465 O O     . HOH C 3 .  ? 3.398   22.366  -8.732  1.00 46.18 ? 207 HOH A O     1 
HETATM 1466 O O     . HOH C 3 .  ? 4.218   -15.239 -10.178 1.00 40.91 ? 208 HOH A O     1 
HETATM 1467 O O     . HOH C 3 .  ? 10.651  -2.434  16.589  1.00 38.20 ? 209 HOH A O     1 
HETATM 1468 O O     . HOH C 3 .  ? 10.069  -4.457  7.771   1.00 42.40 ? 210 HOH A O     1 
HETATM 1469 O O     . HOH C 3 .  ? 4.132   -7.815  -0.301  1.00 39.23 ? 211 HOH A O     1 
HETATM 1470 O O     . HOH C 3 .  ? -1.420  18.838  -5.593  1.00 36.44 ? 212 HOH A O     1 
HETATM 1471 O O     . HOH C 3 .  ? 2.978   25.637  -8.220  1.00 38.36 ? 213 HOH A O     1 
HETATM 1472 O O     . HOH C 3 .  ? -8.598  2.575   -0.375  1.00 36.78 ? 214 HOH A O     1 
HETATM 1473 O O     . HOH C 3 .  ? -4.037  22.183  7.121   1.00 44.94 ? 215 HOH A O     1 
HETATM 1474 O O     . HOH C 3 .  ? 9.773   23.858  -4.649  1.00 30.00 ? 216 HOH A O     1 
HETATM 1475 O O     . HOH C 3 .  ? -6.452  -24.047 19.769  1.00 51.60 ? 217 HOH A O     1 
HETATM 1476 O O     . HOH C 3 .  ? 4.686   -4.531  -12.361 1.00 43.13 ? 218 HOH A O     1 
HETATM 1477 O O     . HOH C 3 .  ? -3.016  25.631  1.398   1.00 42.11 ? 219 HOH A O     1 
HETATM 1478 O O     . HOH C 3 .  ? 13.134  -5.006  18.540  1.00 32.46 ? 220 HOH A O     1 
HETATM 1479 O O     . HOH C 3 .  ? 2.918   -6.273  -6.513  1.00 38.75 ? 221 HOH A O     1 
HETATM 1480 O O     . HOH C 3 .  ? 0.041   -15.998 20.434  1.00 51.53 ? 222 HOH A O     1 
HETATM 1481 O O     . HOH C 3 .  ? -14.228 -0.771  -0.602  1.00 56.64 ? 223 HOH A O     1 
HETATM 1482 O O     . HOH D 3 .  ? 4.654   -17.749 18.378  1.00 40.88 ? 101 HOH B O     1 
HETATM 1483 O O     . HOH D 3 .  ? 1.893   -5.732  7.723   1.00 42.22 ? 102 HOH B O     1 
HETATM 1484 O O     . HOH D 3 .  ? 5.469   -15.598 -1.517  1.00 52.49 ? 103 HOH B O     1 
HETATM 1485 O O     . HOH D 3 .  ? 4.960   15.523  -6.900  1.00 34.14 ? 104 HOH B O     1 
HETATM 1486 O O     . HOH D 3 .  ? 8.030   -15.905 9.136   1.00 40.67 ? 105 HOH B O     1 
HETATM 1487 O O     . HOH D 3 .  ? -4.833  8.573   1.929   1.00 36.64 ? 106 HOH B O     1 
HETATM 1488 O O     . HOH D 3 .  ? -4.880  -10.778 -6.481  1.00 48.92 ? 107 HOH B O     1 
HETATM 1489 O O     . HOH D 3 .  ? -4.189  22.303  -1.521  1.00 37.67 ? 108 HOH B O     1 
HETATM 1490 O O     . HOH D 3 .  ? 5.057   -13.713 3.067   1.00 49.58 ? 109 HOH B O     1 
HETATM 1491 O O     . HOH D 3 .  ? 2.070   -13.470 -4.264  1.00 34.08 ? 110 HOH B O     1 
HETATM 1492 O O     . HOH D 3 .  ? -1.288  20.873  -7.721  1.00 35.01 ? 111 HOH B O     1 
HETATM 1493 O O     . HOH D 3 .  ? -6.430  16.333  -14.806 1.00 35.15 ? 112 HOH B O     1 
HETATM 1494 O O     . HOH D 3 .  ? -2.508  16.528  -5.978  1.00 35.41 ? 113 HOH B O     1 
HETATM 1495 O O     . HOH D 3 .  ? 3.630   -13.686 7.847   1.00 33.57 ? 114 HOH B O     1 
HETATM 1496 O O     . HOH D 3 .  ? 2.565   -8.744  1.465   1.00 27.57 ? 115 HOH B O     1 
HETATM 1497 O O     . HOH D 3 .  ? -2.295  -17.705 -7.499  1.00 47.09 ? 116 HOH B O     1 
HETATM 1498 O O     . HOH D 3 .  ? -1.788  9.895   -12.975 1.00 45.20 ? 117 HOH B O     1 
HETATM 1499 O O     . HOH D 3 .  ? 2.237   7.346   -8.872  1.00 46.14 ? 118 HOH B O     1 
HETATM 1500 O O     . HOH D 3 .  ? 3.757   -12.405 5.423   1.00 39.98 ? 119 HOH B O     1 
HETATM 1501 O O     . HOH D 3 .  ? -3.963  -3.791  -5.794  1.00 39.30 ? 120 HOH B O     1 
HETATM 1502 O O     . HOH D 3 .  ? 7.111   4.062   -9.336  1.00 55.24 ? 121 HOH B O     1 
HETATM 1503 O O     . HOH D 3 .  ? 3.088   5.101   -0.400  1.00 30.00 ? 122 HOH B O     1 
HETATM 1504 O O     . HOH D 3 .  ? 3.033   -5.482  -1.677  1.00 43.85 ? 123 HOH B O     1 
HETATM 1505 O O     . HOH D 3 .  ? -3.849  19.579  -4.506  1.00 41.12 ? 124 HOH B O     1 
HETATM 1506 O O     . HOH D 3 .  ? 3.850   -18.215 14.350  1.00 43.60 ? 125 HOH B O     1 
HETATM 1507 O O     . HOH D 3 .  ? 7.146   0.876   3.137   1.00 60.52 ? 126 HOH B O     1 
HETATM 1508 O O     . HOH D 3 .  ? -2.983  12.772  -3.321  1.00 35.53 ? 127 HOH B O     1 
HETATM 1509 O O     . HOH D 3 .  ? -4.491  11.580  -13.532 1.00 41.37 ? 128 HOH B O     1 
HETATM 1510 O O     . HOH D 3 .  ? -1.899  -6.203  -5.693  1.00 26.37 ? 129 HOH B O     1 
HETATM 1511 O O     . HOH D 3 .  ? -6.147  5.370   -7.400  1.00 32.91 ? 130 HOH B O     1 
HETATM 1512 O O     . HOH D 3 .  ? -1.888  -16.359 9.569   1.00 46.96 ? 131 HOH B O     1 
HETATM 1513 O O     . HOH D 3 .  ? -0.696  12.781  -1.908  1.00 30.71 ? 132 HOH B O     1 
HETATM 1514 O O     . HOH D 3 .  ? 7.303   -24.493 11.032  1.00 43.32 ? 133 HOH B O     1 
HETATM 1515 O O     . HOH D 3 .  ? -5.237  -13.630 0.304   1.00 38.18 ? 134 HOH B O     1 
HETATM 1516 O O     . HOH D 3 .  ? 5.113   -22.666 3.698   1.00 36.36 ? 135 HOH B O     1 
HETATM 1517 O O     . HOH D 3 .  ? 1.713   -12.417 8.998   1.00 32.47 ? 136 HOH B O     1 
HETATM 1518 O O     . HOH D 3 .  ? -6.247  -10.642 3.764   1.00 48.26 ? 137 HOH B O     1 
HETATM 1519 O O     . HOH D 3 .  ? -5.490  9.967   -3.052  1.00 32.28 ? 138 HOH B O     1 
HETATM 1520 O O     . HOH D 3 .  ? -0.841  -22.230 16.796  1.00 46.40 ? 139 HOH B O     1 
HETATM 1521 O O     . HOH D 3 .  ? -2.076  -29.491 9.493   1.00 43.55 ? 140 HOH B O     1 
HETATM 1522 O O     . HOH D 3 .  ? -3.851  20.682  -20.471 1.00 43.25 ? 141 HOH B O     1 
HETATM 1523 O O     . HOH D 3 .  ? -6.761  13.189  -5.117  1.00 41.76 ? 142 HOH B O     1 
HETATM 1524 O O     . HOH D 3 .  ? 0.170   2.104   1.492   1.00 48.88 ? 143 HOH B O     1 
HETATM 1525 O O     . HOH D 3 .  ? 3.933   6.346   -5.076  1.00 41.68 ? 144 HOH B O     1 
HETATM 1526 O O     . HOH D 3 .  ? 2.283   9.391   -11.491 1.00 58.29 ? 145 HOH B O     1 
HETATM 1527 O O     . HOH D 3 .  ? 12.200  2.258   -0.874  1.00 51.62 ? 146 HOH B O     1 
HETATM 1528 O O     . HOH D 3 .  ? 0.394   11.820  0.805   1.00 35.71 ? 147 HOH B O     1 
HETATM 1529 O O     . HOH D 3 .  ? -2.526  24.352  -0.811  1.00 45.42 ? 148 HOH B O     1 
HETATM 1530 O O     . HOH D 3 .  ? -2.984  10.197  4.117   1.00 43.42 ? 149 HOH B O     1 
# 
